data_9GDM
#
_entry.id   9GDM
#
loop_
_entity.id
_entity.type
_entity.pdbx_description
1 polymer ODNI-Ag
2 non-polymer 'SILVER ION'
#
_entity_poly.entity_id   1
_entity_poly.type   'polydeoxyribonucleotide'
_entity_poly.pdbx_seq_one_letter_code
;(7GU)(7GU)(7DA)(DC)(DT)(DC)(7GU)(7DA)(7GU)(DT)(DC)(DC)
;
_entity_poly.pdbx_strand_id   A,B
#
loop_
_chem_comp.id
_chem_comp.type
_chem_comp.name
_chem_comp.formula
7DA DNA linking 7-DEAZA-2'-DEOXYADENOSINE-5'-MONOPHOSPHATE 'C11 H15 N4 O6 P'
7GU DNA linking 7-DEAZA-2'-DEOXYGUANOSINE-5'-MONOPHOSPHATE 'C11 H15 N4 O7 P'
AG non-polymer 'SILVER ION' 'Ag 1'
DC DNA linking 2'-DEOXYCYTIDINE-5'-MONOPHOSPHATE 'C9 H14 N3 O7 P'
DT DNA linking THYMIDINE-5'-MONOPHOSPHATE 'C10 H15 N2 O8 P'
#
# COMPACT_ATOMS: atom_id res chain seq x y z
O5' 7GU A 1 16.94 -2.27 -7.63
N9 7GU A 1 15.70 -6.21 -6.46
C4 7GU A 1 15.26 -7.43 -6.02
N3 7GU A 1 14.76 -8.50 -6.72
C2 7GU A 1 14.46 -9.54 -5.89
N2 7GU A 1 13.96 -10.63 -6.54
N1 7GU A 1 14.64 -9.69 -4.55
C6 7GU A 1 15.14 -8.63 -3.81
O6 7GU A 1 15.34 -8.72 -2.60
C5 7GU A 1 15.45 -7.43 -4.62
C7 7GU A 1 16.03 -6.17 -4.21
C8 7GU A 1 16.16 -5.43 -5.45
C2' 7GU A 1 14.64 -4.78 -8.18
C5' 7GU A 1 17.48 -2.86 -8.84
C4' 7GU A 1 16.73 -4.15 -9.27
O4' 7GU A 1 16.97 -5.18 -8.29
C1' 7GU A 1 15.74 -5.81 -7.88
C3' 7GU A 1 15.20 -3.97 -9.37
O3' 7GU A 1 14.73 -4.51 -10.64
HN21 7GU A 1 13.64 -10.45 -7.49
HN22 7GU A 1 13.48 -11.33 -6.00
H7 7GU A 1 16.32 -5.87 -3.21
H8 7GU A 1 16.59 -4.44 -5.59
H2' 7GU A 1 14.50 -4.11 -7.33
H2'' 7GU A 1 13.68 -5.26 -8.40
H5' 7GU A 1 18.54 -3.11 -8.70
H5'' 7GU A 1 17.42 -2.13 -9.66
H4' 7GU A 1 17.13 -4.47 -10.25
H1' 7GU A 1 15.56 -6.70 -8.51
H3' 7GU A 1 14.92 -2.91 -9.28
HO5' 7GU A 1 17.47 -1.49 -7.40
P 7GU A 2 13.26 -4.21 -11.24
OP1 7GU A 2 13.31 -4.42 -12.71
OP2 7GU A 2 12.78 -2.90 -10.72
O5' 7GU A 2 12.31 -5.37 -10.60
N9 7GU A 2 11.25 -7.41 -6.52
C4 7GU A 2 11.20 -8.25 -5.44
N3 7GU A 2 10.82 -9.56 -5.37
C2 7GU A 2 10.94 -10.06 -4.10
N2 7GU A 2 10.60 -11.35 -3.99
N1 7GU A 2 11.39 -9.46 -2.96
C6 7GU A 2 11.80 -8.14 -3.00
O6 7GU A 2 12.21 -7.56 -2.01
C5 7GU A 2 11.67 -7.51 -4.33
C7 7GU A 2 12.01 -6.16 -4.76
C8 7GU A 2 11.72 -6.18 -6.19
C2' 7GU A 2 9.84 -6.98 -8.53
C5' 7GU A 2 12.41 -6.75 -11.03
C4' 7GU A 2 11.50 -7.67 -10.18
O4' 7GU A 2 12.03 -7.76 -8.83
C1' 7GU A 2 10.94 -7.85 -7.89
C3' 7GU A 2 10.03 -7.20 -10.05
O3' 7GU A 2 9.15 -8.25 -10.56
HN21 7GU A 2 10.89 -11.87 -3.16
HN22 7GU A 2 10.37 -11.85 -4.84
H7 7GU A 2 12.46 -5.38 -4.17
H8 7GU A 2 11.89 -5.37 -6.90
H2' 7GU A 2 9.97 -5.92 -8.29
H2'' 7GU A 2 8.84 -7.29 -8.17
H5' 7GU A 2 13.44 -7.10 -10.94
H5'' 7GU A 2 12.12 -6.84 -12.08
H4' 7GU A 2 11.52 -8.67 -10.62
H1' 7GU A 2 10.59 -8.88 -7.86
H3' 7GU A 2 9.87 -6.26 -10.59
P 7DA A 3 7.55 -8.09 -10.69
OP1 7DA A 3 7.10 -8.86 -11.87
OP2 7DA A 3 7.20 -6.64 -10.62
O5' 7DA A 3 6.98 -8.81 -9.36
N9 7DA A 3 7.29 -8.63 -4.88
C4 7DA A 3 7.64 -8.74 -3.57
N3 7DA A 3 7.51 -9.76 -2.69
C2 7DA A 3 7.98 -9.45 -1.42
N1 7DA A 3 8.57 -8.29 -0.97
C6 7DA A 3 8.69 -7.32 -1.91
N6 7DA A 3 9.26 -6.12 -1.55
C5 7DA A 3 8.23 -7.52 -3.21
C7 7DA A 3 8.26 -6.63 -4.36
C8 7DA A 3 7.64 -7.42 -5.41
C2' 7DA A 3 5.35 -9.26 -6.29
C5' 7DA A 3 7.11 -10.25 -9.18
C4' 7DA A 3 6.58 -10.71 -7.80
O4' 7DA A 3 7.44 -10.19 -6.77
C1' 7DA A 3 6.67 -9.71 -5.65
C3' 7DA A 3 5.14 -10.24 -7.45
O3' 7DA A 3 4.34 -11.39 -7.06
H2 7DA A 3 7.88 -10.23 -0.68
HN61 7DA A 3 9.42 -5.41 -2.24
HN62 7DA A 3 9.64 -5.99 -0.62
H7 7DA A 3 8.75 -5.67 -4.46
H8 7DA A 3 7.46 -7.12 -6.45
H2' 7DA A 3 5.43 -8.24 -6.69
H2'' 7DA A 3 4.53 -9.25 -5.56
H5' 7DA A 3 8.15 -10.55 -9.28
H5'' 7DA A 3 6.53 -10.77 -9.96
H4' 7DA A 3 6.61 -11.81 -7.77
H1' 7DA A 3 6.46 -10.56 -4.98
H1 7DA A 3 4.69 -9.73 -8.32
P 7GU A 7 -2.31 -4.46 9.85
OP1 7GU A 7 -2.24 -4.75 11.30
OP2 7GU A 7 -3.46 -4.97 9.07
O5' 7GU A 7 -2.25 -2.85 9.64
N9 7GU A 7 -1.66 0.56 6.46
C4 7GU A 7 -1.05 1.50 5.68
N3 7GU A 7 -0.37 2.64 6.05
C2 7GU A 7 0.12 3.31 4.97
N2 7GU A 7 0.82 4.43 5.30
N1 7GU A 7 0.05 3.02 3.64
C6 7GU A 7 -0.62 1.89 3.23
O6 7GU A 7 -0.71 1.56 2.06
C5 7GU A 7 -1.20 1.10 4.35
C7 7GU A 7 -1.94 -0.15 4.30
C8 7GU A 7 -2.21 -0.43 5.70
C2' 7GU A 7 -3.07 0.45 8.51
C5' 7GU A 7 -1.32 -2.04 10.39
C4' 7GU A 7 -1.40 -0.55 9.95
O4' 7GU A 7 -0.92 -0.41 8.59
C1' 7GU A 7 -1.67 0.62 7.92
C3' 7GU A 7 -2.83 0.05 9.97
O3' 7GU A 7 -2.81 1.20 10.86
HN21 7GU A 7 1.51 4.74 4.64
HN22 7GU A 7 1.01 4.56 6.28
H7 7GU A 7 -2.20 -0.74 3.44
H8 7GU A 7 -2.75 -1.29 6.11
H2' 7GU A 7 -3.63 -0.35 8.02
H2'' 7GU A 7 -3.66 1.38 8.40
H5' 7GU A 7 -0.29 -2.41 10.24
H5'' 7GU A 7 -1.53 -2.10 11.46
H4' 7GU A 7 -0.74 0.03 10.60
H1' 7GU A 7 -1.28 1.58 8.24
H3' 7GU A 7 -3.57 -0.69 10.29
P 7DA A 8 -4.13 2.09 11.19
OP1 7DA A 8 -4.01 2.60 12.57
OP2 7DA A 8 -5.35 1.31 10.82
O5' 7DA A 8 -3.99 3.34 10.16
N9 7DA A 8 -3.50 4.43 5.65
C4 7DA A 8 -3.09 4.76 4.38
N3 7DA A 8 -2.38 5.83 3.92
C2 7DA A 8 -2.17 5.78 2.54
N1 7DA A 8 -2.56 4.80 1.63
C6 7DA A 8 -3.30 3.79 2.18
N6 7DA A 8 -3.73 2.78 1.34
C5 7DA A 8 -3.58 3.76 3.53
C7 7DA A 8 -4.35 2.80 4.31
C8 7DA A 8 -4.23 3.29 5.66
C2' 7DA A 8 -4.63 5.65 7.46
C5' 7DA A 8 -2.91 4.30 10.31
C4' 7DA A 8 -2.91 5.32 9.15
O4' 7DA A 8 -2.56 4.66 7.91
C1' 7DA A 8 -3.28 5.27 6.82
C3' 7DA A 8 -4.27 6.04 8.90
O3' 7DA A 8 -4.08 7.47 9.06
H2 7DA A 8 -1.61 6.60 2.12
HN61 7DA A 8 -3.52 2.79 0.35
HN62 7DA A 8 -4.21 1.98 1.73
H7 7DA A 8 -5.11 2.13 3.94
H8 7DA A 8 -4.68 2.85 6.55
H2' 7DA A 8 -5.30 4.79 7.51
H2'' 7DA A 8 -5.13 6.42 6.88
H5' 7DA A 8 -1.95 3.78 10.33
H5'' 7DA A 8 -3.02 4.84 11.26
H4' 7DA A 8 -2.14 6.08 9.38
H1' 7DA A 8 -2.76 6.19 6.53
H1 7DA A 8 -5.04 5.67 9.59
P 7GU A 9 -5.32 8.53 9.04
OP1 7GU A 9 -5.03 9.58 10.05
OP2 7GU A 9 -6.60 7.78 9.14
O5' 7GU A 9 -5.22 9.17 7.57
N9 7GU A 9 -5.45 8.01 3.26
C4 7GU A 9 -5.25 7.63 1.97
N3 7GU A 9 -4.62 8.30 0.95
C2 7GU A 9 -4.66 7.59 -0.22
N2 7GU A 9 -4.03 8.21 -1.24
N1 7GU A 9 -5.19 6.36 -0.49
C6 7GU A 9 -5.80 5.64 0.52
O6 7GU A 9 -6.29 4.54 0.34
C5 7GU A 9 -5.80 6.35 1.84
C7 7GU A 9 -6.34 5.92 3.11
C8 7GU A 9 -6.09 7.05 3.98
C2' 7GU A 9 -6.23 10.07 4.41
C5' 7GU A 9 -4.10 10.00 7.20
C4' 7GU A 9 -4.20 10.44 5.71
O4' 7GU A 9 -4.06 9.28 4.86
C1' 7GU A 9 -5.02 9.32 3.80
C3' 7GU A 9 -5.56 11.11 5.34
O3' 7GU A 9 -5.29 12.36 4.64
HN21 7GU A 9 -3.75 7.64 -2.03
HN22 7GU A 9 -3.49 9.03 -1.01
H7 7GU A 9 -6.80 4.96 3.35
H8 7GU A 9 -6.36 7.17 5.04
H2' 7GU A 9 -6.84 9.40 5.01
H2'' 7GU A 9 -6.87 10.51 3.64
H5' 7GU A 9 -3.16 9.45 7.33
H5'' 7GU A 9 -4.07 10.89 7.83
H4' 7GU A 9 -3.38 11.14 5.50
H1' 7GU A 9 -4.62 9.92 2.98
H3' 7GU A 9 -6.17 11.28 6.23
O5' 7GU B 1 -17.26 -0.60 5.20
N9 7GU B 1 -17.59 1.14 1.29
C4 7GU B 1 -17.56 1.71 0.05
N3 7GU B 1 -17.89 1.19 -1.17
C2 7GU B 1 -17.73 2.10 -2.18
N2 7GU B 1 -18.03 1.62 -3.40
N1 7GU B 1 -17.36 3.42 -2.13
C6 7GU B 1 -17.04 3.99 -0.90
O6 7GU B 1 -16.73 5.17 -0.80
C5 7GU B 1 -17.14 3.04 0.24
C7 7GU B 1 -16.91 3.29 1.66
C8 7GU B 1 -17.22 2.01 2.27
C2' 7GU B 1 -16.80 -1.14 1.83
C5' 7GU B 1 -18.44 -1.37 4.90
C4' 7GU B 1 -18.60 -1.66 3.39
O4' 7GU B 1 -18.86 -0.41 2.71
C1' 7GU B 1 -18.02 -0.23 1.55
C3' 7GU B 1 -17.34 -2.27 2.72
O3' 7GU B 1 -17.73 -3.42 1.93
HN21 7GU B 1 -17.70 2.14 -4.21
HN22 7GU B 1 -18.15 0.62 -3.48
H7 7GU B 1 -16.59 4.21 2.12
H8 7GU B 1 -17.20 1.76 3.33
H2' 7GU B 1 -16.03 -0.58 2.39
H2'' 7GU B 1 -16.34 -1.50 0.90
H5' 7GU B 1 -19.34 -0.85 5.26
H5'' 7GU B 1 -18.40 -2.34 5.42
H4' 7GU B 1 -19.45 -2.33 3.25
H1' 7GU B 1 -18.54 -0.63 0.67
H3' 7GU B 1 -16.61 -2.55 3.49
HO5' 7GU B 1 -17.23 -0.45 6.17
P 7GU B 2 -16.67 -4.50 1.38
OP1 7GU B 2 -17.41 -5.77 1.11
OP2 7GU B 2 -15.52 -4.55 2.30
O5' 7GU B 2 -16.14 -3.91 -0.03
N9 7GU B 2 -14.51 0.02 -1.99
C4 7GU B 2 -14.37 1.20 -2.67
N3 7GU B 2 -14.57 1.48 -3.99
C2 7GU B 2 -14.34 2.80 -4.27
N2 7GU B 2 -14.56 3.12 -5.57
N1 7GU B 2 -13.97 3.83 -3.46
C6 7GU B 2 -13.78 3.59 -2.11
O6 7GU B 2 -13.46 4.47 -1.33
C5 7GU B 2 -13.99 2.17 -1.73
C7 7GU B 2 -13.89 1.55 -0.41
C8 7GU B 2 -14.27 0.16 -0.66
C2' 7GU B 2 -14.01 -2.37 -2.47
C5' 7GU B 2 -17.00 -3.89 -1.20
C4' 7GU B 2 -16.32 -3.16 -2.38
O4' 7GU B 2 -16.23 -1.75 -2.09
C1' 7GU B 2 -15.00 -1.20 -2.63
C3' 7GU B 2 -14.87 -3.63 -2.70
O3' 7GU B 2 -14.83 -4.07 -4.08
HN21 7GU B 2 -14.70 4.09 -5.81
HN22 7GU B 2 -14.94 2.40 -6.16
H7 7GU B 2 -13.67 2.03 0.53
H8 7GU B 2 -14.35 -0.63 0.07
H2' 7GU B 2 -13.58 -2.39 -1.46
H2'' 7GU B 2 -13.19 -2.28 -3.20
H5' 7GU B 2 -17.94 -3.38 -0.96
H5'' 7GU B 2 -17.25 -4.91 -1.50
H4' 7GU B 2 -16.95 -3.29 -3.27
H1' 7GU B 2 -15.14 -1.02 -3.70
H3' 7GU B 2 -14.57 -4.43 -2.01
P 7DA B 3 -13.50 -4.75 -4.75
OP1 7DA B 3 -13.97 -5.75 -5.74
OP2 7DA B 3 -12.58 -5.19 -3.66
O5' 7DA B 3 -12.79 -3.52 -5.54
N9 7DA B 3 -11.10 0.56 -4.81
C4 7DA B 3 -10.88 1.88 -4.60
N3 7DA B 3 -10.80 2.92 -5.50
C2 7DA B 3 -10.54 4.13 -4.88
N1 7DA B 3 -10.36 4.41 -3.54
C6 7DA B 3 -10.45 3.34 -2.72
N6 7DA B 3 -10.27 3.53 -1.36
C5 7DA B 3 -10.73 2.07 -3.24
C7 7DA B 3 -10.87 0.79 -2.56
C8 7DA B 3 -11.11 -0.14 -3.64
C2' 7DA B 3 -10.36 -1.18 -6.42
C5' 7DA B 3 -13.41 -2.94 -6.71
C4' 7DA B 3 -12.59 -1.73 -7.24
O4' 7DA B 3 -12.64 -0.66 -6.27
C1' 7DA B 3 -11.35 -0.04 -6.12
C3' 7DA B 3 -11.08 -2.02 -7.49
O3' 7DA B 3 -10.74 -1.59 -8.84
H2 7DA B 3 -10.47 4.99 -5.54
HN61 7DA B 3 -10.10 4.45 -0.99
HN62 7DA B 3 -10.37 2.75 -0.74
H7 7DA B 3 -10.93 0.60 -1.48
H8 7DA B 3 -11.29 -1.21 -3.56
H2' 7DA B 3 -10.19 -1.81 -5.54
H2'' 7DA B 3 -9.38 -0.80 -6.74
H5' 7DA B 3 -14.42 -2.60 -6.48
H5'' 7DA B 3 -13.47 -3.69 -7.51
H4' 7DA B 3 -13.05 -1.38 -8.18
H1' 7DA B 3 -11.24 0.72 -6.90
H1 7DA B 3 -10.86 -3.08 -7.36
P 7GU B 7 4.82 9.21 -4.43
OP1 7GU B 7 5.32 10.61 -4.54
OP2 7GU B 7 5.19 8.25 -5.49
O5' 7GU B 7 5.30 8.62 -3.01
N9 7GU B 7 4.64 5.06 0.04
C4 7GU B 7 4.20 4.32 1.09
N3 7GU B 7 4.29 4.56 2.43
C2 7GU B 7 3.76 3.54 3.17
N2 7GU B 7 3.87 3.74 4.51
N1 7GU B 7 3.13 2.40 2.78
C6 7GU B 7 2.98 2.14 1.42
O6 7GU B 7 2.42 1.14 1.00
C5 7GU B 7 3.58 3.17 0.54
C7 7GU B 7 3.65 3.23 -0.90
C8 7GU B 7 4.35 4.47 -1.17
C2' 7GU B 7 6.69 6.36 -0.52
C5' 7GU B 7 5.21 9.40 -1.78
C4' 7GU B 7 5.63 8.56 -0.55
O4' 7GU B 7 4.66 7.50 -0.32
C1' 7GU B 7 5.33 6.34 0.19
C3' 7GU B 7 7.01 7.86 -0.66
O3' 7GU B 7 7.85 8.34 0.44
HN21 7GU B 7 3.77 2.92 5.09
HN22 7GU B 7 4.53 4.45 4.80
H7 7GU B 7 3.26 2.51 -1.62
H8 7GU B 7 4.66 4.88 -2.13
H2' 7GU B 7 6.61 5.92 -1.52
H2'' 7GU B 7 7.44 5.79 0.04
H5' 7GU B 7 4.20 9.76 -1.64
H5'' 7GU B 7 5.88 10.27 -1.86
H4' 7GU B 7 5.64 9.22 0.32
H1' 7GU B 7 5.52 6.51 1.26
H3' 7GU B 7 7.49 8.06 -1.63
P 7DA B 8 9.38 7.88 0.67
OP1 7DA B 8 10.11 9.02 1.28
OP2 7DA B 8 9.91 7.31 -0.60
O5' 7DA B 8 9.26 6.69 1.75
N9 7DA B 8 7.28 2.55 2.66
C4 7DA B 8 6.53 1.48 3.04
N3 7DA B 8 6.15 1.04 4.27
C2 7DA B 8 5.35 -0.10 4.21
N1 7DA B 8 4.90 -0.79 3.10
C6 7DA B 8 5.35 -0.31 1.91
N6 7DA B 8 4.96 -0.95 0.75
C5 7DA B 8 6.16 0.82 1.87
C7 7DA B 8 6.75 1.50 0.73
C8 7DA B 8 7.43 2.62 1.31
C2' 7DA B 8 9.45 3.44 3.35
C5' 7DA B 8 8.82 6.96 3.10
C4' 7DA B 8 8.70 5.66 3.95
O4' 7DA B 8 7.61 4.85 3.45
C1' 7DA B 8 7.93 3.46 3.59
C3' 7DA B 8 9.96 4.76 3.94
O3' 7DA B 8 10.43 4.60 5.31
H2 7DA B 8 5.02 -0.49 5.17
HN61 7DA B 8 4.34 -1.74 0.77
HN62 7DA B 8 5.22 -0.55 -0.14
H7 7DA B 8 6.94 1.08 -0.27
H8 7DA B 8 8.02 3.37 0.79
H2' 7DA B 8 9.70 3.45 2.27
H2'' 7DA B 8 9.90 2.51 3.74
H5' 7DA B 8 7.84 7.46 3.10
H5'' 7DA B 8 9.54 7.63 3.60
H4' 7DA B 8 8.47 5.95 4.98
H1' 7DA B 8 7.74 3.15 4.62
H1 7DA B 8 10.75 5.19 3.31
P 7GU B 9 11.79 3.84 5.69
OP1 7GU B 9 12.43 4.55 6.83
OP2 7GU B 9 12.60 3.62 4.46
O5' 7GU B 9 11.28 2.40 6.21
N9 7GU B 9 9.10 -1.20 4.76
C4 7GU B 9 8.22 -2.19 4.40
N3 7GU B 9 7.49 -3.03 5.19
C2 7GU B 9 6.75 -3.92 4.45
N2 7GU B 9 6.00 -4.74 5.19
N1 7GU B 9 6.64 -4.06 3.10
C6 7GU B 9 7.35 -3.19 2.27
O6 7GU B 9 7.29 -3.28 1.05
C5 7GU B 9 8.18 -2.20 3.00
C7 7GU B 9 9.04 -1.16 2.47
C8 7GU B 9 9.61 -0.56 3.67
C2' 7GU B 9 10.96 -1.01 6.38
C5' 7GU B 9 10.49 2.29 7.42
C4' 7GU B 9 10.04 0.84 7.66
O4' 7GU B 9 9.14 0.44 6.59
C1' 7GU B 9 9.44 -0.89 6.15
C3' 7GU B 9 11.18 -0.21 7.67
O3' 7GU B 9 11.04 -1.04 8.85
HN21 7GU B 9 5.97 -4.55 6.19
HN22 7GU B 9 5.23 -5.23 4.76
H7 7GU B 9 9.20 -0.88 1.44
H8 7GU B 9 10.35 0.24 3.74
H2' 7GU B 9 11.52 -0.55 5.57
H2'' 7GU B 9 11.27 -2.06 6.45
H5' 7GU B 9 9.61 2.94 7.36
H5'' 7GU B 9 11.09 2.62 8.29
H4' 7GU B 9 9.49 0.79 8.62
H1' 7GU B 9 8.95 -1.61 6.81
H3' 7GU B 9 12.16 0.29 7.65
AG AG C . -12.90 5.74 -3.78
AG AG D . -9.15 6.13 -2.83
AG AG E . -2.72 5.14 -0.56
AG AG F . 2.25 0.64 3.79
AG AG G . 4.12 -2.87 3.16
AG AG H . 6.04 -5.71 1.76
AG AG I . 13.86 -11.05 -3.01
AG AG J . -16.73 4.94 -3.62
AG AG K . -5.99 5.42 -2.34
AG AG L . 0.45 4.14 1.77
AG AG M . 8.58 -7.67 1.15
AG AG N . 10.99 -9.75 -0.82
O5' 7GU A 1 17.28 -1.68 -6.97
N9 7GU A 1 16.29 -5.68 -5.93
C4 7GU A 1 15.95 -6.92 -5.50
N3 7GU A 1 15.59 -8.04 -6.22
C2 7GU A 1 15.35 -9.11 -5.39
N2 7GU A 1 14.99 -10.23 -6.06
N1 7GU A 1 15.45 -9.22 -4.04
C6 7GU A 1 15.81 -8.13 -3.29
O6 7GU A 1 15.96 -8.19 -2.08
C5 7GU A 1 16.05 -6.90 -4.10
C7 7GU A 1 16.49 -5.59 -3.66
C8 7GU A 1 16.63 -4.85 -4.90
C2' 7GU A 1 15.23 -4.33 -7.71
C5' 7GU A 1 17.95 -2.19 -8.15
C4' 7GU A 1 17.32 -3.51 -8.66
O4' 7GU A 1 17.59 -4.56 -7.69
C1' 7GU A 1 16.39 -5.28 -7.34
C3' 7GU A 1 15.79 -3.46 -8.85
O3' 7GU A 1 15.45 -4.01 -10.15
HN21 7GU A 1 14.57 -10.98 -5.54
HN22 7GU A 1 14.71 -10.11 -7.03
H7 7GU A 1 16.70 -5.27 -2.65
H8 7GU A 1 16.98 -3.83 -5.03
H2' 7GU A 1 14.96 -3.69 -6.86
H2'' 7GU A 1 14.34 -4.90 -8.00
H5' 7GU A 1 19.01 -2.37 -7.94
H5'' 7GU A 1 17.90 -1.45 -8.96
H4' 7GU A 1 17.80 -3.78 -9.61
H1' 7GU A 1 16.31 -6.17 -7.97
H3' 7GU A 1 15.43 -2.43 -8.76
HO5' 7GU A 1 17.70 -0.84 -6.71
P 7GU A 2 13.99 -3.83 -10.83
OP1 7GU A 2 14.17 -3.99 -12.30
OP2 7GU A 2 13.39 -2.56 -10.33
O5' 7GU A 2 13.13 -5.06 -10.28
N9 7GU A 2 12.01 -7.22 -6.30
C4 7GU A 2 11.97 -8.05 -5.23
N3 7GU A 2 11.70 -9.40 -5.17
C2 7GU A 2 11.78 -9.89 -3.90
N2 7GU A 2 11.54 -11.22 -3.82
N1 7GU A 2 12.10 -9.26 -2.73
C6 7GU A 2 12.39 -7.91 -2.75
O6 7GU A 2 12.67 -7.30 -1.73
C5 7GU A 2 12.29 -7.28 -4.10
C7 7GU A 2 12.55 -5.92 -4.50
C8 7GU A 2 12.36 -5.95 -5.95
C2' 7GU A 2 10.70 -6.94 -8.41
C5' 7GU A 2 13.40 -6.42 -10.71
C4' 7GU A 2 12.53 -7.45 -9.93
O4' 7GU A 2 12.96 -7.48 -8.55
C1' 7GU A 2 11.83 -7.67 -7.68
C3' 7GU A 2 11.01 -7.14 -9.90
O3' 7GU A 2 10.29 -8.28 -10.44
HN21 7GU A 2 11.43 -11.72 -4.69
HN22 7GU A 2 11.80 -11.71 -2.98
H7 7GU A 2 12.87 -5.10 -3.88
H8 7GU A 2 12.49 -5.13 -6.65
H2' 7GU A 2 10.72 -5.86 -8.18
H2'' 7GU A 2 9.71 -7.33 -8.11
H5' 7GU A 2 14.46 -6.66 -10.56
H5'' 7GU A 2 13.18 -6.53 -11.78
H4' 7GU A 2 12.69 -8.43 -10.38
H1' 7GU A 2 11.58 -8.75 -7.67
H3' 7GU A 2 10.79 -6.22 -10.47
P 7DA A 3 8.69 -8.28 -10.68
OP1 7DA A 3 8.41 -9.12 -11.87
OP2 7DA A 3 8.19 -6.88 -10.67
O5' 7DA A 3 8.09 -9.05 -9.38
N9 7DA A 3 8.06 -8.74 -4.92
C4 7DA A 3 8.34 -8.79 -3.59
N3 7DA A 3 8.24 -9.80 -2.70
C2 7DA A 3 8.61 -9.44 -1.41
N1 7DA A 3 9.08 -8.22 -0.95
C6 7DA A 3 9.17 -7.26 -1.91
N6 7DA A 3 9.60 -6.01 -1.53
C5 7DA A 3 8.81 -7.52 -3.22
C7 7DA A 3 8.83 -6.66 -4.39
C8 7DA A 3 8.33 -7.51 -5.46
C2' 7DA A 3 6.27 -9.57 -6.44
C5' 7DA A 3 8.32 -10.45 -9.17
C4' 7DA A 3 7.74 -10.93 -7.82
O4' 7DA A 3 8.48 -10.31 -6.75
C1' 7DA A 3 7.59 -9.89 -5.69
C3' 7DA A 3 6.24 -10.60 -7.59
O3' 7DA A 3 5.53 -11.80 -7.21
H2 7DA A 3 8.53 -10.22 -0.66
HN61 7DA A 3 9.74 -5.30 -2.23
HN62 7DA A 3 9.92 -5.83 -0.59
H7 7DA A 3 9.23 -5.65 -4.48
H8 7DA A 3 8.20 -7.25 -6.50
H2' 7DA A 3 6.29 -8.56 -6.86
H2'' 7DA A 3 5.41 -9.63 -5.77
H5' 7DA A 3 9.40 -10.67 -9.18
H5'' 7DA A 3 7.86 -11.03 -9.98
H4' 7DA A 3 7.87 -12.03 -7.75
H1' 7DA A 3 7.40 -10.73 -5.03
H1 7DA A 3 5.81 -10.14 -8.49
P 7GU A 7 -2.68 -5.02 9.14
OP1 7GU A 7 -2.73 -5.41 10.58
OP2 7GU A 7 -3.78 -5.47 8.25
O5' 7GU A 7 -2.60 -3.41 9.07
N9 7GU A 7 -2.00 0.07 6.08
C4 7GU A 7 -1.37 1.00 5.31
N3 7GU A 7 -0.67 2.12 5.68
C2 7GU A 7 -0.17 2.81 4.60
N2 7GU A 7 0.55 3.89 4.94
N1 7GU A 7 -0.25 2.51 3.27
C6 7GU A 7 -0.94 1.40 2.86
O6 7GU A 7 -1.02 1.08 1.68
C5 7GU A 7 -1.54 0.62 3.98
C7 7GU A 7 -2.30 -0.62 3.93
C8 7GU A 7 -2.57 -0.91 5.33
C2' 7GU A 7 -3.39 -0.06 8.16
C5' 7GU A 7 -1.68 -2.65 9.89
C4' 7GU A 7 -1.71 -1.15 9.54
O4' 7GU A 7 -1.23 -0.95 8.20
C1' 7GU A 7 -1.99 0.10 7.55
C3' 7GU A 7 -3.12 -0.49 9.61
O3' 7GU A 7 -3.05 0.65 10.52
HN21 7GU A 7 1.29 4.14 4.31
HN22 7GU A 7 0.72 4.01 5.94
H7 7GU A 7 -2.56 -1.20 3.06
H8 7GU A 7 -3.11 -1.77 5.73
H2' 7GU A 7 -3.95 -0.85 7.65
H2'' 7GU A 7 -3.98 0.87 8.07
H5' 7GU A 7 -0.66 -3.03 9.76
H5'' 7GU A 7 -1.94 -2.78 10.95
H4' 7GU A 7 -1.04 -0.62 10.24
H1' 7GU A 7 -1.59 1.07 7.88
H3' 7GU A 7 -3.87 -1.22 9.94
P 7DA A 8 -4.32 1.59 10.86
OP1 7DA A 8 -4.17 2.04 12.27
OP2 7DA A 8 -5.57 0.89 10.47
O5' 7DA A 8 -4.10 2.86 9.88
N9 7DA A 8 -3.70 4.09 5.47
C4 7DA A 8 -3.30 4.41 4.20
N3 7DA A 8 -2.54 5.43 3.72
C2 7DA A 8 -2.37 5.36 2.34
N1 7DA A 8 -2.83 4.40 1.44
C6 7DA A 8 -3.61 3.45 2.00
N6 7DA A 8 -4.10 2.45 1.17
C5 7DA A 8 -3.86 3.43 3.37
C7 7DA A 8 -4.66 2.51 4.15
C8 7DA A 8 -4.48 2.98 5.51
C2' 7DA A 8 -4.68 5.33 7.35
C5' 7DA A 8 -2.98 3.75 10.07
C4' 7DA A 8 -2.94 4.85 8.97
O4' 7DA A 8 -2.66 4.23 7.69
C1' 7DA A 8 -3.38 4.90 6.65
C3' 7DA A 8 -4.24 5.65 8.79
O3' 7DA A 8 -3.96 7.06 8.98
H2 7DA A 8 -1.76 6.15 1.90
HN61 7DA A 8 -4.61 1.68 1.59
HN62 7DA A 8 -3.87 2.42 0.19
H7 7DA A 8 -5.49 1.91 3.81
H8 7DA A 8 -4.93 2.57 6.41
H2' 7DA A 8 -5.40 4.51 7.39
H2'' 7DA A 8 -5.18 6.14 6.80
H5' 7DA A 8 -2.03 3.19 10.03
H5'' 7DA A 8 -3.04 4.24 11.05
H4' 7DA A 8 -2.11 5.54 9.20
H1' 7DA A 8 -2.84 5.80 6.35
H1 7DA A 8 -5.01 5.30 9.50
P 7GU A 9 -5.11 8.19 9.00
OP1 7GU A 9 -4.74 9.21 10.01
OP2 7GU A 9 -6.46 7.55 9.09
O5' 7GU A 9 -4.97 8.87 7.54
N9 7GU A 9 -5.41 7.80 3.26
C4 7GU A 9 -5.26 7.38 1.96
N3 7GU A 9 -4.59 7.98 0.92
C2 7GU A 9 -4.73 7.26 -0.25
N2 7GU A 9 -4.05 7.81 -1.29
N1 7GU A 9 -5.39 6.10 -0.50
C6 7GU A 9 -6.06 5.46 0.53
O6 7GU A 9 -6.68 4.43 0.37
C5 7GU A 9 -5.96 6.17 1.83
C7 7GU A 9 -6.54 5.82 3.12
C8 7GU A 9 -6.14 6.90 3.99
C2' 7GU A 9 -5.91 9.93 4.42
C5' 7GU A 9 -3.77 9.58 7.15
C4' 7GU A 9 -3.84 10.05 5.68
O4' 7GU A 9 -3.86 8.88 4.82
C1' 7GU A 9 -4.83 9.04 3.78
C3' 7GU A 9 -5.12 10.87 5.33
O3' 7GU A 9 -4.71 12.08 4.66
HN21 7GU A 9 -3.44 8.58 -1.08
HN22 7GU A 9 -3.90 7.23 -2.11
H7 7GU A 9 -7.13 4.94 3.37
H8 7GU A 9 -6.38 7.05 5.04
H2' 7GU A 9 -6.60 9.33 5.04
H2'' 7GU A 9 -6.52 10.43 3.66
H5' 7GU A 9 -2.89 8.94 7.28
H5'' 7GU A 9 -3.64 10.45 7.80
H4' 7GU A 9 -2.95 10.64 5.47
H1' 7GU A 9 -4.37 9.59 2.95
H3' 7GU A 9 -5.70 11.10 6.24
O5' 7GU B 1 -17.66 0.84 5.76
N9 7GU B 1 -17.89 2.38 1.79
C4 7GU B 1 -17.84 2.90 0.53
N3 7GU B 1 -18.26 2.36 -0.65
C2 7GU B 1 -18.06 3.23 -1.71
N2 7GU B 1 -18.47 2.73 -2.89
N1 7GU B 1 -17.56 4.51 -1.72
C6 7GU B 1 -17.14 5.08 -0.53
O6 7GU B 1 -16.71 6.22 -0.48
C5 7GU B 1 -17.28 4.19 0.65
C7 7GU B 1 -16.98 4.46 2.04
C8 7GU B 1 -17.40 3.26 2.73
C2' 7GU B 1 -17.35 0.05 2.43
C5' 7GU B 1 -18.93 0.19 5.54
C4' 7GU B 1 -19.16 -0.17 4.05
O4' 7GU B 1 -19.31 1.05 3.29
C1' 7GU B 1 -18.47 1.07 2.13
C3' 7GU B 1 -17.99 -0.96 3.40
O3' 7GU B 1 -18.53 -2.09 2.67
HN21 7GU B 1 -18.64 1.74 -2.92
HN22 7GU B 1 -18.15 3.19 -3.73
H7 7GU B 1 -16.56 5.36 2.46
H8 7GU B 1 -17.38 3.05 3.80
H2' 7GU B 1 -16.51 0.55 2.94
H2'' 7GU B 1 -16.96 -0.41 1.52
H5' 7GU B 1 -19.76 0.82 5.87
H5'' 7GU B 1 -18.99 -0.74 6.12
H4' 7GU B 1 -20.09 -0.76 3.97
H1' 7GU B 1 -19.03 0.70 1.27
H3' 7GU B 1 -17.27 -1.28 4.16
HO5' 7GU B 1 -17.58 1.03 6.72
P 7GU B 2 -17.60 -3.33 2.17
OP1 7GU B 2 -18.49 -4.51 1.98
OP2 7GU B 2 -16.43 -3.45 3.09
O5' 7GU B 2 -17.05 -2.88 0.72
N9 7GU B 2 -15.04 0.74 -1.45
C4 7GU B 2 -14.81 1.88 -2.17
N3 7GU B 2 -15.02 2.13 -3.49
C2 7GU B 2 -14.68 3.42 -3.82
N2 7GU B 2 -14.91 3.71 -5.12
N1 7GU B 2 -14.20 4.44 -3.05
C6 7GU B 2 -13.98 4.21 -1.71
O6 7GU B 2 -13.55 5.08 -0.96
C5 7GU B 2 -14.29 2.82 -1.27
C7 7GU B 2 -14.21 2.24 0.06
C8 7GU B 2 -14.72 0.89 -0.13
C2' 7GU B 2 -14.82 -1.72 -1.86
C5' 7GU B 2 -17.93 -2.81 -0.43
C4' 7GU B 2 -17.19 -2.23 -1.66
O4' 7GU B 2 -16.94 -0.82 -1.45
C1' 7GU B 2 -15.68 -0.45 -2.03
C3' 7GU B 2 -15.83 -2.88 -1.99
O3' 7GU B 2 -15.88 -3.39 -3.36
HN21 7GU B 2 -15.39 3.00 -5.67
HN22 7GU B 2 -14.94 4.68 -5.42
H7 7GU B 2 -13.93 2.72 0.98
H8 7GU B 2 -14.86 0.12 0.62
H2' 7GU B 2 -14.37 -1.75 -0.86
H2'' 7GU B 2 -14.02 -1.76 -2.60
H5' 7GU B 2 -18.81 -2.19 -0.22
H5'' 7GU B 2 -18.29 -3.82 -0.68
H4' 7GU B 2 -17.86 -2.32 -2.53
H1' 7GU B 2 -15.82 -0.29 -3.11
H3' 7GU B 2 -15.60 -3.68 -1.29
P 7DA B 3 -14.67 -4.24 -4.02
OP1 7DA B 3 -15.27 -5.24 -4.96
OP2 7DA B 3 -13.77 -4.73 -2.95
O5' 7DA B 3 -13.86 -3.15 -4.90
N9 7DA B 3 -11.72 0.75 -4.41
C4 7DA B 3 -11.39 2.06 -4.25
N3 7DA B 3 -11.27 3.07 -5.16
C2 7DA B 3 -10.89 4.28 -4.60
N1 7DA B 3 -10.63 4.58 -3.27
C6 7DA B 3 -10.76 3.52 -2.42
N6 7DA B 3 -10.52 3.74 -1.08
C5 7DA B 3 -11.14 2.27 -2.90
C7 7DA B 3 -11.36 1.03 -2.17
C8 7DA B 3 -11.74 0.10 -3.21
C2' 7DA B 3 -11.24 -1.08 -6.01
C5' 7DA B 3 -14.46 -2.54 -6.08
C4' 7DA B 3 -13.55 -1.44 -6.68
O4' 7DA B 3 -13.45 -0.35 -5.75
C1' 7DA B 3 -12.10 0.16 -5.68
C3' 7DA B 3 -12.10 -1.89 -7.00
O3' 7DA B 3 -11.80 -1.54 -8.37
H2 7DA B 3 -10.79 5.11 -5.28
HN61 7DA B 3 -10.33 4.67 -0.73
HN62 7DA B 3 -10.68 2.99 -0.42
H7 7DA B 3 -11.36 0.86 -1.09
H8 7DA B 3 -12.00 -0.95 -3.09
H2' 7DA B 3 -11.07 -1.69 -5.11
H2'' 7DA B 3 -10.26 -0.78 -6.40
H5' 7DA B 3 -15.43 -2.09 -5.81
H5'' 7DA B 3 -14.64 -3.30 -6.84
H4' 7DA B 3 -14.03 -1.08 -7.60
H1' 7DA B 3 -11.96 0.88 -6.49
H1 7DA B 3 -11.97 -2.97 -6.83
P 7GU B 7 4.46 8.64 -4.98
OP1 7GU B 7 4.98 10.01 -5.22
OP2 7GU B 7 4.80 7.57 -5.96
O5' 7GU B 7 4.95 8.16 -3.52
N9 7GU B 7 4.38 4.76 -0.44
C4 7GU B 7 3.91 4.01 0.60
N3 7GU B 7 3.96 4.28 1.94
C2 7GU B 7 3.41 3.28 2.68
N2 7GU B 7 3.50 3.48 4.01
N1 7GU B 7 2.83 2.11 2.29
C6 7GU B 7 2.73 1.82 0.93
O6 7GU B 7 2.19 0.81 0.52
C5 7GU B 7 3.34 2.85 0.06
C7 7GU B 7 3.45 2.89 -1.39
C8 7GU B 7 4.14 4.14 -1.65
C2' 7GU B 7 6.40 6.12 -0.99
C5' 7GU B 7 4.85 9.02 -2.37
C4' 7GU B 7 5.26 8.27 -1.08
O4' 7GU B 7 4.33 7.20 -0.82
C1' 7GU B 7 5.02 6.06 -0.28
C3' 7GU B 7 6.67 7.63 -1.11
O3' 7GU B 7 7.43 8.14 0.01
HN21 7GU B 7 4.13 4.23 4.28
HN22 7GU B 7 3.45 2.68 4.61
H7 7GU B 7 3.10 2.15 -2.10
H8 7GU B 7 4.46 4.53 -2.60
H2' 7GU B 7 6.34 5.68 -1.98
H2'' 7GU B 7 7.16 5.57 -0.42
H5' 7GU B 7 3.82 9.39 -2.25
H5'' 7GU B 7 5.49 9.90 -2.49
H4' 7GU B 7 5.22 8.99 -0.25
H1' 7GU B 7 5.20 6.24 0.79
H3' 7GU B 7 7.18 7.85 -2.06
P 7DA B 8 8.97 7.73 0.31
OP1 7DA B 8 9.65 8.90 0.92
OP2 7DA B 8 9.56 7.11 -0.91
O5' 7DA B 8 8.83 6.58 1.45
N9 7DA B 8 7.00 2.42 2.35
C4 7DA B 8 6.27 1.33 2.69
N3 7DA B 8 5.81 0.90 3.91
C2 7DA B 8 5.06 -0.27 3.81
N1 7DA B 8 4.70 -0.99 2.67
C6 7DA B 8 5.21 -0.49 1.51
N6 7DA B 8 4.90 -1.16 0.34
C5 7DA B 8 6.00 0.65 1.50
C7 7DA B 8 6.64 1.33 0.39
C8 7DA B 8 7.23 2.49 1.00
C2' 7DA B 8 9.08 3.43 3.17
C5' 7DA B 8 8.30 6.90 2.76
C4' 7DA B 8 8.18 5.63 3.66
O4' 7DA B 8 7.16 4.76 3.13
C1' 7DA B 8 7.55 3.38 3.30
C3' 7DA B 8 9.48 4.79 3.77
O3' 7DA B 8 9.85 4.69 5.17
H2 7DA B 8 4.69 -0.67 4.74
HN61 7DA B 8 5.20 -0.76 -0.54
HN62 7DA B 8 4.31 -1.98 0.35
H7 7DA B 8 6.94 0.90 -0.56
H8 7DA B 8 7.83 3.26 0.52
H2' 7DA B 8 9.39 3.44 2.11
H2'' 7DA B 8 9.54 2.55 3.62
H5' 7DA B 8 7.30 7.35 2.68
H5'' 7DA B 8 8.95 7.62 3.27
H4' 7DA B 8 7.87 5.96 4.66
H1' 7DA B 8 7.31 3.08 4.32
H1 7DA B 8 10.29 5.24 3.19
P 7GU B 9 11.22 3.99 5.67
OP1 7GU B 9 11.74 4.76 6.84
OP2 7GU B 9 12.11 3.76 4.50
O5' 7GU B 9 10.70 2.55 6.20
N9 7GU B 9 8.78 -1.16 4.70
C4 7GU B 9 7.97 -2.17 4.30
N3 7GU B 9 7.19 -3.02 5.03
C2 7GU B 9 6.55 -3.94 4.24
N2 7GU B 9 5.75 -4.77 4.94
N1 7GU B 9 6.55 -4.10 2.89
C6 7GU B 9 7.31 -3.24 2.11
O6 7GU B 9 7.37 -3.34 0.90
C5 7GU B 9 8.04 -2.21 2.90
C7 7GU B 9 8.93 -1.16 2.42
C8 7GU B 9 9.38 -0.52 3.65
C2' 7GU B 9 10.51 -0.86 6.47
C5' 7GU B 9 9.82 2.45 7.35
C4' 7GU B 9 9.41 0.98 7.61
O4' 7GU B 9 8.60 0.51 6.50
C1' 7GU B 9 9.01 -0.81 6.10
C3' 7GU B 9 10.60 0.00 7.75
O3' 7GU B 9 10.42 -0.80 8.94
HN21 7GU B 9 5.59 -4.54 5.91
HN22 7GU B 9 5.03 -5.28 4.44
H7 7GU B 9 9.21 -0.93 1.40
H8 7GU B 9 10.09 0.29 3.75
H2' 7GU B 9 11.12 -0.39 5.69
H2'' 7GU B 9 10.85 -1.89 6.59
H5' 7GU B 9 8.92 3.04 7.18
H5'' 7GU B 9 10.33 2.84 8.24
H4' 7GU B 9 8.80 0.96 8.53
H1' 7GU B 9 8.48 -1.53 6.74
H3' 7GU B 9 11.55 0.54 7.79
AG AG C . -12.97 6.24 -3.47
AG AG D . -9.32 6.24 -2.64
AG AG E . -2.99 4.73 -0.75
AG AG F . 1.98 0.33 3.32
AG AG G . 3.97 -3.07 2.70
AG AG H . 6.13 -5.82 1.55
AG AG I . 14.73 -10.67 -2.51
AG AG J . -16.79 5.87 -3.29
AG AG K . -6.26 5.18 -2.32
AG AG L . 0.14 3.65 1.40
AG AG M . 8.90 -7.57 1.15
AG AG N . 11.56 -9.59 -0.63
O5' 7GU A 1 17.37 -2.24 -7.23
N9 7GU A 1 16.21 -6.14 -6.09
C4 7GU A 1 15.81 -7.36 -5.62
N3 7GU A 1 15.40 -8.47 -6.31
C2 7GU A 1 15.13 -9.52 -5.47
N2 7GU A 1 14.72 -10.64 -6.10
N1 7GU A 1 15.22 -9.61 -4.11
C6 7GU A 1 15.63 -8.50 -3.39
O6 7GU A 1 15.79 -8.54 -2.18
C5 7GU A 1 15.93 -7.32 -4.22
C7 7GU A 1 16.42 -6.01 -3.82
C8 7GU A 1 16.58 -5.30 -5.08
C2' 7GU A 1 15.21 -4.79 -7.90
C5' 7GU A 1 18.01 -2.80 -8.39
C4' 7GU A 1 17.33 -4.10 -8.88
O4' 7GU A 1 17.55 -5.14 -7.89
C1' 7GU A 1 16.31 -5.79 -7.50
C3' 7GU A 1 15.80 -3.99 -9.07
O3' 7GU A 1 15.43 -4.57 -10.35
HN21 7GU A 1 14.27 -11.35 -5.56
HN22 7GU A 1 14.46 -10.54 -7.08
H7 7GU A 1 16.63 -5.66 -2.81
H8 7GU A 1 16.97 -4.30 -5.23
H2' 7GU A 1 14.98 -4.10 -7.07
H2'' 7GU A 1 14.28 -5.30 -8.16
H5' 7GU A 1 19.06 -3.02 -8.18
H5'' 7GU A 1 17.99 -2.08 -9.22
H4' 7GU A 1 17.80 -4.41 -9.82
H1' 7GU A 1 16.18 -6.70 -8.12
H3' 7GU A 1 15.49 -2.93 -9.02
HO5' 7GU A 1 17.85 -1.43 -6.97
P 7GU A 2 13.98 -4.35 -11.04
OP1 7GU A 2 14.13 -4.56 -12.50
OP2 7GU A 2 13.43 -3.05 -10.56
O5' 7GU A 2 13.05 -5.52 -10.43
N9 7GU A 2 11.84 -7.55 -6.38
C4 7GU A 2 11.77 -8.36 -5.28
N3 7GU A 2 11.46 -9.69 -5.22
C2 7GU A 2 11.54 -10.16 -3.92
N2 7GU A 2 11.25 -11.47 -3.82
N1 7GU A 2 11.90 -9.52 -2.78
C6 7GU A 2 12.23 -8.19 -2.82
O6 7GU A 2 12.55 -7.57 -1.82
C5 7GU A 2 12.14 -7.59 -4.17
C7 7GU A 2 12.45 -6.24 -4.61
C8 7GU A 2 12.25 -6.29 -6.05
C2' 7GU A 2 10.54 -7.23 -8.48
C5' 7GU A 2 13.26 -6.91 -10.82
C4' 7GU A 2 12.33 -7.86 -10.01
O4' 7GU A 2 12.77 -7.90 -8.63
C1' 7GU A 2 11.64 -8.02 -7.75
C3' 7GU A 2 10.84 -7.46 -9.98
O3' 7GU A 2 10.06 -8.57 -10.51
HN21 7GU A 2 11.52 -11.95 -2.96
HN22 7GU A 2 11.11 -12.00 -4.67
H7 7GU A 2 12.81 -5.41 -4.00
H8 7GU A 2 12.42 -5.48 -6.77
H2' 7GU A 2 10.60 -6.16 -8.27
H2'' 7GU A 2 9.54 -7.59 -8.19
H5' 7GU A 2 14.31 -7.20 -10.65
H5'' 7GU A 2 13.04 -7.04 -11.88
H4' 7GU A 2 12.43 -8.87 -10.42
H1' 7GU A 2 11.34 -9.07 -7.71
H3' 7GU A 2 10.66 -6.55 -10.55
P 7DA A 3 8.45 -8.48 -10.76
OP1 7DA A 3 8.14 -9.33 -11.94
OP2 7DA A 3 8.04 -7.06 -10.78
O5' 7DA A 3 7.83 -9.18 -9.44
N9 7DA A 3 7.86 -8.78 -4.98
C4 7DA A 3 8.17 -8.84 -3.65
N3 7DA A 3 8.03 -9.86 -2.75
C2 7DA A 3 8.46 -9.50 -1.47
N1 7DA A 3 8.99 -8.30 -1.03
C6 7DA A 3 9.09 -7.35 -1.99
N6 7DA A 3 9.60 -6.12 -1.63
C5 7DA A 3 8.69 -7.61 -3.30
C7 7DA A 3 8.74 -6.74 -4.47
C8 7DA A 3 8.18 -7.58 -5.51
C2' 7DA A 3 6.02 -9.54 -6.46
C5' 7DA A 3 7.97 -10.60 -9.20
C4' 7DA A 3 7.39 -11.02 -7.84
O4' 7DA A 3 8.18 -10.41 -6.79
C1' 7DA A 3 7.33 -9.92 -5.73
C3' 7DA A 3 5.92 -10.59 -7.59
O3' 7DA A 3 5.16 -11.76 -7.17
H2 7DA A 3 8.36 -10.26 -0.72
HN61 7DA A 3 9.75 -5.42 -2.34
HN62 7DA A 3 9.92 -5.94 -0.69
H7 7DA A 3 9.21 -5.77 -4.58
H8 7DA A 3 8.05 -7.31 -6.57
H2' 7DA A 3 6.10 -8.54 -6.92
H2'' 7DA A 3 5.17 -9.53 -5.78
H5' 7DA A 3 9.04 -10.88 -9.24
H5'' 7DA A 3 7.47 -11.17 -9.99
H4' 7DA A 3 7.46 -12.11 -7.74
H1' 7DA A 3 7.11 -10.75 -5.05
H1 7DA A 3 5.49 -10.14 -8.49
P 7GU A 7 -2.26 -4.81 9.49
OP1 7GU A 7 -2.22 -5.15 10.94
OP2 7GU A 7 -3.40 -5.30 8.68
O5' 7GU A 7 -2.20 -3.20 9.35
N9 7GU A 7 -1.72 0.29 6.27
C4 7GU A 7 -1.12 1.25 5.50
N3 7GU A 7 -0.45 2.38 5.87
C2 7GU A 7 0.00 3.09 4.79
N2 7GU A 7 0.67 4.21 5.12
N1 7GU A 7 -0.07 2.80 3.45
C6 7GU A 7 -0.72 1.66 3.05
O6 7GU A 7 -0.81 1.34 1.88
C5 7GU A 7 -1.29 0.86 4.17
C7 7GU A 7 -2.01 -0.40 4.12
C8 7GU A 7 -2.26 -0.70 5.52
C2' 7GU A 7 -3.08 0.13 8.36
C5' 7GU A 7 -1.27 -2.41 10.13
C4' 7GU A 7 -1.37 -0.90 9.74
O4' 7GU A 7 -0.91 -0.72 8.38
C1' 7GU A 7 -1.68 0.31 7.74
C3' 7GU A 7 -2.80 -0.30 9.81
O3' 7GU A 7 -2.77 0.84 10.72
HN21 7GU A 7 1.38 4.54 4.47
HN22 7GU A 7 0.86 4.35 6.11
H7 7GU A 7 -2.27 -0.98 3.24
H8 7GU A 7 -2.78 -1.57 5.92
H2' 7GU A 7 -3.64 -0.67 7.85
H2'' 7GU A 7 -3.68 1.04 8.27
H5' 7GU A 7 -0.25 -2.75 9.97
H5'' 7GU A 7 -1.50 -2.51 11.19
H4' 7GU A 7 -0.71 -0.34 10.41
H1' 7GU A 7 -1.30 1.29 8.07
H3' 7GU A 7 -3.54 -1.04 10.14
P 7DA A 8 -4.07 1.72 11.08
OP1 7DA A 8 -3.91 2.22 12.48
OP2 7DA A 8 -5.29 0.94 10.74
O5' 7DA A 8 -3.97 2.97 10.08
N9 7DA A 8 -3.59 4.18 5.54
C4 7DA A 8 -3.21 4.53 4.29
N3 7DA A 8 -2.52 5.62 3.83
C2 7DA A 8 -2.34 5.60 2.44
N1 7DA A 8 -2.74 4.63 1.52
C6 7DA A 8 -3.45 3.62 2.06
N6 7DA A 8 -3.91 2.63 1.21
C5 7DA A 8 -3.70 3.55 3.43
C7 7DA A 8 -4.44 2.56 4.19
C8 7DA A 8 -4.29 3.01 5.56
C2' 7DA A 8 -4.69 5.34 7.41
C5' 7DA A 8 -2.90 3.94 10.20
C4' 7DA A 8 -2.94 4.99 9.07
O4' 7DA A 8 -2.61 4.35 7.80
C1' 7DA A 8 -3.35 4.98 6.74
C3' 7DA A 8 -4.30 5.69 8.86
O3' 7DA A 8 -4.14 7.12 9.05
H2 7DA A 8 -1.79 6.42 2.03
HN61 7DA A 8 -3.75 2.67 0.22
HN62 7DA A 8 -4.41 1.83 1.60
H7 7DA A 8 -5.21 1.89 3.84
H8 7DA A 8 -4.73 2.56 6.45
H2' 7DA A 8 -5.36 4.47 7.45
H2'' 7DA A 8 -5.21 6.11 6.85
H5' 7DA A 8 -1.92 3.43 10.18
H5'' 7DA A 8 -2.97 4.46 11.16
H4' 7DA A 8 -2.17 5.75 9.27
H1' 7DA A 8 -2.84 5.92 6.46
H1 7DA A 8 -5.05 5.30 9.56
P 7GU A 9 -5.38 8.15 9.05
OP1 7GU A 9 -5.10 9.20 10.07
OP2 7GU A 9 -6.65 7.40 9.12
O5' 7GU A 9 -5.27 8.83 7.58
N9 7GU A 9 -5.57 7.75 3.29
C4 7GU A 9 -5.42 7.37 2.00
N3 7GU A 9 -4.83 8.05 0.96
C2 7GU A 9 -4.92 7.34 -0.22
N2 7GU A 9 -4.33 7.98 -1.25
N1 7GU A 9 -5.48 6.13 -0.48
C6 7GU A 9 -6.08 5.42 0.55
O6 7GU A 9 -6.60 4.35 0.37
C5 7GU A 9 -6.01 6.11 1.86
C7 7GU A 9 -6.53 5.69 3.15
C8 7GU A 9 -6.22 6.80 4.03
C2' 7GU A 9 -6.25 9.83 4.45
C5' 7GU A 9 -4.13 9.65 7.23
C4' 7GU A 9 -4.22 10.12 5.75
O4' 7GU A 9 -4.11 8.96 4.89
C1' 7GU A 9 -5.09 9.03 3.83
C3' 7GU A 9 -5.54 10.84 5.37
O3' 7GU A 9 -5.21 12.07 4.68
HN21 7GU A 9 -3.78 8.80 -1.02
HN22 7GU A 9 -4.07 7.43 -2.06
H7 7GU A 9 -7.05 4.77 3.39
H8 7GU A 9 -6.47 6.92 5.08
H2' 7GU A 9 -6.89 9.19 5.08
H2'' 7GU A 9 -6.88 10.28 3.68
H5' 7GU A 9 -3.19 9.09 7.36
H5'' 7GU A 9 -4.09 10.54 7.87
H4' 7GU A 9 -3.37 10.78 5.56
H1' 7GU A 9 -4.67 9.63 3.01
H3' 7GU A 9 -6.14 11.04 6.27
O5' 7GU B 1 -17.18 0.01 5.52
N9 7GU B 1 -17.59 1.79 1.67
C4 7GU B 1 -17.64 2.42 0.47
N3 7GU B 1 -18.15 1.99 -0.74
C2 7GU B 1 -18.02 2.95 -1.71
N2 7GU B 1 -18.50 2.55 -2.91
N1 7GU B 1 -17.54 4.22 -1.65
C6 7GU B 1 -17.04 4.70 -0.45
O6 7GU B 1 -16.63 5.84 -0.32
C5 7GU B 1 -17.10 3.69 0.66
C7 7GU B 1 -16.70 3.86 2.05
C8 7GU B 1 -17.06 2.58 2.65
C2' 7GU B 1 -16.98 -0.57 2.13
C5' 7GU B 1 -18.44 -0.67 5.31
C4' 7GU B 1 -18.74 -0.94 3.80
O4' 7GU B 1 -18.93 0.33 3.13
C1' 7GU B 1 -18.13 0.45 1.94
C3' 7GU B 1 -17.58 -1.64 3.06
O3' 7GU B 1 -18.12 -2.75 2.29
HN21 7GU B 1 -18.67 1.55 -3.02
HN22 7GU B 1 -18.23 3.08 -3.72
H7 7GU B 1 -16.26 4.72 2.52
H8 7GU B 1 -16.95 2.28 3.69
H2' 7GU B 1 -16.13 -0.09 2.63
H2'' 7GU B 1 -16.64 -0.96 1.17
H5' 7GU B 1 -19.27 -0.09 5.73
H5'' 7GU B 1 -18.43 -1.63 5.82
H4' 7GU B 1 -19.65 -1.53 3.73
H1' 7GU B 1 -18.74 0.12 1.08
H3' 7GU B 1 -16.83 -2.00 3.77
HO5' 7GU B 1 -17.05 0.13 6.48
P 7GU B 2 -17.19 -3.92 1.64
OP1 7GU B 2 -18.04 -5.12 1.45
OP2 7GU B 2 -15.96 -4.05 2.46
O5' 7GU B 2 -16.77 -3.34 0.20
N9 7GU B 2 -15.02 0.47 -1.83
C4 7GU B 2 -14.84 1.66 -2.49
N3 7GU B 2 -15.16 2.00 -3.78
C2 7GU B 2 -14.83 3.29 -4.05
N2 7GU B 2 -15.13 3.67 -5.31
N1 7GU B 2 -14.29 4.26 -3.25
C6 7GU B 2 -13.98 3.95 -1.94
O6 7GU B 2 -13.50 4.78 -1.17
C5 7GU B 2 -14.28 2.54 -1.57
C7 7GU B 2 -14.10 1.88 -0.29
C8 7GU B 2 -14.60 0.54 -0.53
C2' 7GU B 2 -14.79 -1.96 -2.39
C5' 7GU B 2 -17.74 -3.22 -0.87
C4' 7GU B 2 -17.14 -2.52 -2.11
O4' 7GU B 2 -16.89 -1.13 -1.81
C1' 7GU B 2 -15.67 -0.69 -2.44
C3' 7GU B 2 -15.77 -3.11 -2.60
O3' 7GU B 2 -15.91 -3.46 -4.00
HN21 7GU B 2 -15.16 4.66 -5.52
HN22 7GU B 2 -15.64 3.02 -5.89
H7 7GU B 2 -13.72 2.30 0.63
H8 7GU B 2 -14.68 -0.27 0.18
H2' 7GU B 2 -14.31 -2.06 -1.41
H2'' 7GU B 2 -14.00 -1.92 -3.15
H5' 7GU B 2 -18.61 -2.64 -0.53
H5'' 7GU B 2 -18.10 -4.21 -1.17
H4' 7GU B 2 -17.87 -2.58 -2.93
H1' 7GU B 2 -15.87 -0.47 -3.49
H3' 7GU B 2 -15.49 -3.99 -2.01
P 7DA B 3 -14.72 -4.15 -4.86
OP1 7DA B 3 -15.35 -5.08 -5.84
OP2 7DA B 3 -13.70 -4.70 -3.93
O5' 7DA B 3 -14.06 -2.92 -5.68
N9 7DA B 3 -11.92 0.96 -5.05
C4 7DA B 3 -11.50 2.24 -4.85
N3 7DA B 3 -11.39 3.29 -5.72
C2 7DA B 3 -10.93 4.45 -5.10
N1 7DA B 3 -10.62 4.67 -3.77
C6 7DA B 3 -10.75 3.57 -2.97
N6 7DA B 3 -10.44 3.69 -1.63
C5 7DA B 3 -11.18 2.35 -3.50
C7 7DA B 3 -11.40 1.08 -2.83
C8 7DA B 3 -11.90 0.23 -3.91
C2' 7DA B 3 -11.64 -0.75 -6.83
C5' 7DA B 3 -14.81 -2.21 -6.70
C4' 7DA B 3 -14.00 -1.03 -7.30
O4' 7DA B 3 -13.80 -0.02 -6.28
C1' 7DA B 3 -12.44 0.46 -6.33
C3' 7DA B 3 -12.61 -1.42 -7.84
O3' 7DA B 3 -12.48 -0.84 -9.18
H2 7DA B 3 -10.82 5.31 -5.74
HN61 7DA B 3 -10.24 4.60 -1.24
HN62 7DA B 3 -10.62 2.92 -1.01
H7 7DA B 3 -11.35 0.84 -1.78
H8 7DA B 3 -12.22 -0.81 -3.83
H2' 7DA B 3 -11.45 -1.45 -6.01
H2'' 7DA B 3 -10.68 -0.46 -7.25
H5' 7DA B 3 -15.74 -1.81 -6.27
H5'' 7DA B 3 -15.09 -2.90 -7.50
H4' 7DA B 3 -14.60 -0.59 -8.11
H1' 7DA B 3 -12.38 1.25 -7.08
H1 7DA B 3 -12.46 -2.50 -7.86
P 7GU B 7 4.58 9.03 -4.70
OP1 7GU B 7 5.08 10.43 -4.88
OP2 7GU B 7 4.92 8.03 -5.73
O5' 7GU B 7 5.08 8.48 -3.27
N9 7GU B 7 4.47 4.97 -0.24
C4 7GU B 7 4.02 4.22 0.81
N3 7GU B 7 4.11 4.46 2.15
C2 7GU B 7 3.57 3.44 2.88
N2 7GU B 7 3.69 3.62 4.22
N1 7GU B 7 2.98 2.28 2.47
C6 7GU B 7 2.85 2.01 1.12
O6 7GU B 7 2.33 1.00 0.70
C5 7GU B 7 3.43 3.07 0.26
C7 7GU B 7 3.53 3.13 -1.19
C8 7GU B 7 4.21 4.39 -1.44
C2' 7GU B 7 6.51 6.30 -0.78
C5' 7GU B 7 5.00 9.29 -2.07
C4' 7GU B 7 5.42 8.49 -0.83
O4' 7GU B 7 4.47 7.43 -0.58
C1' 7GU B 7 5.15 6.27 -0.06
C3' 7GU B 7 6.82 7.81 -0.91
O3' 7GU B 7 7.63 8.30 0.20
HN21 7GU B 7 4.32 4.35 4.50
HN22 7GU B 7 3.62 2.80 4.80
H7 7GU B 7 3.15 2.40 -1.91
H8 7GU B 7 4.51 4.79 -2.40
H2' 7GU B 7 6.43 5.87 -1.78
H2'' 7GU B 7 7.26 5.74 -0.22
H5' 7GU B 7 3.98 9.67 -1.93
H5'' 7GU B 7 5.66 10.17 -2.18
H4' 7GU B 7 5.41 9.17 0.04
H1' 7GU B 7 5.33 6.43 1.00
H3' 7GU B 7 7.31 8.02 -1.87
P 7DA B 8 9.16 7.84 0.46
OP1 7DA B 8 9.88 8.99 1.08
OP2 7DA B 8 9.72 7.25 -0.79
O5' 7DA B 8 9.02 6.67 1.58
N9 7DA B 8 7.14 2.54 2.49
C4 7DA B 8 6.40 1.45 2.84
N3 7DA B 8 6.00 0.99 4.07
C2 7DA B 8 5.24 -0.17 3.98
N1 7DA B 8 4.84 -0.87 2.85
C6 7DA B 8 5.31 -0.38 1.68
N6 7DA B 8 4.96 -1.02 0.52
C5 7DA B 8 6.09 0.78 1.67
C7 7DA B 8 6.68 1.47 0.53
C8 7DA B 8 7.32 2.62 1.14
C2' 7DA B 8 9.27 3.50 3.23
C5' 7DA B 8 8.51 6.98 2.90
C4' 7DA B 8 8.42 5.72 3.79
O4' 7DA B 8 7.36 4.85 3.27
C1' 7DA B 8 7.74 3.47 3.43
C3' 7DA B 8 9.71 4.84 3.84
O3' 7DA B 8 10.13 4.71 5.22
H2 7DA B 8 4.90 -0.57 4.93
HN61 7DA B 8 5.22 -0.61 -0.37
HN62 7DA B 8 4.37 -1.85 0.53
H7 7DA B 8 6.93 1.06 -0.44
H8 7DA B 8 7.90 3.40 0.64
H2' 7DA B 8 9.54 3.52 2.17
H2'' 7DA B 8 9.74 2.61 3.66
H5' 7DA B 8 7.52 7.44 2.84
H5'' 7DA B 8 9.19 7.69 3.38
H4' 7DA B 8 8.16 6.03 4.80
H1' 7DA B 8 7.53 3.16 4.46
H1 7DA B 8 10.50 5.29 3.23
P 7GU B 9 11.51 4.00 5.67
OP1 7GU B 9 12.07 4.76 6.82
OP2 7GU B 9 12.36 3.80 4.47
O5' 7GU B 9 11.00 2.56 6.18
N9 7GU B 9 8.97 -1.11 4.68
C4 7GU B 9 8.15 -2.11 4.30
N3 7GU B 9 7.40 -2.97 5.08
C2 7GU B 9 6.71 -3.88 4.30
N2 7GU B 9 5.95 -4.72 5.04
N1 7GU B 9 6.66 -4.04 2.95
C6 7GU B 9 7.39 -3.17 2.14
O6 7GU B 9 7.39 -3.28 0.93
C5 7GU B 9 8.17 -2.16 2.90
C7 7GU B 9 9.04 -1.10 2.40
C8 7GU B 9 9.54 -0.48 3.62
C2' 7GU B 9 10.76 -0.85 6.39
C5' 7GU B 9 10.18 2.44 7.36
C4' 7GU B 9 9.74 0.98 7.60
O4' 7GU B 9 8.90 0.55 6.51
C1' 7GU B 9 9.26 -0.78 6.08
C3' 7GU B 9 10.92 -0.04 7.67
O3' 7GU B 9 10.76 -0.85 8.87
HN21 7GU B 9 5.22 -5.24 4.56
HN22 7GU B 9 5.85 -4.52 6.02
H7 7GU B 9 9.24 -0.83 1.37
H8 7GU B 9 10.25 0.34 3.70
H2' 7GU B 9 11.35 -0.38 5.59
H2'' 7GU B 9 11.10 -1.89 6.47
H5' 7GU B 9 9.29 3.07 7.26
H5'' 7GU B 9 10.73 2.79 8.24
H4' 7GU B 9 9.17 0.93 8.54
H1' 7GU B 9 8.74 -1.49 6.73
H3' 7GU B 9 11.88 0.49 7.68
AG AG C . -13.11 6.09 -3.64
AG AG D . -9.34 6.32 -3.07
AG AG E . -2.92 5.01 -0.66
AG AG F . 2.14 0.50 3.48
AG AG G . 4.11 -2.97 2.90
AG AG H . 6.24 -5.76 1.62
AG AG I . 14.48 -10.99 -2.55
AG AG J . -16.90 5.73 -3.15
AG AG K . -6.30 5.18 -2.32
AG AG L . 0.27 3.96 1.60
AG AG M . 8.88 -7.63 1.08
AG AG N . 11.37 -9.79 -0.67
O5' 7GU A 1 16.65 -2.59 -10.87
N9 7GU A 1 14.16 -6.17 -7.97
C4 7GU A 1 13.80 -7.40 -7.50
N3 7GU A 1 13.20 -8.45 -8.15
C2 7GU A 1 13.03 -9.53 -7.31
N2 7GU A 1 12.42 -10.58 -7.91
N1 7GU A 1 13.39 -9.70 -6.01
C6 7GU A 1 14.01 -8.68 -5.33
O6 7GU A 1 14.38 -8.79 -4.18
C5 7GU A 1 14.19 -7.44 -6.16
C7 7GU A 1 14.82 -6.19 -5.79
C8 7GU A 1 14.77 -5.42 -7.02
C2' 7GU A 1 12.76 -4.80 -9.48
C5' 7GU A 1 15.26 -2.62 -10.51
C4' 7GU A 1 14.60 -3.98 -10.87
O4' 7GU A 1 15.07 -4.97 -9.92
C1' 7GU A 1 13.98 -5.74 -9.36
C3' 7GU A 1 13.06 -3.95 -10.73
O3' 7GU A 1 12.47 -4.53 -11.92
HN21 7GU A 1 11.96 -10.38 -8.79
HN22 7GU A 1 12.01 -11.29 -7.31
H7 7GU A 1 15.23 -5.91 -4.83
H8 7GU A 1 15.16 -4.42 -7.19
H2' 7GU A 1 12.69 -4.16 -8.61
H2'' 7GU A 1 11.84 -5.37 -9.57
H5' 7GU A 1 14.73 -1.83 -11.05
H5'' 7GU A 1 15.13 -2.42 -9.45
H4' 7GU A 1 14.87 -4.27 -11.89
H1' 7GU A 1 13.80 -6.61 -10.00
H3' 7GU A 1 12.71 -2.92 -10.57
HO5' 7GU A 1 17.02 -1.72 -10.64
P 7GU A 2 10.91 -4.31 -12.31
OP1 7GU A 2 10.79 -4.53 -13.78
OP2 7GU A 2 10.45 -3.01 -11.75
O5' 7GU A 2 10.13 -5.50 -11.54
N9 7GU A 2 9.73 -7.59 -7.37
C4 7GU A 2 9.85 -8.45 -6.31
N3 7GU A 2 9.49 -9.76 -6.21
C2 7GU A 2 9.80 -10.27 -4.96
N2 7GU A 2 9.49 -11.57 -4.84
N1 7GU A 2 10.40 -9.68 -3.89
C6 7GU A 2 10.77 -8.36 -3.97
O6 7GU A 2 11.33 -7.79 -3.05
C5 7GU A 2 10.46 -7.72 -5.28
C7 7GU A 2 10.73 -6.37 -5.73
C8 7GU A 2 10.25 -6.36 -7.10
C2' 7GU A 2 8.04 -7.18 -9.17
C5' 7GU A 2 10.23 -6.87 -11.99
C4' 7GU A 2 9.46 -7.83 -11.04
O4' 7GU A 2 10.17 -7.93 -9.78
C1' 7GU A 2 9.23 -8.02 -8.69
C3' 7GU A 2 8.01 -7.40 -10.70
O3' 7GU A 2 7.11 -8.47 -11.06
HN21 7GU A 2 9.94 -12.10 -4.09
HN22 7GU A 2 9.16 -12.06 -5.67
H7 7GU A 2 11.23 -5.58 -5.18
H8 7GU A 2 10.29 -5.54 -7.81
H2' 7GU A 2 8.19 -6.11 -8.96
H2'' 7GU A 2 7.10 -7.49 -8.68
H5' 7GU A 2 11.28 -7.19 -12.04
H5'' 7GU A 2 9.80 -6.98 -12.99
H4' 7GU A 2 9.44 -8.82 -11.49
H1' 7GU A 2 8.90 -9.06 -8.61
H3' 7GU A 2 7.75 -6.47 -11.21
P 7DA A 3 5.50 -8.35 -10.97
OP1 7DA A 3 4.91 -9.17 -12.06
OP2 7DA A 3 5.13 -6.91 -10.87
O5' 7DA A 3 5.14 -9.05 -9.55
N9 7DA A 3 6.12 -8.78 -5.15
C4 7DA A 3 6.66 -8.85 -3.90
N3 7DA A 3 6.64 -9.87 -2.99
C2 7DA A 3 7.28 -9.53 -1.80
N1 7DA A 3 7.92 -8.35 -1.46
C6 7DA A 3 7.90 -7.40 -2.42
N6 7DA A 3 8.52 -6.19 -2.14
C5 7DA A 3 7.28 -7.63 -3.64
C7 7DA A 3 7.15 -6.77 -4.80
C8 7DA A 3 6.38 -7.57 -5.74
C2' 7DA A 3 4.00 -9.46 -6.24
C5' 7DA A 3 5.30 -10.48 -9.37
C4' 7DA A 3 5.01 -10.91 -7.90
O4' 7DA A 3 6.02 -10.34 -7.04
C1' 7DA A 3 5.42 -9.87 -5.81
C3' 7DA A 3 3.64 -10.46 -7.35
O3' 7DA A 3 2.93 -11.62 -6.84
H2 7DA A 3 7.29 -10.30 -1.05
HN61 7DA A 3 8.54 -5.47 -2.85
HN62 7DA A 3 8.95 -6.02 -1.25
H7 7DA A 3 7.62 -5.80 -5.00
H8 7DA A 3 6.08 -7.29 -6.75
H2' 7DA A 3 3.99 -8.44 -6.65
H2'' 7DA A 3 3.31 -9.47 -5.38
H5' 7DA A 3 6.33 -10.78 -9.62
H5'' 7DA A 3 4.62 -11.02 -10.03
H4' 7DA A 3 5.08 -12.00 -7.84
H1' 7DA A 3 5.34 -10.72 -5.12
H1 7DA A 3 3.05 -9.96 -8.14
P 7GU A 7 -2.56 -4.25 10.23
OP1 7GU A 7 -2.50 -4.50 11.70
OP2 7GU A 7 -3.73 -4.80 9.48
O5' 7GU A 7 -2.51 -2.66 9.97
N9 7GU A 7 -1.87 0.66 6.67
C4 7GU A 7 -1.31 1.61 5.86
N3 7GU A 7 -0.67 2.77 6.19
C2 7GU A 7 -0.28 3.47 5.08
N2 7GU A 7 0.31 4.65 5.38
N1 7GU A 7 -0.39 3.16 3.77
C6 7GU A 7 -1.00 1.97 3.39
O6 7GU A 7 -1.12 1.62 2.22
C5 7GU A 7 -1.49 1.18 4.54
C7 7GU A 7 -2.19 -0.10 4.54
C8 7GU A 7 -2.41 -0.37 5.95
C2' 7GU A 7 -3.30 0.64 8.72
C5' 7GU A 7 -1.58 -1.81 10.71
C4' 7GU A 7 -1.64 -0.35 10.21
O4' 7GU A 7 -1.16 -0.27 8.85
C1' 7GU A 7 -1.88 0.75 8.14
C3' 7GU A 7 -3.06 0.28 10.19
O3' 7GU A 7 -3.05 1.46 11.05
HN21 7GU A 7 0.19 4.97 6.33
HN22 7GU A 7 0.36 5.34 4.64
H7 7GU A 7 -2.49 -0.70 3.68
H8 7GU A 7 -2.95 -1.20 6.40
H2' 7GU A 7 -3.86 -0.16 8.24
H2'' 7GU A 7 -3.87 1.57 8.58
H5' 7GU A 7 -0.56 -2.18 10.59
H5'' 7GU A 7 -1.82 -1.83 11.77
H4' 7GU A 7 -1.00 0.25 10.85
H1' 7GU A 7 -1.47 1.73 8.44
H3' 7GU A 7 -3.81 -0.45 10.54
P 7DA A 8 -4.36 2.36 11.34
OP1 7DA A 8 -4.24 2.91 12.71
OP2 7DA A 8 -5.57 1.58 10.99
O5' 7DA A 8 -4.22 3.58 10.28
N9 7DA A 8 -3.78 4.62 5.76
C4 7DA A 8 -3.40 4.92 4.48
N3 7DA A 8 -2.71 5.99 3.98
C2 7DA A 8 -2.53 5.90 2.60
N1 7DA A 8 -2.92 4.91 1.72
C6 7DA A 8 -3.63 3.91 2.30
N6 7DA A 8 -4.08 2.88 1.49
C5 7DA A 8 -3.89 3.91 3.67
C7 7DA A 8 -4.62 2.94 4.48
C8 7DA A 8 -4.48 3.45 5.81
C2' 7DA A 8 -4.89 5.85 7.56
C5' 7DA A 8 -3.15 4.54 10.40
C4' 7DA A 8 -3.16 5.56 9.24
O4' 7DA A 8 -2.81 4.91 8.00
C1' 7DA A 8 -3.55 5.48 6.91
C3' 7DA A 8 -4.53 6.26 8.99
O3' 7DA A 8 -4.36 7.70 9.12
H2 7DA A 8 -1.98 6.73 2.15
HN61 7DA A 8 -4.48 2.06 1.91
HN62 7DA A 8 -3.83 2.85 0.51
H7 7DA A 8 -5.40 2.26 4.14
H8 7DA A 8 -4.90 3.03 6.73
H2' 7DA A 8 -5.56 4.98 7.62
H2'' 7DA A 8 -5.43 6.60 6.96
H5' 7DA A 8 -2.18 4.03 10.40
H5'' 7DA A 8 -3.23 5.08 11.35
H4' 7DA A 8 -2.40 6.33 9.46
H1' 7DA A 8 -3.05 6.41 6.59
H1 7DA A 8 -5.28 5.90 9.70
P 7GU A 9 -5.59 8.74 9.08
OP1 7GU A 9 -5.32 9.82 10.07
OP2 7GU A 9 -6.87 7.99 9.19
O5' 7GU A 9 -5.49 9.36 7.60
N9 7GU A 9 -5.74 8.10 3.34
C4 7GU A 9 -5.57 7.67 2.06
N3 7GU A 9 -4.93 8.30 1.02
C2 7GU A 9 -4.99 7.57 -0.13
N2 7GU A 9 -4.36 8.14 -1.17
N1 7GU A 9 -5.57 6.35 -0.37
C6 7GU A 9 -6.21 5.69 0.67
O6 7GU A 9 -6.75 4.59 0.51
C5 7GU A 9 -6.17 6.41 1.95
C7 7GU A 9 -6.71 6.03 3.25
C8 7GU A 9 -6.41 7.18 4.09
C2' 7GU A 9 -6.46 10.21 4.41
C5' 7GU A 9 -4.36 10.18 7.21
C4' 7GU A 9 -4.44 10.57 5.71
O4' 7GU A 9 -4.32 9.38 4.90
C1' 7GU A 9 -5.28 9.40 3.83
C3' 7GU A 9 -5.77 11.26 5.30
O3' 7GU A 9 -5.46 12.48 4.57
HN21 7GU A 9 -3.83 8.98 -0.98
HN22 7GU A 9 -4.12 7.58 -1.97
H7 7GU A 9 -7.22 5.11 3.51
H8 7GU A 9 -6.69 7.33 5.13
H2' 7GU A 9 -7.11 9.60 5.03
H2'' 7GU A 9 -7.08 10.64 3.61
H5' 7GU A 9 -3.42 9.65 7.39
H5'' 7GU A 9 -4.34 11.10 7.81
H4' 7GU A 9 -3.60 11.25 5.49
H1' 7GU A 9 -4.86 9.97 3.00
H3' 7GU A 9 -6.39 11.48 6.18
O5' 7GU B 1 -18.65 -0.26 5.91
N9 7GU B 1 -18.05 1.94 1.39
C4 7GU B 1 -17.93 2.44 0.12
N3 7GU B 1 -18.31 1.89 -1.07
C2 7GU B 1 -18.02 2.71 -2.13
N2 7GU B 1 -18.36 2.20 -3.33
N1 7GU B 1 -17.50 3.97 -2.15
C6 7GU B 1 -17.13 4.57 -0.95
O6 7GU B 1 -16.71 5.72 -0.90
C5 7GU B 1 -17.33 3.69 0.24
C7 7GU B 1 -17.08 3.99 1.64
C8 7GU B 1 -17.57 2.81 2.32
C2' 7GU B 1 -17.79 -0.51 1.46
C5' 7GU B 1 -18.02 -0.85 4.75
C4' 7GU B 1 -18.98 -0.85 3.54
O4' 7GU B 1 -19.14 0.51 3.10
C1' 7GU B 1 -18.72 0.68 1.71
C3' 7GU B 1 -18.38 -1.63 2.33
O3' 7GU B 1 -19.48 -2.28 1.63
HN21 7GU B 1 -17.97 2.63 -4.15
HN22 7GU B 1 -18.58 1.21 -3.35
H7 7GU B 1 -16.63 4.88 2.06
H8 7GU B 1 -17.59 2.63 3.40
H2' 7GU B 1 -16.77 -0.28 1.79
H2'' 7GU B 1 -17.75 -0.78 0.39
H5' 7GU B 1 -17.73 -1.89 4.97
H5'' 7GU B 1 -17.10 -0.30 4.49
H4' 7GU B 1 -19.94 -1.28 3.82
H1' 7GU B 1 -19.60 0.57 1.07
H3' 7GU B 1 -17.62 -2.34 2.66
HO5' 7GU B 1 -18.90 0.65 5.70
P 7GU B 2 -19.31 -3.68 0.84
OP1 7GU B 2 -20.67 -4.10 0.42
OP2 7GU B 2 -18.50 -4.60 1.69
O5' 7GU B 2 -18.48 -3.33 -0.50
N9 7GU B 2 -14.82 0.25 -1.86
C4 7GU B 2 -14.63 1.40 -2.58
N3 7GU B 2 -14.79 1.63 -3.92
C2 7GU B 2 -14.49 2.93 -4.25
N2 7GU B 2 -14.67 3.20 -5.55
N1 7GU B 2 -14.12 3.97 -3.46
C6 7GU B 2 -13.97 3.78 -2.10
O6 7GU B 2 -13.63 4.68 -1.35
C5 7GU B 2 -14.24 2.39 -1.66
C7 7GU B 2 -14.22 1.82 -0.32
C8 7GU B 2 -14.61 0.44 -0.53
C2' 7GU B 2 -14.27 -2.15 -2.21
C5' 7GU B 2 -17.04 -3.49 -0.59
C4' 7GU B 2 -16.55 -2.98 -1.96
O4' 7GU B 2 -16.52 -1.53 -1.93
C1' 7GU B 2 -15.28 -1.01 -2.45
C3' 7GU B 2 -15.11 -3.43 -2.32
O3' 7GU B 2 -15.10 -3.96 -3.67
HN21 7GU B 2 -14.73 4.17 -5.84
HN22 7GU B 2 -15.09 2.49 -6.13
H7 7GU B 2 -14.01 2.34 0.61
H8 7GU B 2 -14.72 -0.33 0.23
H2' 7GU B 2 -13.82 -2.08 -1.22
H2'' 7GU B 2 -13.46 -2.12 -2.96
H5' 7GU B 2 -16.78 -4.56 -0.49
H5'' 7GU B 2 -16.52 -2.94 0.21
H4' 7GU B 2 -17.25 -3.32 -2.76
H1' 7GU B 2 -15.38 -0.87 -3.54
H3' 7GU B 2 -14.75 -4.18 -1.60
P 7DA B 3 -13.81 -4.69 -4.32
OP1 7DA B 3 -14.30 -5.72 -5.27
OP2 7DA B 3 -12.90 -5.11 -3.22
O5' 7DA B 3 -13.07 -3.52 -5.16
N9 7DA B 3 -11.30 0.54 -4.61
C4 7DA B 3 -11.06 1.88 -4.47
N3 7DA B 3 -10.97 2.87 -5.40
C2 7DA B 3 -10.70 4.11 -4.83
N1 7DA B 3 -10.55 4.45 -3.50
C6 7DA B 3 -10.66 3.40 -2.63
N6 7DA B 3 -10.50 3.64 -1.29
C5 7DA B 3 -10.92 2.11 -3.11
C7 7DA B 3 -11.09 0.87 -2.36
C8 7DA B 3 -11.33 -0.10 -3.41
C2' 7DA B 3 -10.58 -1.27 -6.15
C5' 7DA B 3 -13.67 -2.98 -6.37
C4' 7DA B 3 -12.82 -1.83 -6.95
O4' 7DA B 3 -12.85 -0.71 -6.03
C1' 7DA B 3 -11.55 -0.10 -5.90
C3' 7DA B 3 -11.32 -2.16 -7.17
O3' 7DA B 3 -10.96 -1.82 -8.54
H2 7DA B 3 -10.60 4.93 -5.53
HN61 7DA B 3 -10.35 4.59 -0.94
HN62 7DA B 3 -10.62 2.89 -0.62
H7 7DA B 3 -11.17 0.73 -1.29
H8 7DA B 3 -11.51 -1.17 -3.29
H2' 7DA B 3 -10.42 -1.86 -5.24
H2'' 7DA B 3 -9.60 -0.93 -6.48
H5' 7DA B 3 -14.68 -2.60 -6.16
H5'' 7DA B 3 -13.77 -3.77 -7.12
H4' 7DA B 3 -13.27 -1.51 -7.90
H1' 7DA B 3 -11.41 0.62 -6.71
H1 7DA B 3 -11.13 -3.23 -6.98
P 7GU B 7 4.53 9.13 -4.42
OP1 7GU B 7 5.02 10.53 -4.52
OP2 7GU B 7 4.91 8.17 -5.49
O5' 7GU B 7 5.02 8.52 -3.01
N9 7GU B 7 4.36 4.99 0.12
C4 7GU B 7 3.90 4.29 1.20
N3 7GU B 7 4.01 4.58 2.53
C2 7GU B 7 3.41 3.62 3.32
N2 7GU B 7 3.50 3.88 4.64
N1 7GU B 7 2.74 2.50 2.96
C6 7GU B 7 2.60 2.17 1.62
O6 7GU B 7 2.01 1.18 1.24
C5 7GU B 7 3.25 3.15 0.70
C7 7GU B 7 3.30 3.16 -0.74
C8 7GU B 7 4.04 4.38 -1.06
C2' 7GU B 7 6.42 6.25 -0.53
C5' 7GU B 7 4.95 9.31 -1.79
C4' 7GU B 7 5.39 8.45 -0.56
O4' 7GU B 7 4.42 7.42 -0.30
C1' 7GU B 7 5.08 6.26 0.23
C3' 7GU B 7 6.76 7.74 -0.71
O3' 7GU B 7 7.64 8.23 0.33
HN21 7GU B 7 3.86 4.79 4.89
HN22 7GU B 7 2.81 3.45 5.24
H7 7GU B 7 2.86 2.44 -1.42
H8 7GU B 7 4.32 4.74 -2.04
H2' 7GU B 7 6.30 5.79 -1.52
H2'' 7GU B 7 7.18 5.67 0.01
H5' 7GU B 7 3.93 9.67 -1.62
H5'' 7GU B 7 5.61 10.17 -1.87
H4' 7GU B 7 5.43 9.12 0.31
H1' 7GU B 7 5.31 6.46 1.29
H3' 7GU B 7 7.19 7.92 -1.70
P 7DA B 8 9.19 7.75 0.48
OP1 7DA B 8 9.96 8.87 1.07
OP2 7DA B 8 9.65 7.17 -0.81
O5' 7DA B 8 9.10 6.55 1.58
N9 7DA B 8 6.99 2.45 2.56
C4 7DA B 8 6.23 1.40 2.99
N3 7DA B 8 5.92 0.98 4.25
C2 7DA B 8 5.08 -0.14 4.25
N1 7DA B 8 4.56 -0.84 3.18
C6 7DA B 8 4.95 -0.37 1.97
N6 7DA B 8 4.46 -1.02 0.84
C5 7DA B 8 5.78 0.73 1.86
C7 7DA B 8 6.32 1.37 0.66
C8 7DA B 8 7.07 2.49 1.20
C2' 7DA B 8 9.23 3.26 3.11
C5' 7DA B 8 8.71 6.82 2.94
C4' 7DA B 8 8.59 5.51 3.76
O4' 7DA B 8 7.45 4.75 3.30
C1' 7DA B 8 7.73 3.34 3.43
C3' 7DA B 8 9.81 4.56 3.69
O3' 7DA B 8 10.35 4.38 5.02
H2 7DA B 8 4.81 -0.52 5.23
HN61 7DA B 8 4.68 -0.64 -0.06
HN62 7DA B 8 3.85 -1.81 0.92
H7 7DA B 8 6.46 0.94 -0.32
H8 7DA B 8 7.66 3.21 0.64
H2' 7DA B 8 9.42 3.26 2.03
H2'' 7DA B 8 9.66 2.32 3.50
H5' 7DA B 8 7.74 7.34 2.96
H5'' 7DA B 8 9.45 7.46 3.42
H4' 7DA B 8 8.41 5.78 4.81
H1' 7DA B 8 7.58 3.05 4.47
H1 7DA B 8 10.58 4.96 3.01
P 7GU B 9 11.75 3.61 5.30
OP1 7GU B 9 12.44 4.31 6.42
OP2 7GU B 9 12.47 3.41 4.02
O5' 7GU B 9 11.26 2.16 5.84
N9 7GU B 9 8.89 -1.40 4.56
C4 7GU B 9 7.96 -2.36 4.28
N3 7GU B 9 7.30 -3.21 5.14
C2 7GU B 9 6.48 -4.07 4.45
N2 7GU B 9 5.78 -4.89 5.27
N1 7GU B 9 6.24 -4.20 3.12
C6 7GU B 9 6.86 -3.34 2.24
O6 7GU B 9 6.69 -3.41 1.03
C5 7GU B 9 7.78 -2.36 2.89
C7 7GU B 9 8.60 -1.33 2.29
C8 7GU B 9 9.31 -0.75 3.43
C2' 7GU B 9 10.93 -1.25 5.97
C5' 7GU B 9 10.58 2.04 7.11
C4' 7GU B 9 10.16 0.57 7.38
O4' 7GU B 9 9.15 0.19 6.42
C1' 7GU B 9 9.39 -1.12 5.91
C3' 7GU B 9 11.31 -0.47 7.24
O3' 7GU B 9 11.32 -1.32 8.41
HN21 7GU B 9 4.95 -5.32 4.89
HN22 7GU B 9 5.82 -4.71 6.27
H7 7GU B 9 8.67 -1.04 1.26
H8 7GU B 9 10.06 0.03 3.43
H2' 7GU B 9 11.40 -0.78 5.10
H2'' 7GU B 9 11.24 -2.31 5.98
H5' 7GU B 9 9.68 2.67 7.12
H5'' 7GU B 9 11.24 2.37 7.92
H4' 7GU B 9 9.74 0.50 8.38
H1' 7GU B 9 8.97 -1.86 6.60
H3' 7GU B 9 12.27 0.04 7.10
AG AG C . -12.98 5.85 -3.84
AG AG D . -9.39 6.21 -2.83
AG AG E . -3.03 5.16 -0.48
AG AG F . 1.96 0.72 4.04
AG AG G . 3.76 -2.91 3.30
AG AG H . 5.60 -5.90 1.85
AG AG I . 12.91 -11.13 -4.41
AG AG J . -16.72 5.35 -3.71
AG AG K . -6.29 5.32 -2.21
AG AG L . 0.11 4.16 1.85
AG AG M . 8.13 -7.68 0.64
AG AG N . 10.26 -10.00 -1.73
O5' 7GU A 1 17.67 -1.13 -7.95
N9 7GU A 1 16.26 -5.61 -6.28
C4 7GU A 1 15.80 -6.82 -5.87
N3 7GU A 1 15.37 -7.90 -6.60
C2 7GU A 1 15.02 -8.97 -5.80
N2 7GU A 1 14.58 -10.04 -6.49
N1 7GU A 1 15.10 -9.10 -4.44
C6 7GU A 1 15.53 -8.04 -3.67
O6 7GU A 1 15.67 -8.14 -2.47
C5 7GU A 1 15.88 -6.83 -4.47
C7 7GU A 1 16.40 -5.56 -4.00
C8 7GU A 1 16.62 -4.82 -5.23
C2' 7GU A 1 15.08 -4.82 -8.32
C5' 7GU A 1 16.45 -1.85 -8.27
C4' 7GU A 1 16.76 -3.21 -8.95
O4' 7GU A 1 17.30 -4.11 -7.95
C1' 7GU A 1 16.42 -5.23 -7.68
C3' 7GU A 1 15.48 -3.91 -9.48
O3' 7GU A 1 15.83 -4.71 -10.64
HN21 7GU A 1 14.11 -10.77 -5.98
HN22 7GU A 1 14.36 -9.91 -7.47
H7 7GU A 1 16.60 -5.25 -2.98
H8 7GU A 1 17.04 -3.82 -5.33
H2' 7GU A 1 14.48 -4.25 -7.59
H2'' 7GU A 1 14.50 -5.69 -8.63
H5' 7GU A 1 15.84 -1.25 -8.96
H5'' 7GU A 1 15.86 -2.02 -7.36
H4' 7GU A 1 17.47 -3.06 -9.77
H1' 7GU A 1 16.80 -6.10 -8.24
H3' 7GU A 1 14.70 -3.18 -9.71
HO5' 7GU A 1 17.43 -0.29 -7.54
P 7GU A 2 14.81 -4.98 -11.85
OP1 7GU A 2 15.57 -5.69 -12.91
OP2 7GU A 2 14.12 -3.71 -12.19
O5' 7GU A 2 13.71 -6.03 -11.26
N9 7GU A 2 11.56 -6.95 -6.51
C4 7GU A 2 11.56 -7.81 -5.45
N3 7GU A 2 11.22 -9.14 -5.40
C2 7GU A 2 11.37 -9.66 -4.15
N2 7GU A 2 11.08 -10.97 -4.06
N1 7GU A 2 11.79 -9.07 -2.99
C6 7GU A 2 12.14 -7.73 -3.01
O6 7GU A 2 12.51 -7.15 -2.00
C5 7GU A 2 12.00 -7.09 -4.33
C7 7GU A 2 12.28 -5.72 -4.73
C8 7GU A 2 11.99 -5.71 -6.15
C2' 7GU A 2 10.03 -6.54 -8.42
C5' 7GU A 2 12.44 -5.61 -10.74
C4' 7GU A 2 11.69 -6.85 -10.17
O4' 7GU A 2 12.24 -7.15 -8.86
C1' 7GU A 2 11.21 -7.36 -7.87
C3' 7GU A 2 10.18 -6.60 -9.95
O3' 7GU A 2 9.44 -7.71 -10.51
HN21 7GU A 2 10.90 -11.46 -4.94
HN22 7GU A 2 11.38 -11.49 -3.26
H7 7GU A 2 12.68 -4.93 -4.11
H8 7GU A 2 12.09 -4.87 -6.83
H2' 7GU A 2 10.07 -5.48 -8.10
H2'' 7GU A 2 9.07 -6.95 -8.08
H5' 7GU A 2 11.85 -5.16 -11.55
H5'' 7GU A 2 12.56 -4.86 -9.95
H4' 7GU A 2 11.83 -7.70 -10.85
H1' 7GU A 2 10.91 -8.40 -7.88
H3' 7GU A 2 9.86 -5.65 -10.41
P 7DA A 3 7.82 -7.74 -10.62
OP1 7DA A 3 7.45 -8.52 -11.83
OP2 7DA A 3 7.31 -6.34 -10.50
O5' 7DA A 3 7.33 -8.55 -9.31
N9 7DA A 3 7.62 -8.45 -4.86
C4 7DA A 3 8.00 -8.55 -3.55
N3 7DA A 3 7.93 -9.60 -2.68
C2 7DA A 3 8.40 -9.28 -1.42
N1 7DA A 3 8.91 -8.08 -0.95
C6 7DA A 3 8.95 -7.09 -1.88
N6 7DA A 3 9.46 -5.87 -1.49
C5 7DA A 3 8.51 -7.30 -3.18
C7 7DA A 3 8.47 -6.39 -4.32
C8 7DA A 3 7.89 -7.21 -5.37
C2' 7DA A 3 5.73 -9.19 -6.28
C5' 7DA A 3 7.58 -9.98 -9.18
C4' 7DA A 3 7.08 -10.51 -7.81
O4' 7DA A 3 7.89 -9.96 -6.76
C1' 7DA A 3 7.08 -9.55 -5.64
C3' 7DA A 3 5.60 -10.16 -7.47
O3' 7DA A 3 4.89 -11.38 -7.10
H2 7DA A 3 8.38 -10.08 -0.69
HN61 7DA A 3 9.55 -5.13 -2.18
HN62 7DA A 3 9.85 -5.73 -0.56
H7 7DA A 3 8.89 -5.41 -4.40
H8 7DA A 3 7.68 -6.91 -6.40
H2' 7DA A 3 5.73 -8.17 -6.66
H2'' 7DA A 3 4.91 -9.27 -5.56
H5' 7DA A 3 8.65 -10.18 -9.26
H5'' 7DA A 3 7.07 -10.51 -9.98
H4' 7DA A 3 7.20 -11.61 -7.82
H1' 7DA A 3 6.93 -10.42 -4.99
H1 7DA A 3 5.11 -9.67 -8.32
P 7GU A 7 -2.48 -4.92 9.66
OP1 7GU A 7 -2.47 -5.25 11.11
OP2 7GU A 7 -3.60 -5.45 8.83
O5' 7GU A 7 -2.46 -3.31 9.50
N9 7GU A 7 -1.91 0.11 6.36
C4 7GU A 7 -1.31 1.05 5.56
N3 7GU A 7 -0.65 2.18 5.92
C2 7GU A 7 -0.19 2.86 4.82
N2 7GU A 7 0.50 3.99 5.13
N1 7GU A 7 -0.27 2.56 3.50
C6 7GU A 7 -0.94 1.42 3.10
O6 7GU A 7 -1.05 1.09 1.93
C5 7GU A 7 -1.49 0.62 4.24
C7 7GU A 7 -2.23 -0.63 4.21
C8 7GU A 7 -2.46 -0.90 5.62
C2' 7GU A 7 -3.31 0.01 8.42
C5' 7GU A 7 -1.55 -2.50 10.28
C4' 7GU A 7 -1.63 -1.02 9.85
O4' 7GU A 7 -1.15 -0.87 8.50
C1' 7GU A 7 -1.91 0.16 7.82
C3' 7GU A 7 -3.06 -0.39 9.88
O3' 7GU A 7 -3.05 0.76 10.77
HN21 7GU A 7 0.68 4.12 6.13
HN22 7GU A 7 1.20 4.30 4.48
H7 7GU A 7 -2.50 -1.21 3.35
H8 7GU A 7 -3.00 -1.76 6.04
H2' 7GU A 7 -3.87 -0.79 7.92
H2'' 7GU A 7 -3.88 0.94 8.31
H5' 7GU A 7 -0.52 -2.84 10.15
H5'' 7GU A 7 -1.80 -2.57 11.35
H4' 7GU A 7 -0.98 -0.43 10.51
H1' 7GU A 7 -1.51 1.14 8.13
H3' 7GU A 7 -3.80 -1.13 10.21
P 7DA A 8 -4.35 1.65 11.09
OP1 7DA A 8 -4.25 2.14 12.48
OP2 7DA A 8 -5.58 0.90 10.69
O5' 7DA A 8 -4.20 2.91 10.09
N9 7DA A 8 -3.72 4.05 5.62
C4 7DA A 8 -3.34 4.36 4.35
N3 7DA A 8 -2.60 5.41 3.86
C2 7DA A 8 -2.41 5.34 2.48
N1 7DA A 8 -2.85 4.36 1.59
C6 7DA A 8 -3.60 3.39 2.15
N6 7DA A 8 -4.08 2.38 1.33
C5 7DA A 8 -3.85 3.37 3.52
C7 7DA A 8 -4.63 2.43 4.31
C8 7DA A 8 -4.47 2.92 5.66
C2' 7DA A 8 -4.79 5.30 7.44
C5' 7DA A 8 -3.10 3.85 10.25
C4' 7DA A 8 -3.06 4.91 9.11
O4' 7DA A 8 -2.74 4.25 7.87
C1' 7DA A 8 -3.45 4.88 6.79
C3' 7DA A 8 -4.40 5.67 8.89
O3' 7DA A 8 -4.14 7.08 9.05
H2 7DA A 8 -1.83 6.13 2.04
HN61 7DA A 8 -3.84 2.35 0.35
HN62 7DA A 8 -4.55 1.58 1.74
H7 7DA A 8 -5.43 1.79 3.97
H8 7DA A 8 -4.93 2.50 6.56
H2' 7DA A 8 -5.49 4.47 7.50
H2'' 7DA A 8 -5.27 6.09 6.86
H5' 7DA A 8 -2.14 3.31 10.25
H5'' 7DA A 8 -3.19 4.37 11.21
H4' 7DA A 8 -2.27 5.63 9.35
H1' 7DA A 8 -2.91 5.79 6.48
H1 7DA A 8 -5.16 5.32 9.59
P 7GU A 9 -5.32 8.19 9.02
OP1 7GU A 9 -4.99 9.24 10.01
OP2 7GU A 9 -6.64 7.52 9.10
O5' 7GU A 9 -5.18 8.83 7.55
N9 7GU A 9 -5.49 7.66 3.26
C4 7GU A 9 -5.34 7.24 1.98
N3 7GU A 9 -4.68 7.84 0.93
C2 7GU A 9 -4.78 7.13 -0.22
N2 7GU A 9 -4.11 7.67 -1.25
N1 7GU A 9 -5.41 5.94 -0.47
C6 7GU A 9 -6.08 5.30 0.55
O6 7GU A 9 -6.65 4.23 0.40
C5 7GU A 9 -6.01 6.02 1.86
C7 7GU A 9 -6.58 5.66 3.15
C8 7GU A 9 -6.20 6.76 4.01
C2' 7GU A 9 -6.08 9.79 4.38
C5' 7GU A 9 -4.00 9.58 7.17
C4' 7GU A 9 -4.05 10.01 5.68
O4' 7GU A 9 -4.00 8.82 4.85
C1' 7GU A 9 -4.96 8.92 3.78
C3' 7GU A 9 -5.34 10.78 5.28
O3' 7GU A 9 -4.95 11.98 4.58
HN21 7GU A 9 -3.53 8.48 -1.05
HN22 7GU A 9 -3.90 7.10 -2.06
H7 7GU A 9 -7.13 4.75 3.40
H8 7GU A 9 -6.47 6.91 5.05
H2' 7GU A 9 -6.76 9.20 5.00
H2'' 7GU A 9 -6.69 10.27 3.60
H5' 7GU A 9 -3.09 8.97 7.34
H5'' 7GU A 9 -3.91 10.48 7.78
H4' 7GU A 9 -3.17 10.63 5.48
H1' 7GU A 9 -4.50 9.48 2.96
H3' 7GU A 9 -5.93 11.02 6.18
O5' 7GU B 1 -20.65 0.57 5.70
N9 7GU B 1 -17.91 2.50 1.53
C4 7GU B 1 -17.79 2.97 0.25
N3 7GU B 1 -18.17 2.39 -0.94
C2 7GU B 1 -17.89 3.21 -2.00
N2 7GU B 1 -18.25 2.67 -3.20
N1 7GU B 1 -17.36 4.48 -2.05
C6 7GU B 1 -16.98 5.09 -0.86
O6 7GU B 1 -16.53 6.22 -0.82
C5 7GU B 1 -17.21 4.24 0.34
C7 7GU B 1 -16.96 4.55 1.74
C8 7GU B 1 -17.45 3.38 2.44
C2' 7GU B 1 -17.49 0.15 2.15
C5' 7GU B 1 -19.39 0.05 5.21
C4' 7GU B 1 -19.41 -0.09 3.66
O4' 7GU B 1 -19.34 1.23 3.07
C1' 7GU B 1 -18.55 1.22 1.87
C3' 7GU B 1 -18.17 -0.85 3.11
O3' 7GU B 1 -18.62 -2.04 2.41
HN21 7GU B 1 -17.86 3.10 -4.04
HN22 7GU B 1 -18.43 1.69 -3.21
H7 7GU B 1 -16.51 5.47 2.14
H8 7GU B 1 -17.47 3.23 3.52
H2' 7GU B 1 -16.61 0.59 2.66
H2'' 7GU B 1 -17.14 -0.32 1.22
H5' 7GU B 1 -19.20 -0.94 5.65
H5'' 7GU B 1 -18.57 0.71 5.50
H4' 7GU B 1 -20.32 -0.60 3.34
H1' 7GU B 1 -19.17 0.88 1.04
H3' 7GU B 1 -17.49 -1.11 3.94
HO5' 7GU B 1 -20.59 0.64 6.67
P 7GU B 2 -17.62 -3.25 2.01
OP1 7GU B 2 -18.44 -4.48 1.87
OP2 7GU B 2 -16.48 -3.26 2.97
O5' 7GU B 2 -17.04 -2.84 0.55
N9 7GU B 2 -14.96 0.62 -1.65
C4 7GU B 2 -14.68 1.74 -2.37
N3 7GU B 2 -14.83 1.96 -3.72
C2 7GU B 2 -14.45 3.24 -4.06
N2 7GU B 2 -14.60 3.51 -5.38
N1 7GU B 2 -13.99 4.26 -3.29
C6 7GU B 2 -13.82 4.07 -1.94
O6 7GU B 2 -13.41 4.93 -1.19
C5 7GU B 2 -14.20 2.71 -1.47
C7 7GU B 2 -14.18 2.14 -0.14
C8 7GU B 2 -14.71 0.80 -0.32
C2' 7GU B 2 -14.74 -1.84 -1.98
C5' 7GU B 2 -17.88 -2.87 -0.62
C4' 7GU B 2 -17.14 -2.34 -1.87
O4' 7GU B 2 -16.88 -0.92 -1.70
C1' 7GU B 2 -15.58 -0.57 -2.23
C3' 7GU B 2 -15.75 -3.00 -2.14
O3' 7GU B 2 -15.75 -3.52 -3.50
HN21 7GU B 2 -14.57 4.47 -5.69
HN22 7GU B 2 -15.06 2.80 -5.95
H7 7GU B 2 -13.91 2.64 0.79
H8 7GU B 2 -14.91 0.06 0.46
H2' 7GU B 2 -14.33 -1.85 -0.97
H2'' 7GU B 2 -13.90 -1.91 -2.69
H5' 7GU B 2 -18.78 -2.26 -0.46
H5'' 7GU B 2 -18.21 -3.90 -0.84
H4' 7GU B 2 -17.78 -2.47 -2.75
H1' 7GU B 2 -15.68 -0.44 -3.31
H3' 7GU B 2 -15.55 -3.79 -1.41
P 7DA B 3 -14.52 -4.40 -4.10
OP1 7DA B 3 -15.10 -5.41 -5.03
OP2 7DA B 3 -13.65 -4.87 -2.98
O5' 7DA B 3 -13.68 -3.33 -4.98
N9 7DA B 3 -11.54 0.57 -4.53
C4 7DA B 3 -11.18 1.89 -4.41
N3 7DA B 3 -11.01 2.86 -5.36
C2 7DA B 3 -10.63 4.09 -4.82
N1 7DA B 3 -10.41 4.42 -3.49
C6 7DA B 3 -10.59 3.40 -2.62
N6 7DA B 3 -10.37 3.65 -1.28
C5 7DA B 3 -10.98 2.14 -3.06
C7 7DA B 3 -11.23 0.92 -2.30
C8 7DA B 3 -11.60 -0.03 -3.32
C2' 7DA B 3 -11.01 -1.32 -6.05
C5' 7DA B 3 -14.23 -2.76 -6.19
C4' 7DA B 3 -13.30 -1.69 -6.80
O4' 7DA B 3 -13.22 -0.56 -5.90
C1' 7DA B 3 -11.87 -0.06 -5.80
C3' 7DA B 3 -11.84 -2.16 -7.05
O3' 7DA B 3 -11.48 -1.86 -8.42
H2 7DA B 3 -10.49 4.89 -5.53
HN61 7DA B 3 -10.18 4.58 -0.96
HN62 7DA B 3 -10.57 2.93 -0.60
H7 7DA B 3 -11.28 0.79 -1.22
H8 7DA B 3 -11.89 -1.08 -3.17
H2' 7DA B 3 -10.87 -1.90 -5.13
H2'' 7DA B 3 -10.02 -1.04 -6.42
H5' 7DA B 3 -15.21 -2.31 -5.98
H5'' 7DA B 3 -14.39 -3.55 -6.94
H4' 7DA B 3 -13.74 -1.36 -7.74
H1' 7DA B 3 -11.71 0.64 -6.63
H1 7DA B 3 -11.73 -3.23 -6.83
P 7GU B 7 4.60 8.55 -4.75
OP1 7GU B 7 5.10 9.92 -4.98
OP2 7GU B 7 4.98 7.48 -5.72
O5' 7GU B 7 5.08 8.07 -3.29
N9 7GU B 7 4.49 4.70 -0.17
C4 7GU B 7 4.00 3.97 0.88
N3 7GU B 7 4.03 4.25 2.23
C2 7GU B 7 3.47 3.24 2.96
N2 7GU B 7 3.54 3.46 4.29
N1 7GU B 7 2.86 2.08 2.55
C6 7GU B 7 2.77 1.79 1.21
O6 7GU B 7 2.23 0.77 0.79
C5 7GU B 7 3.41 2.81 0.34
C7 7GU B 7 3.55 2.84 -1.11
C8 7GU B 7 4.26 4.08 -1.36
C2' 7GU B 7 6.51 6.06 -0.70
C5' 7GU B 7 4.95 8.94 -2.13
C4' 7GU B 7 5.36 8.21 -0.83
O4' 7GU B 7 4.43 7.13 -0.57
C1' 7GU B 7 5.13 6.01 -0.01
C3' 7GU B 7 6.77 7.57 -0.85
O3' 7GU B 7 7.54 8.09 0.28
HN21 7GU B 7 4.16 4.19 4.59
HN22 7GU B 7 3.41 2.65 4.90
H7 7GU B 7 3.20 2.10 -1.82
H8 7GU B 7 4.58 4.47 -2.33
H2' 7GU B 7 6.47 5.60 -1.70
H2'' 7GU B 7 7.27 5.53 -0.11
H5' 7GU B 7 3.91 9.29 -2.03
H5'' 7GU B 7 5.59 9.82 -2.26
H4' 7GU B 7 5.32 8.93 -0.01
H1' 7GU B 7 5.28 6.19 1.06
H3' 7GU B 7 7.29 7.77 -1.80
P 7DA B 8 9.09 7.71 0.56
OP1 7DA B 8 9.74 8.90 1.16
OP2 7DA B 8 9.67 7.10 -0.66
O5' 7DA B 8 8.97 6.55 1.70
N9 7DA B 8 7.15 2.41 2.64
C4 7DA B 8 6.38 1.34 3.01
N3 7DA B 8 5.94 0.93 4.24
C2 7DA B 8 5.15 -0.22 4.17
N1 7DA B 8 4.76 -0.94 3.05
C6 7DA B 8 5.26 -0.47 1.88
N6 7DA B 8 4.92 -1.15 0.72
C5 7DA B 8 6.08 0.66 1.84
C7 7DA B 8 6.70 1.31 0.71
C8 7DA B 8 7.35 2.46 1.30
C2' 7DA B 8 9.26 3.40 3.39
C5' 7DA B 8 8.49 6.87 3.03
C4' 7DA B 8 8.39 5.61 3.92
O4' 7DA B 8 7.35 4.74 3.42
C1' 7DA B 8 7.74 3.37 3.58
C3' 7DA B 8 9.70 4.76 3.99
O3' 7DA B 8 10.11 4.63 5.37
H2 7DA B 8 4.78 -0.58 5.11
HN61 7DA B 8 4.26 -1.92 0.74
HN62 7DA B 8 5.21 -0.76 -0.17
H7 7DA B 8 6.97 0.86 -0.25
H8 7DA B 8 7.94 3.21 0.78
H2' 7DA B 8 9.54 3.42 2.33
H2'' 7DA B 8 9.75 2.51 3.82
H5' 7DA B 8 7.49 7.33 2.98
H5'' 7DA B 8 9.16 7.59 3.51
H4' 7DA B 8 8.12 5.92 4.94
H1' 7DA B 8 7.53 3.05 4.61
H1 7DA B 8 10.49 5.21 3.38
P 7GU B 9 11.51 3.93 5.81
OP1 7GU B 9 12.07 4.68 6.96
OP2 7GU B 9 12.34 3.72 4.60
O5' 7GU B 9 11.02 2.47 6.33
N9 7GU B 9 8.96 -1.19 4.86
C4 7GU B 9 8.11 -2.18 4.49
N3 7GU B 9 7.36 -3.04 5.26
C2 7GU B 9 6.66 -3.94 4.50
N2 7GU B 9 5.89 -4.78 5.23
N1 7GU B 9 6.60 -4.08 3.14
C6 7GU B 9 7.33 -3.23 2.34
O6 7GU B 9 7.32 -3.32 1.11
C5 7GU B 9 8.12 -2.21 3.08
C7 7GU B 9 8.99 -1.17 2.59
C8 7GU B 9 9.51 -0.55 3.79
C2' 7GU B 9 10.77 -0.94 6.54
C5' 7GU B 9 10.21 2.36 7.53
C4' 7GU B 9 9.78 0.89 7.77
O4' 7GU B 9 8.92 0.47 6.68
C1' 7GU B 9 9.26 -0.86 6.26
C3' 7GU B 9 10.97 -0.12 7.82
O3' 7GU B 9 10.82 -0.94 9.01
HN21 7GU B 9 5.16 -5.29 4.75
HN22 7GU B 9 5.80 -4.58 6.22
H7 7GU B 9 9.21 -0.93 1.55
H8 7GU B 9 10.24 0.25 3.86
H2' 7GU B 9 11.35 -0.48 5.72
H2'' 7GU B 9 11.11 -1.99 6.62
H5' 7GU B 9 9.31 2.98 7.46
H5'' 7GU B 9 10.79 2.71 8.40
H4' 7GU B 9 9.22 0.84 8.71
H1' 7GU B 9 8.76 -1.58 6.92
H3' 7GU B 9 11.92 0.40 7.82
AG AG C . -12.73 6.05 -3.70
AG AG D . -9.16 6.14 -2.87
AG AG E . -2.97 4.66 -0.60
AG AG F . 1.96 0.34 3.58
AG AG G . 4.02 -3.02 3.12
AG AG H . 6.11 -5.78 1.81
AG AG I . 14.36 -10.56 -2.96
AG AG J . -16.48 5.76 -3.63
AG AG K . -6.18 4.95 -2.30
AG AG L . 0.11 3.67 1.61
AG AG M . 8.83 -7.49 1.18
AG AG N . 11.41 -9.45 -0.85
O5' 7GU A 1 16.66 -2.19 -7.57
N9 7GU A 1 15.31 -6.12 -6.59
C4 7GU A 1 14.84 -7.34 -6.19
N3 7GU A 1 14.27 -8.34 -6.92
C2 7GU A 1 13.95 -9.43 -6.14
N2 7GU A 1 13.38 -10.43 -6.82
N1 7GU A 1 14.16 -9.64 -4.80
C6 7GU A 1 14.73 -8.65 -4.04
O6 7GU A 1 14.98 -8.81 -2.85
C5 7GU A 1 15.08 -7.42 -4.81
C7 7GU A 1 15.72 -6.20 -4.34
C8 7GU A 1 15.85 -5.41 -5.55
C2' 7GU A 1 14.27 -4.59 -8.22
C5' 7GU A 1 17.16 -2.72 -8.81
C4' 7GU A 1 16.35 -3.95 -9.32
O4' 7GU A 1 16.58 -5.06 -8.41
C1' 7GU A 1 15.34 -5.67 -7.98
C3' 7GU A 1 14.82 -3.72 -9.36
O3' 7GU A 1 14.32 -4.18 -10.65
HN21 7GU A 1 12.88 -11.14 -6.28
HN22 7GU A 1 13.04 -10.22 -7.75
H7 7GU A 1 16.03 -5.97 -3.34
H8 7GU A 1 16.32 -4.43 -5.65
H2' 7GU A 1 14.14 -3.97 -7.33
H2'' 7GU A 1 13.29 -5.04 -8.45
H5' 7GU A 1 18.21 -3.02 -8.71
H5'' 7GU A 1 17.12 -1.95 -9.59
H4' 7GU A 1 16.72 -4.21 -10.31
H1' 7GU A 1 15.12 -6.51 -8.65
H3' 7GU A 1 14.59 -2.66 -9.20
HO5' 7GU A 1 17.21 -1.44 -7.30
P 7GU A 2 12.85 -3.78 -11.21
OP1 7GU A 2 12.88 -3.89 -12.69
OP2 7GU A 2 12.44 -2.47 -10.61
O5' 7GU A 2 11.87 -4.92 -10.62
N9 7GU A 2 10.81 -7.10 -6.63
C4 7GU A 2 10.76 -7.96 -5.59
N3 7GU A 2 10.34 -9.27 -5.54
C2 7GU A 2 10.49 -9.80 -4.29
N2 7GU A 2 10.08 -11.09 -4.22
N1 7GU A 2 10.99 -9.26 -3.15
C6 7GU A 2 11.44 -7.97 -3.16
O6 7GU A 2 11.93 -7.43 -2.18
C5 7GU A 2 11.29 -7.28 -4.47
C7 7GU A 2 11.67 -5.94 -4.86
C8 7GU A 2 11.36 -5.89 -6.28
C2' 7GU A 2 9.37 -6.55 -8.60
C5' 7GU A 2 11.92 -6.29 -11.11
C4' 7GU A 2 10.99 -7.21 -10.30
O4' 7GU A 2 11.52 -7.39 -8.97
C1' 7GU A 2 10.46 -7.47 -8.01
C3' 7GU A 2 9.53 -6.70 -10.12
O3' 7GU A 2 8.63 -7.71 -10.65
HN21 7GU A 2 10.36 -11.64 -3.42
HN22 7GU A 2 9.79 -11.55 -5.07
H7 7GU A 2 12.17 -5.19 -4.26
H8 7GU A 2 11.53 -5.06 -6.96
H2' 7GU A 2 9.55 -5.50 -8.33
H2'' 7GU A 2 8.38 -6.83 -8.24
H5' 7GU A 2 12.94 -6.68 -11.05
H5'' 7GU A 2 11.61 -6.31 -12.17
H4' 7GU A 2 10.97 -8.19 -10.79
H1' 7GU A 2 10.07 -8.49 -8.00
H3' 7GU A 2 9.39 -5.74 -10.62
P 7DA A 3 7.02 -7.50 -10.74
OP1 7DA A 3 6.54 -8.23 -11.95
OP2 7DA A 3 6.71 -6.04 -10.63
O5' 7DA A 3 6.45 -8.24 -9.42
N9 7DA A 3 6.86 -8.20 -4.95
C4 7DA A 3 7.26 -8.36 -3.66
N3 7DA A 3 7.10 -9.41 -2.81
C2 7DA A 3 7.65 -9.16 -1.55
N1 7DA A 3 8.30 -8.03 -1.08
C6 7DA A 3 8.42 -7.03 -2.00
N6 7DA A 3 9.05 -5.87 -1.60
C5 7DA A 3 7.90 -7.18 -3.28
C7 7DA A 3 7.92 -6.26 -4.40
C8 7DA A 3 7.24 -6.98 -5.45
C2' 7DA A 3 4.86 -8.72 -6.31
C5' 7DA A 3 6.52 -9.68 -9.29
C4' 7DA A 3 6.01 -10.16 -7.90
O4' 7DA A 3 6.91 -9.70 -6.88
C1' 7DA A 3 6.19 -9.23 -5.73
C3' 7DA A 3 4.59 -9.64 -7.52
O3' 7DA A 3 3.77 -10.79 -7.16
H2 7DA A 3 7.54 -9.96 -0.83
HN61 7DA A 3 9.47 -5.78 -0.69
HN62 7DA A 3 9.21 -5.14 -2.28
H7 7DA A 3 8.44 -5.30 -4.48
H8 7DA A 3 7.05 -6.64 -6.47
H2' 7DA A 3 4.95 -7.69 -6.68
H2'' 7DA A 3 4.05 -8.73 -5.56
H5' 7DA A 3 7.55 -10.02 -9.42
H5'' 7DA A 3 5.91 -10.15 -10.07
H4' 7DA A 3 6.01 -11.25 -7.91
H1' 7DA A 3 5.97 -10.10 -5.09
H1 7DA A 3 4.14 -9.08 -8.34
P 7GU A 7 -2.20 -4.19 10.12
OP1 7GU A 7 -2.07 -4.49 11.58
OP2 7GU A 7 -3.40 -4.71 9.40
O5' 7GU A 7 -2.14 -2.59 9.91
N9 7GU A 7 -1.52 0.82 6.67
C4 7GU A 7 -0.90 1.75 5.88
N3 7GU A 7 -0.21 2.88 6.25
C2 7GU A 7 0.26 3.57 5.16
N2 7GU A 7 0.95 4.68 5.49
N1 7GU A 7 0.16 3.28 3.83
C6 7GU A 7 -0.52 2.14 3.43
O6 7GU A 7 -0.62 1.83 2.25
C5 7GU A 7 -1.08 1.35 4.55
C7 7GU A 7 -1.83 0.11 4.52
C8 7GU A 7 -2.09 -0.17 5.92
C2' 7GU A 7 -2.92 0.74 8.73
C5' 7GU A 7 -1.17 -1.77 10.62
C4' 7GU A 7 -1.24 -0.29 10.17
O4' 7GU A 7 -0.79 -0.18 8.80
C1' 7GU A 7 -1.51 0.86 8.13
C3' 7GU A 7 -2.66 0.34 10.19
O3' 7GU A 7 -2.63 1.50 11.07
HN21 7GU A 7 1.18 4.78 6.48
HN22 7GU A 7 1.61 5.02 4.81
H7 7GU A 7 -2.12 -0.46 3.63
H8 7GU A 7 -2.64 -1.02 6.32
H2' 7GU A 7 -3.49 -0.07 8.24
H2'' 7GU A 7 -3.49 1.67 8.60
H5' 7GU A 7 -0.16 -2.15 10.46
H5'' 7GU A 7 -1.38 -1.82 11.70
H4' 7GU A 7 -0.58 0.28 10.81
H1' 7GU A 7 -1.11 1.83 8.45
H3' 7GU A 7 -3.42 -0.38 10.54
P 7DA A 8 -3.93 2.39 11.42
OP1 7DA A 8 -3.75 2.97 12.78
OP2 7DA A 8 -5.15 1.60 11.14
O5' 7DA A 8 -3.85 3.61 10.34
N9 7DA A 8 -3.42 4.62 5.72
C4 7DA A 8 -3.03 4.96 4.45
N3 7DA A 8 -2.36 6.05 3.99
C2 7DA A 8 -2.16 6.01 2.61
N1 7DA A 8 -2.52 5.02 1.70
C6 7DA A 8 -3.20 3.99 2.25
N6 7DA A 8 -3.61 2.97 1.41
C5 7DA A 8 -3.48 3.95 3.61
C7 7DA A 8 -4.20 2.95 4.38
C8 7DA A 8 -4.09 3.43 5.74
C2' 7DA A 8 -4.59 5.80 7.52
C5' 7DA A 8 -2.79 4.59 10.40
C4' 7DA A 8 -2.85 5.58 9.21
O4' 7DA A 8 -2.50 4.88 7.99
C1' 7DA A 8 -3.24 5.46 6.89
C3' 7DA A 8 -4.25 6.22 8.96
O3' 7DA A 8 -4.13 7.66 9.09
H2 7DA A 8 -1.63 6.85 2.19
HN61 7DA A 8 -3.38 2.98 0.41
HN62 7DA A 8 -4.05 2.15 1.79
H7 7DA A 8 -4.94 2.24 4.04
H8 7DA A 8 -4.52 2.99 6.63
H2' 7DA A 8 -5.24 4.91 7.59
H2'' 7DA A 8 -5.13 6.53 6.92
H5' 7DA A 8 -1.81 4.09 10.40
H5'' 7DA A 8 -2.86 5.17 11.34
H4' 7DA A 8 -2.12 6.36 9.38
H1' 7DA A 8 -2.75 6.40 6.59
H1 7DA A 8 -4.98 5.82 9.66
P 7GU A 9 -5.41 8.65 9.08
OP1 7GU A 9 -5.15 9.73 10.07
OP2 7GU A 9 -6.65 7.85 9.19
O5' 7GU A 9 -5.35 9.29 7.60
N9 7GU A 9 -5.52 8.08 3.31
C4 7GU A 9 -5.31 7.69 2.02
N3 7GU A 9 -4.72 8.38 1.00
C2 7GU A 9 -4.73 7.65 -0.17
N2 7GU A 9 -4.14 8.28 -1.21
N1 7GU A 9 -5.23 6.40 -0.43
C6 7GU A 9 -5.81 5.68 0.59
O6 7GU A 9 -6.27 4.57 0.42
C5 7GU A 9 -5.82 6.40 1.90
C7 7GU A 9 -6.33 5.96 3.18
C8 7GU A 9 -6.11 7.10 4.04
C2' 7GU A 9 -6.38 10.12 4.43
C5' 7GU A 9 -4.28 10.18 7.22
C4' 7GU A 9 -4.39 10.60 5.73
O4' 7GU A 9 -4.19 9.42 4.90
C1' 7GU A 9 -5.16 9.40 3.83
C3' 7GU A 9 -5.77 11.19 5.34
O3' 7GU A 9 -5.55 12.44 4.63
HN21 7GU A 9 -3.63 9.13 -0.98
HN22 7GU A 9 -3.84 7.74 -2.00
H7 7GU A 9 -6.77 5.00 3.44
H8 7GU A 9 -6.40 7.21 5.10
H2' 7GU A 9 -6.98 9.43 5.04
H2'' 7GU A 9 -7.04 10.51 3.65
H5' 7GU A 9 -3.30 9.71 7.38
H5'' 7GU A 9 -4.29 11.09 7.84
H4' 7GU A 9 -3.60 11.33 5.51
H1' 7GU A 9 -4.78 10.03 3.01
H3' 7GU A 9 -6.40 11.35 6.23
O5' 7GU B 1 -19.53 -1.17 5.46
N9 7GU B 1 -17.34 0.95 1.19
C4 7GU B 1 -17.29 1.46 -0.08
N3 7GU B 1 -17.56 0.86 -1.28
C2 7GU B 1 -17.42 1.73 -2.33
N2 7GU B 1 -17.66 1.16 -3.53
N1 7GU B 1 -17.10 3.06 -2.34
C6 7GU B 1 -16.83 3.70 -1.15
O6 7GU B 1 -16.57 4.89 -1.09
C5 7GU B 1 -16.94 2.81 0.05
C7 7GU B 1 -16.75 3.15 1.45
C8 7GU B 1 -17.03 1.90 2.13
C2' 7GU B 1 -16.51 -1.28 1.86
C5' 7GU B 1 -18.25 -1.50 4.88
C4' 7GU B 1 -18.36 -1.80 3.36
O4' 7GU B 1 -18.60 -0.56 2.66
C1' 7GU B 1 -17.73 -0.42 1.51
C3' 7GU B 1 -17.05 -2.38 2.78
O3' 7GU B 1 -17.36 -3.58 2.02
HN21 7GU B 1 -17.34 1.66 -4.35
HN22 7GU B 1 -17.69 0.15 -3.56
H7 7GU B 1 -16.50 4.11 1.87
H8 7GU B 1 -17.05 1.72 3.20
H2' 7GU B 1 -15.76 -0.68 2.41
H2'' 7GU B 1 -16.02 -1.65 0.95
H5' 7GU B 1 -17.83 -2.37 5.39
H5'' 7GU B 1 -17.54 -0.67 5.02
H4' 7GU B 1 -19.19 -2.50 3.19
H1' 7GU B 1 -18.23 -0.87 0.65
H3' 7GU B 1 -16.33 -2.60 3.58
HO5' 7GU B 1 -19.42 -0.99 6.40
P 7GU B 2 -16.22 -4.66 1.57
OP1 7GU B 2 -16.90 -5.97 1.37
OP2 7GU B 2 -15.09 -4.59 2.52
O5' 7GU B 2 -15.71 -4.12 0.13
N9 7GU B 2 -14.13 -0.33 -1.95
C4 7GU B 2 -14.01 0.83 -2.67
N3 7GU B 2 -14.17 1.05 -4.01
C2 7GU B 2 -13.99 2.37 -4.34
N2 7GU B 2 -14.16 2.62 -5.65
N1 7GU B 2 -13.71 3.44 -3.54
C6 7GU B 2 -13.53 3.25 -2.19
O6 7GU B 2 -13.28 4.17 -1.42
C5 7GU B 2 -13.68 1.83 -1.75
C7 7GU B 2 -13.61 1.26 -0.41
C8 7GU B 2 -13.92 -0.14 -0.63
C2' 7GU B 2 -13.56 -2.74 -2.31
C5' 7GU B 2 -16.54 -4.23 -1.05
C4' 7GU B 2 -15.85 -3.56 -2.27
O4' 7GU B 2 -15.80 -2.13 -2.07
C1' 7GU B 2 -14.56 -1.61 -2.56
C3' 7GU B 2 -14.39 -4.02 -2.53
O3' 7GU B 2 -14.29 -4.50 -3.90
HN21 7GU B 2 -14.49 1.87 -6.23
HN22 7GU B 2 -14.29 3.58 -5.94
H7 7GU B 2 -13.44 1.79 0.52
H8 7GU B 2 -14.00 -0.92 0.13
H2' 7GU B 2 -13.18 -2.72 -1.28
H2'' 7GU B 2 -12.70 -2.68 -2.99
H5' 7GU B 2 -17.50 -3.73 -0.88
H5'' 7GU B 2 -16.74 -5.28 -1.29
H4' 7GU B 2 -16.46 -3.77 -3.17
H1' 7GU B 2 -14.65 -1.46 -3.65
H3' 7GU B 2 -14.09 -4.80 -1.82
P 7DA B 3 -12.95 -5.17 -4.51
OP1 7DA B 3 -13.36 -6.20 -5.48
OP2 7DA B 3 -12.06 -5.57 -3.39
O5' 7DA B 3 -12.23 -3.96 -5.32
N9 7DA B 3 -10.65 0.17 -4.66
C4 7DA B 3 -10.50 1.51 -4.49
N3 7DA B 3 -10.45 2.53 -5.40
C2 7DA B 3 -10.27 3.77 -4.81
N1 7DA B 3 -10.15 4.09 -3.47
C6 7DA B 3 -10.20 3.03 -2.63
N6 7DA B 3 -10.08 3.27 -1.28
C5 7DA B 3 -10.39 1.74 -3.11
C7 7DA B 3 -10.50 0.47 -2.40
C8 7DA B 3 -10.67 -0.49 -3.46
C2' 7DA B 3 -9.82 -1.59 -6.21
C5' 7DA B 3 -12.81 -3.43 -6.53
C4' 7DA B 3 -12.00 -2.22 -7.08
O4' 7DA B 3 -12.12 -1.13 -6.13
C1' 7DA B 3 -10.85 -0.47 -5.96
C3' 7DA B 3 -10.49 -2.49 -7.27
O3' 7DA B 3 -10.12 -2.09 -8.62
H2 7DA B 3 -10.22 4.60 -5.49
HN61 7DA B 3 -10.19 2.49 -0.63
HN62 7DA B 3 -10.00 4.21 -0.90
H7 7DA B 3 -10.56 0.31 -1.33
H8 7DA B 3 -10.81 -1.56 -3.36
H2' 7DA B 3 -9.65 -2.18 -5.30
H2'' 7DA B 3 -8.85 -1.18 -6.52
H5' 7DA B 3 -13.84 -3.12 -6.36
H5'' 7DA B 3 -12.83 -4.21 -7.31
H4' 7DA B 3 -12.44 -1.92 -8.03
H1' 7DA B 3 -10.74 0.28 -6.75
H1 7DA B 3 -10.24 -3.53 -7.09
P 7GU B 7 3.82 10.96 -2.83
OP1 7GU B 7 3.37 12.29 -2.34
OP2 7GU B 7 4.67 10.91 -4.05
O5' 7GU B 7 4.58 10.23 -1.62
N9 7GU B 7 4.80 5.23 0.25
C4 7GU B 7 4.35 4.49 1.30
N3 7GU B 7 4.52 4.69 2.65
C2 7GU B 7 3.95 3.68 3.39
N2 7GU B 7 4.14 3.82 4.72
N1 7GU B 7 3.26 2.57 2.98
C6 7GU B 7 3.05 2.35 1.64
O6 7GU B 7 2.45 1.38 1.21
C5 7GU B 7 3.66 3.39 0.76
C7 7GU B 7 3.66 3.49 -0.69
C8 7GU B 7 4.42 4.70 -0.95
C2' 7GU B 7 6.92 6.37 -0.36
C5' 7GU B 7 5.62 9.23 -1.83
C4' 7GU B 7 6.02 8.62 -0.47
O4' 7GU B 7 5.00 7.67 -0.10
C1' 7GU B 7 5.59 6.45 0.41
C3' 7GU B 7 7.35 7.84 -0.50
O3' 7GU B 7 8.17 8.26 0.61
HN21 7GU B 7 4.03 2.99 5.28
HN22 7GU B 7 4.83 4.51 5.00
H7 7GU B 7 3.19 2.82 -1.40
H8 7GU B 7 4.69 5.11 -1.91
H2' 7GU B 7 6.77 5.93 -1.36
H2'' 7GU B 7 7.64 5.73 0.16
H5' 7GU B 7 6.49 9.72 -2.29
H5'' 7GU B 7 5.27 8.44 -2.50
H4' 7GU B 7 6.09 9.42 0.28
H1' 7GU B 7 5.82 6.60 1.46
H3' 7GU B 7 7.88 7.99 -1.46
P 7DA B 8 9.68 7.72 0.87
OP1 7DA B 8 10.46 8.83 1.48
OP2 7DA B 8 10.19 7.10 -0.39
O5' 7DA B 8 9.48 6.56 1.96
N9 7DA B 8 7.40 2.53 2.87
C4 7DA B 8 6.60 1.49 3.23
N3 7DA B 8 6.21 1.04 4.46
C2 7DA B 8 5.37 -0.06 4.39
N1 7DA B 8 4.89 -0.72 3.26
C6 7DA B 8 5.35 -0.24 2.08
N6 7DA B 8 4.92 -0.84 0.92
C5 7DA B 8 6.22 0.86 2.05
C7 7DA B 8 6.83 1.53 0.91
C8 7DA B 8 7.55 2.62 1.52
C2' 7DA B 8 9.60 3.35 3.57
C5' 7DA B 8 9.04 6.87 3.31
C4' 7DA B 8 8.89 5.60 4.18
O4' 7DA B 8 7.78 4.81 3.70
C1' 7DA B 8 8.08 3.41 3.81
C3' 7DA B 8 10.13 4.66 4.19
O3' 7DA B 8 10.57 4.47 5.56
H2 7DA B 8 5.02 -0.46 5.33
HN61 7DA B 8 4.26 -1.59 0.93
HN62 7DA B 8 5.18 -0.43 0.03
H7 7DA B 8 7.01 1.11 -0.06
H8 7DA B 8 8.17 3.35 1.00
H2' 7DA B 8 9.84 3.38 2.49
H2'' 7DA B 8 10.02 2.42 3.96
H5' 7DA B 8 8.08 7.40 3.28
H5'' 7DA B 8 9.78 7.53 3.80
H4' 7DA B 8 8.68 5.90 5.21
H1' 7DA B 8 7.89 3.08 4.83
H1 7DA B 8 10.94 5.07 3.58
P 7GU B 9 11.92 3.66 5.94
OP1 7GU B 9 12.55 4.34 7.11
OP2 7GU B 9 12.74 3.44 4.72
O5' 7GU B 9 11.35 2.23 6.43
N9 7GU B 9 9.09 -1.28 4.93
C4 7GU B 9 8.18 -2.23 4.55
N3 7GU B 9 7.41 -3.05 5.33
C2 7GU B 9 6.63 -3.88 4.57
N2 7GU B 9 5.83 -4.68 5.30
N1 7GU B 9 6.52 -4.00 3.21
C6 7GU B 9 7.27 -3.16 2.40
O6 7GU B 9 7.20 -3.21 1.19
C5 7GU B 9 8.14 -2.21 3.16
C7 7GU B 9 9.05 -1.20 2.65
C8 7GU B 9 9.64 -0.65 3.86
C2' 7GU B 9 10.97 -1.17 6.55
C5' 7GU B 9 10.57 2.13 7.64
C4' 7GU B 9 10.09 0.67 7.87
O4' 7GU B 9 9.17 0.31 6.81
C1' 7GU B 9 9.46 -1.02 6.33
C3' 7GU B 9 11.23 -0.39 7.85
O3' 7GU B 9 11.10 -1.23 9.03
HN21 7GU B 9 5.05 -5.14 4.83
HN22 7GU B 9 5.78 -4.51 6.29
H7 7GU B 9 9.22 -0.92 1.63
H8 7GU B 9 10.40 0.12 3.93
H2' 7GU B 9 11.55 -0.70 5.75
H2'' 7GU B 9 11.26 -2.22 6.61
H5' 7GU B 9 9.68 2.77 7.59
H5'' 7GU B 9 11.16 2.44 8.51
H4' 7GU B 9 9.56 0.63 8.83
H1' 7GU B 9 8.95 -1.74 6.97
H3' 7GU B 9 12.22 0.10 7.83
AG AG C . -12.70 5.40 -3.89
AG AG D . -9.11 5.90 -2.75
AG AG E . -2.66 5.35 -0.50
AG AG F . 2.32 0.84 3.99
AG AG G . 4.05 -2.77 3.29
AG AG H . 5.85 -5.60 1.84
AG AG I . 13.35 -11.02 -3.30
AG AG J . -16.42 4.51 -3.89
AG AG K . -5.91 5.37 -2.27
AG AG L . 0.50 4.41 1.96
AG AG M . 8.39 -7.48 1.06
AG AG N . 10.63 -9.63 -1.00
O5' 7GU A 1 18.49 -1.59 -8.87
N9 7GU A 1 15.89 -5.35 -6.46
C4 7GU A 1 15.56 -6.61 -6.04
N3 7GU A 1 15.14 -7.69 -6.76
C2 7GU A 1 14.93 -8.78 -5.95
N2 7GU A 1 14.51 -9.88 -6.61
N1 7GU A 1 15.12 -8.93 -4.60
C6 7GU A 1 15.55 -7.86 -3.85
O6 7GU A 1 15.80 -7.95 -2.66
C5 7GU A 1 15.76 -6.62 -4.65
C7 7GU A 1 16.22 -5.32 -4.21
C8 7GU A 1 16.29 -4.55 -5.43
C2' 7GU A 1 14.63 -4.10 -8.17
C5' 7GU A 1 17.06 -1.70 -8.82
C4' 7GU A 1 16.57 -3.10 -9.26
O4' 7GU A 1 16.97 -4.07 -8.26
C1' 7GU A 1 15.88 -4.93 -7.87
C3' 7GU A 1 15.03 -3.20 -9.35
O3' 7GU A 1 14.66 -3.80 -10.62
HN21 7GU A 1 14.11 -10.64 -6.07
HN22 7GU A 1 14.17 -9.73 -7.56
H7 7GU A 1 16.49 -5.01 -3.20
H8 7GU A 1 16.62 -3.52 -5.55
H2' 7GU A 1 14.36 -3.47 -7.31
H2'' 7GU A 1 13.77 -4.74 -8.39
H5' 7GU A 1 16.61 -0.95 -9.47
H5'' 7GU A 1 16.69 -1.50 -7.80
H4' 7GU A 1 17.01 -3.36 -10.24
H1' 7GU A 1 15.87 -5.81 -8.51
H3' 7GU A 1 14.58 -2.20 -9.24
HO5' 7GU A 1 18.87 -2.28 -8.28
P 7GU A 2 13.16 -3.71 -11.23
OP1 7GU A 2 13.26 -3.92 -12.70
OP2 7GU A 2 12.52 -2.46 -10.74
O5' 7GU A 2 12.36 -4.96 -10.59
N9 7GU A 2 11.51 -7.09 -6.55
C4 7GU A 2 11.55 -7.92 -5.46
N3 7GU A 2 11.27 -9.26 -5.38
C2 7GU A 2 11.45 -9.74 -4.11
N2 7GU A 2 11.20 -11.06 -4.00
N1 7GU A 2 11.87 -9.11 -2.98
C6 7GU A 2 12.16 -7.76 -3.02
O6 7GU A 2 12.55 -7.15 -2.05
C5 7GU A 2 11.96 -7.15 -4.37
C7 7GU A 2 12.20 -5.78 -4.80
C8 7GU A 2 11.89 -5.82 -6.22
C2' 7GU A 2 10.07 -6.79 -8.56
C5' 7GU A 2 12.62 -6.32 -11.01
C4' 7GU A 2 11.80 -7.34 -10.19
O4' 7GU A 2 12.31 -7.40 -8.84
C1' 7GU A 2 11.23 -7.56 -7.90
C3' 7GU A 2 10.28 -7.02 -10.07
O3' 7GU A 2 9.53 -8.15 -10.54
HN21 7GU A 2 11.57 -11.54 -3.20
HN22 7GU A 2 11.02 -11.57 -4.85
H7 7GU A 2 12.57 -4.95 -4.21
H8 7GU A 2 11.98 -5.00 -6.94
H2' 7GU A 2 10.13 -5.71 -8.34
H2'' 7GU A 2 9.09 -7.16 -8.21
H5' 7GU A 2 13.69 -6.56 -10.90
H5'' 7GU A 2 12.37 -6.44 -12.07
H4' 7GU A 2 11.91 -8.33 -10.65
H1' 7GU A 2 10.96 -8.61 -7.86
H3' 7GU A 2 10.03 -6.11 -10.63
P 7DA A 3 7.91 -8.15 -10.69
OP1 7DA A 3 7.56 -8.98 -11.86
OP2 7DA A 3 7.42 -6.73 -10.65
O5' 7DA A 3 7.40 -8.89 -9.35
N9 7DA A 3 7.70 -8.60 -4.86
C4 7DA A 3 8.06 -8.67 -3.55
N3 7DA A 3 8.00 -9.70 -2.65
C2 7DA A 3 8.45 -9.35 -1.40
N1 7DA A 3 8.97 -8.14 -0.95
C6 7DA A 3 9.00 -7.17 -1.90
N6 7DA A 3 9.49 -5.93 -1.53
C5 7DA A 3 8.55 -7.41 -3.20
C7 7DA A 3 8.51 -6.53 -4.35
C8 7DA A 3 7.94 -7.38 -5.39
C2' 7DA A 3 5.81 -9.41 -6.25
C5' 7DA A 3 7.65 -10.31 -9.15
C4' 7DA A 3 7.16 -10.77 -7.75
O4' 7DA A 3 7.98 -10.15 -6.74
C1' 7DA A 3 7.17 -9.74 -5.62
C3' 7DA A 3 5.69 -10.41 -7.42
O3' 7DA A 3 5.00 -11.62 -7.01
H2 7DA A 3 8.42 -10.14 -0.64
HN61 7DA A 3 9.58 -5.22 -2.24
HN62 7DA A 3 9.86 -5.76 -0.61
H7 7DA A 3 8.91 -5.54 -4.45
H8 7DA A 3 7.76 -7.10 -6.42
H2' 7DA A 3 5.81 -8.39 -6.66
H2'' 7DA A 3 4.99 -9.48 -5.52
H5' 7DA A 3 8.72 -10.52 -9.23
H5'' 7DA A 3 7.13 -10.90 -9.91
H4' 7DA A 3 7.28 -11.86 -7.70
H1' 7DA A 3 7.04 -10.60 -4.94
H1 7DA A 3 5.19 -9.93 -8.27
P 7GU A 7 -2.75 -4.98 9.56
OP1 7GU A 7 -2.79 -5.32 11.01
OP2 7GU A 7 -3.85 -5.48 8.70
O5' 7GU A 7 -2.68 -3.38 9.43
N9 7GU A 7 -2.10 0.03 6.34
C4 7GU A 7 -1.48 0.95 5.54
N3 7GU A 7 -0.78 2.07 5.89
C2 7GU A 7 -0.29 2.73 4.79
N2 7GU A 7 0.42 3.84 5.11
N1 7GU A 7 -0.36 2.42 3.47
C6 7GU A 7 -1.06 1.28 3.08
O6 7GU A 7 -1.16 0.94 1.91
C5 7GU A 7 -1.65 0.52 4.21
C7 7GU A 7 -2.39 -0.71 4.20
C8 7GU A 7 -2.66 -0.97 5.60
C2' 7GU A 7 -3.49 -0.04 8.41
C5' 7GU A 7 -1.77 -2.59 10.23
C4' 7GU A 7 -1.81 -1.10 9.83
O4' 7GU A 7 -1.33 -0.93 8.47
C1' 7GU A 7 -2.08 0.09 7.80
C3' 7GU A 7 -3.22 -0.45 9.87
O3' 7GU A 7 -3.18 0.71 10.75
HN21 7GU A 7 1.16 4.09 4.47
HN22 7GU A 7 0.60 3.97 6.10
H7 7GU A 7 -2.67 -1.31 3.34
H8 7GU A 7 -3.21 -1.81 6.03
H2' 7GU A 7 -4.05 -0.84 7.90
H2'' 7GU A 7 -4.06 0.88 8.30
H5' 7GU A 7 -0.74 -2.96 10.10
H5'' 7GU A 7 -2.03 -2.69 11.29
H4' 7GU A 7 -1.15 -0.54 10.51
H1' 7GU A 7 -1.68 1.06 8.11
H3' 7GU A 7 -3.99 -1.17 10.21
P 7DA A 8 -4.46 1.63 11.08
OP1 7DA A 8 -4.33 2.12 12.48
OP2 7DA A 8 -5.71 0.91 10.69
O5' 7DA A 8 -4.26 2.89 10.07
N9 7DA A 8 -3.79 4.03 5.60
C4 7DA A 8 -3.38 4.33 4.33
N3 7DA A 8 -2.62 5.36 3.85
C2 7DA A 8 -2.44 5.28 2.47
N1 7DA A 8 -2.89 4.33 1.58
C6 7DA A 8 -3.66 3.36 2.13
N6 7DA A 8 -4.16 2.36 1.31
C5 7DA A 8 -3.92 3.35 3.50
C7 7DA A 8 -4.72 2.43 4.28
C8 7DA A 8 -4.55 2.91 5.63
C2' 7DA A 8 -4.82 5.29 7.44
C5' 7DA A 8 -3.14 3.80 10.23
C4' 7DA A 8 -3.10 4.86 9.09
O4' 7DA A 8 -2.79 4.21 7.84
C1' 7DA A 8 -3.50 4.85 6.77
C3' 7DA A 8 -4.41 5.64 8.88
O3' 7DA A 8 -4.15 7.06 9.04
H2 7DA A 8 -1.85 6.09 2.03
HN61 7DA A 8 -3.90 2.32 0.33
HN62 7DA A 8 -4.64 1.59 1.72
H7 7DA A 8 -5.54 1.81 3.93
H8 7DA A 8 -5.01 2.50 6.53
H2' 7DA A 8 -5.53 4.46 7.49
H2'' 7DA A 8 -5.30 6.07 6.86
H5' 7DA A 8 -2.20 3.24 10.23
H5'' 7DA A 8 -3.21 4.32 11.20
H4' 7DA A 8 -2.29 5.57 9.32
H1' 7DA A 8 -2.95 5.75 6.47
H1 7DA A 8 -5.19 5.31 9.57
P 7GU A 9 -5.30 8.19 9.00
OP1 7GU A 9 -4.97 9.23 10.00
OP2 7GU A 9 -6.63 7.53 9.08
O5' 7GU A 9 -5.14 8.82 7.53
N9 7GU A 9 -5.46 7.67 3.25
C4 7GU A 9 -5.31 7.27 1.96
N3 7GU A 9 -4.64 7.87 0.92
C2 7GU A 9 -4.77 7.16 -0.24
N2 7GU A 9 -4.10 7.72 -1.27
N1 7GU A 9 -5.42 5.99 -0.50
C6 7GU A 9 -6.09 5.34 0.54
O6 7GU A 9 -6.68 4.29 0.36
C5 7GU A 9 -6.00 6.05 1.84
C7 7GU A 9 -6.57 5.69 3.13
C8 7GU A 9 -6.18 6.78 3.99
C2' 7GU A 9 -6.02 9.81 4.37
C5' 7GU A 9 -3.94 9.55 7.16
C4' 7GU A 9 -3.98 9.99 5.68
O4' 7GU A 9 -3.96 8.81 4.85
C1' 7GU A 9 -4.90 8.93 3.77
C3' 7GU A 9 -5.26 10.79 5.28
O3' 7GU A 9 -4.85 11.99 4.56
HN21 7GU A 9 -3.50 8.50 -1.06
HN22 7GU A 9 -3.92 7.14 -2.09
H7 7GU A 9 -7.13 4.79 3.39
H8 7GU A 9 -6.44 6.93 5.04
H2' 7GU A 9 -6.71 9.22 4.99
H2'' 7GU A 9 -6.61 10.30 3.58
H5' 7GU A 9 -3.06 8.93 7.32
H5'' 7GU A 9 -3.84 10.45 7.80
H4' 7GU A 9 -3.09 10.60 5.47
H1' 7GU A 9 -4.44 9.48 2.95
H3' 7GU A 9 -5.85 11.04 6.16
O5' 7GU B 1 -20.55 0.93 5.68
N9 7GU B 1 -18.09 2.59 1.37
C4 7GU B 1 -17.96 3.07 0.10
N3 7GU B 1 -18.31 2.50 -1.09
C2 7GU B 1 -18.02 3.31 -2.16
N2 7GU B 1 -18.33 2.77 -3.35
N1 7GU B 1 -17.48 4.57 -2.18
C6 7GU B 1 -17.13 5.19 -0.99
O6 7GU B 1 -16.68 6.32 -0.95
C5 7GU B 1 -17.39 4.34 0.21
C7 7GU B 1 -17.16 4.66 1.61
C8 7GU B 1 -17.65 3.49 2.30
C2' 7GU B 1 -17.63 0.27 2.07
C5' 7GU B 1 -19.34 0.39 5.10
C4' 7GU B 1 -19.52 0.07 3.60
O4' 7GU B 1 -19.57 1.32 2.87
C1' 7GU B 1 -18.71 1.30 1.71
C3' 7GU B 1 -18.33 -0.72 3.01
O3' 7GU B 1 -18.85 -1.86 2.26
HN21 7GU B 1 -18.54 1.78 -3.34
HN22 7GU B 1 -17.89 3.16 -4.18
H7 7GU B 1 -16.74 5.58 2.02
H8 7GU B 1 -17.69 3.32 3.38
H2' 7GU B 1 -16.79 0.75 2.60
H2'' 7GU B 1 -17.23 -0.20 1.16
H5' 7GU B 1 -19.07 -0.54 5.62
H5'' 7GU B 1 -18.51 1.08 5.23
H4' 7GU B 1 -20.45 -0.49 3.45
H1' 7GU B 1 -19.28 0.93 0.85
H3' 7GU B 1 -17.65 -1.05 3.80
HO5' 7GU B 1 -20.41 1.10 6.62
P 7GU B 2 -17.92 -3.12 1.84
OP1 7GU B 2 -18.81 -4.29 1.63
OP2 7GU B 2 -16.81 -3.24 2.82
O5' 7GU B 2 -17.28 -2.71 0.41
N9 7GU B 2 -15.11 0.82 -1.74
C4 7GU B 2 -14.80 1.93 -2.46
N3 7GU B 2 -14.94 2.15 -3.81
C2 7GU B 2 -14.54 3.43 -4.15
N2 7GU B 2 -14.68 3.69 -5.47
N1 7GU B 2 -14.07 4.45 -3.38
C6 7GU B 2 -13.93 4.25 -2.02
O6 7GU B 2 -13.53 5.13 -1.27
C5 7GU B 2 -14.32 2.89 -1.55
C7 7GU B 2 -14.34 2.33 -0.22
C8 7GU B 2 -14.86 1.00 -0.40
C2' 7GU B 2 -14.90 -1.64 -2.06
C5' 7GU B 2 -18.08 -2.68 -0.78
C4' 7GU B 2 -17.29 -2.14 -1.99
O4' 7GU B 2 -17.03 -0.72 -1.79
C1' 7GU B 2 -15.73 -0.38 -2.32
C3' 7GU B 2 -15.91 -2.79 -2.24
O3' 7GU B 2 -15.88 -3.33 -3.59
HN21 7GU B 2 -15.14 2.99 -6.03
HN22 7GU B 2 -14.67 4.65 -5.78
H7 7GU B 2 -14.06 2.84 0.71
H8 7GU B 2 -15.06 0.25 0.37
H2' 7GU B 2 -14.49 -1.66 -1.05
H2'' 7GU B 2 -14.05 -1.71 -2.77
H5' 7GU B 2 -18.98 -2.06 -0.63
H5'' 7GU B 2 -18.43 -3.70 -1.01
H4' 7GU B 2 -17.91 -2.24 -2.89
H1' 7GU B 2 -15.82 -0.24 -3.39
H3' 7GU B 2 -15.72 -3.59 -1.50
P 7DA B 3 -14.65 -4.21 -4.17
OP1 7DA B 3 -15.22 -5.23 -5.09
OP2 7DA B 3 -13.79 -4.65 -3.05
O5' 7DA B 3 -13.81 -3.14 -5.06
N9 7DA B 3 -11.65 0.71 -4.63
C4 7DA B 3 -11.29 2.02 -4.49
N3 7DA B 3 -11.12 3.00 -5.44
C2 7DA B 3 -10.74 4.21 -4.89
N1 7DA B 3 -10.51 4.54 -3.56
C6 7DA B 3 -10.70 3.52 -2.69
N6 7DA B 3 -10.49 3.76 -1.35
C5 7DA B 3 -11.10 2.26 -3.14
C7 7DA B 3 -11.37 1.03 -2.38
C8 7DA B 3 -11.73 0.09 -3.42
C2' 7DA B 3 -11.13 -1.18 -6.14
C5' 7DA B 3 -14.36 -2.59 -6.28
C4' 7DA B 3 -13.42 -1.53 -6.90
O4' 7DA B 3 -13.34 -0.39 -6.02
C1' 7DA B 3 -11.99 0.08 -5.91
C3' 7DA B 3 -11.96 -2.00 -7.14
O3' 7DA B 3 -11.60 -1.70 -8.52
H2 7DA B 3 -10.57 5.01 -5.60
HN61 7DA B 3 -10.27 4.69 -1.01
HN62 7DA B 3 -10.70 3.02 -0.68
H7 7DA B 3 -11.40 0.90 -1.31
H8 7DA B 3 -12.02 -0.95 -3.27
H2' 7DA B 3 -11.02 -1.76 -5.21
H2'' 7DA B 3 -10.13 -0.93 -6.50
H5' 7DA B 3 -15.33 -2.12 -6.09
H5'' 7DA B 3 -14.52 -3.39 -7.01
H4' 7DA B 3 -13.85 -1.22 -7.86
H1' 7DA B 3 -11.78 0.79 -6.72
H1 7DA B 3 -11.86 -3.08 -6.94
P 7GU B 7 4.41 8.71 -4.57
OP1 7GU B 7 4.88 10.11 -4.74
OP2 7GU B 7 4.84 7.70 -5.58
O5' 7GU B 7 4.88 8.19 -3.12
N9 7GU B 7 4.31 4.70 -0.06
C4 7GU B 7 3.86 3.95 0.99
N3 7GU B 7 3.90 4.22 2.34
C2 7GU B 7 3.38 3.18 3.08
N2 7GU B 7 3.45 3.39 4.40
N1 7GU B 7 2.80 2.02 2.67
C6 7GU B 7 2.70 1.74 1.32
O6 7GU B 7 2.16 0.73 0.90
C5 7GU B 7 3.30 2.80 0.45
C7 7GU B 7 3.40 2.84 -1.00
C8 7GU B 7 4.08 4.09 -1.25
C2' 7GU B 7 6.31 6.10 -0.57
C5' 7GU B 7 4.73 9.01 -1.94
C4' 7GU B 7 5.14 8.24 -0.65
O4' 7GU B 7 4.23 7.14 -0.42
C1' 7GU B 7 4.94 6.02 0.12
C3' 7GU B 7 6.57 7.61 -0.70
O3' 7GU B 7 7.33 8.14 0.41
HN21 7GU B 7 4.07 4.14 4.69
HN22 7GU B 7 3.38 2.58 5.01
H7 7GU B 7 3.07 2.10 -1.72
H8 7GU B 7 4.40 4.50 -2.21
H2' 7GU B 7 6.27 5.65 -1.58
H2'' 7GU B 7 7.08 5.57 0.00
H5' 7GU B 7 3.69 9.34 -1.83
H5'' 7GU B 7 5.35 9.91 -2.02
H4' 7GU B 7 5.08 8.92 0.19
H1' 7GU B 7 5.09 6.20 1.19
H3' 7GU B 7 7.06 7.83 -1.66
P 7DA B 8 8.87 7.75 0.70
OP1 7DA B 8 9.53 8.94 1.31
OP2 7DA B 8 9.46 7.16 -0.54
O5' 7DA B 8 8.77 6.59 1.82
N9 7DA B 8 6.99 2.41 2.73
C4 7DA B 8 6.26 1.32 3.10
N3 7DA B 8 5.86 0.88 4.34
C2 7DA B 8 5.09 -0.28 4.27
N1 7DA B 8 4.71 -1.01 3.15
C6 7DA B 8 5.18 -0.53 1.97
N6 7DA B 8 4.85 -1.20 0.81
C5 7DA B 8 5.96 0.62 1.93
C7 7DA B 8 6.56 1.30 0.80
C8 7DA B 8 7.18 2.47 1.39
C2' 7DA B 8 9.09 3.43 3.48
C5' 7DA B 8 8.28 6.88 3.14
C4' 7DA B 8 8.20 5.61 4.02
O4' 7DA B 8 7.16 4.73 3.52
C1' 7DA B 8 7.57 3.36 3.68
C3' 7DA B 8 9.50 4.78 4.09
O3' 7DA B 8 9.91 4.65 5.48
H2 7DA B 8 4.74 -0.68 5.21
HN61 7DA B 8 4.26 -2.03 0.83
HN62 7DA B 8 5.13 -0.81 -0.09
H7 7DA B 8 6.82 0.89 -0.16
H8 7DA B 8 7.75 3.24 0.87
H2' 7DA B 8 9.37 3.45 2.42
H2'' 7DA B 8 9.58 2.53 3.91
H5' 7DA B 8 7.29 7.34 3.09
H5'' 7DA B 8 8.94 7.61 3.64
H4' 7DA B 8 7.93 5.92 5.05
H1' 7DA B 8 7.36 3.04 4.70
H1 7DA B 8 10.29 5.24 3.49
P 7GU B 9 11.30 3.96 5.93
OP1 7GU B 9 11.84 4.72 7.09
OP2 7GU B 9 12.17 3.79 4.74
O5' 7GU B 9 10.85 2.50 6.44
N9 7GU B 9 8.89 -1.23 4.97
C4 7GU B 9 8.07 -2.25 4.59
N3 7GU B 9 7.36 -3.13 5.36
C2 7GU B 9 6.66 -4.04 4.60
N2 7GU B 9 5.93 -4.89 5.33
N1 7GU B 9 6.58 -4.17 3.25
C6 7GU B 9 7.27 -3.28 2.44
O6 7GU B 9 7.25 -3.36 1.22
C5 7GU B 9 8.05 -2.26 3.19
C7 7GU B 9 8.88 -1.18 2.69
C8 7GU B 9 9.39 -0.56 3.89
C2' 7GU B 9 10.71 -0.93 6.62
C5' 7GU B 9 10.02 2.35 7.62
C4' 7GU B 9 9.66 0.87 7.87
O4' 7GU B 9 8.80 0.41 6.80
C1' 7GU B 9 9.19 -0.91 6.36
C3' 7GU B 9 10.88 -0.10 7.90
O3' 7GU B 9 10.81 -0.91 9.09
HN21 7GU B 9 5.85 -4.70 6.33
HN22 7GU B 9 5.17 -5.39 4.88
H7 7GU B 9 9.05 -0.90 1.65
H8 7GU B 9 10.10 0.27 3.97
H2' 7GU B 9 11.26 -0.43 5.80
H2'' 7GU B 9 11.09 -1.95 6.70
H5' 7GU B 9 9.09 2.92 7.52
H5'' 7GU B 9 10.55 2.74 8.49
H4' 7GU B 9 9.12 0.80 8.82
H1' 7GU B 9 8.73 -1.65 7.01
H3' 7GU B 9 11.82 0.47 7.87
AG AG C . -12.82 6.23 -3.79
AG AG D . -9.21 6.21 -2.93
AG AG E . -3.03 4.64 -0.62
AG AG F . 1.95 0.25 3.69
AG AG G . 4.00 -3.11 3.22
AG AG H . 6.14 -5.87 1.91
AG AG I . 14.48 -10.38 -3.08
AG AG J . -16.61 5.89 -3.75
AG AG K . -6.25 5.05 -2.32
AG AG L . 0.06 3.50 1.58
AG AG M . 8.91 -7.52 1.16
AG AG N . 11.46 -9.42 -0.83
O5' 7GU A 1 17.57 -1.99 -6.89
N9 7GU A 1 16.32 -5.94 -5.78
C4 7GU A 1 15.92 -7.18 -5.36
N3 7GU A 1 15.52 -8.27 -6.09
C2 7GU A 1 15.21 -9.33 -5.29
N2 7GU A 1 14.81 -10.42 -5.98
N1 7GU A 1 15.28 -9.46 -3.93
C6 7GU A 1 15.68 -8.39 -3.17
O6 7GU A 1 15.80 -8.47 -1.95
C5 7GU A 1 16.00 -7.17 -3.96
C7 7GU A 1 16.48 -5.88 -3.51
C8 7GU A 1 16.69 -5.15 -4.74
C2' 7GU A 1 15.37 -4.53 -7.57
C5' 7GU A 1 18.21 -2.57 -8.06
C4' 7GU A 1 17.50 -3.87 -8.53
O4' 7GU A 1 17.70 -4.89 -7.53
C1' 7GU A 1 16.45 -5.55 -7.19
C3' 7GU A 1 15.98 -3.71 -8.73
O3' 7GU A 1 15.61 -4.28 -10.02
HN21 7GU A 1 14.34 -11.15 -5.45
HN22 7GU A 1 14.56 -10.30 -6.94
H7 7GU A 1 16.69 -5.57 -2.49
H8 7GU A 1 17.08 -4.13 -4.85
H2' 7GU A 1 15.15 -3.85 -6.74
H2'' 7GU A 1 14.43 -5.03 -7.85
H5' 7GU A 1 19.25 -2.81 -7.83
H5'' 7GU A 1 18.20 -1.85 -8.88
H4' 7GU A 1 17.97 -4.19 -9.47
H1' 7GU A 1 16.35 -6.43 -7.83
H3' 7GU A 1 15.68 -2.67 -8.66
HO5' 7GU A 1 18.06 -1.18 -6.63
P 7GU A 2 14.16 -4.02 -10.71
OP1 7GU A 2 14.32 -4.19 -12.18
OP2 7GU A 2 13.60 -2.75 -10.20
O5' 7GU A 2 13.23 -5.23 -10.16
N9 7GU A 2 11.96 -7.35 -6.19
C4 7GU A 2 11.86 -8.18 -5.10
N3 7GU A 2 11.56 -9.52 -5.06
C2 7GU A 2 11.60 -10.00 -3.77
N2 7GU A 2 11.33 -11.31 -3.68
N1 7GU A 2 11.93 -9.37 -2.60
C6 7GU A 2 12.25 -8.03 -2.63
O6 7GU A 2 12.57 -7.42 -1.62
C5 7GU A 2 12.21 -7.43 -3.98
C7 7GU A 2 12.51 -6.07 -4.38
C8 7GU A 2 12.35 -6.10 -5.83
C2' 7GU A 2 10.69 -7.02 -8.31
C5' 7GU A 2 13.45 -6.60 -10.57
C4' 7GU A 2 12.53 -7.59 -9.81
O4' 7GU A 2 12.95 -7.65 -8.43
C1' 7GU A 2 11.79 -7.81 -7.58
C3' 7GU A 2 11.03 -7.22 -9.80
O3' 7GU A 2 10.27 -8.32 -10.38
HN21 7GU A 2 11.19 -11.82 -4.55
HN22 7GU A 2 11.57 -11.81 -2.83
H7 7GU A 2 12.86 -5.24 -3.76
H8 7GU A 2 12.52 -5.28 -6.53
H2' 7GU A 2 10.74 -5.96 -8.06
H2'' 7GU A 2 9.69 -7.39 -8.04
H5' 7GU A 2 14.50 -6.88 -10.41
H5'' 7GU A 2 13.25 -6.70 -11.65
H4' 7GU A 2 12.66 -8.59 -10.26
H1' 7GU A 2 11.50 -8.86 -7.57
H3' 7GU A 2 10.85 -6.29 -10.37
P 7DA A 3 8.68 -8.25 -10.67
OP1 7DA A 3 8.40 -9.05 -11.88
OP2 7DA A 3 8.25 -6.83 -10.62
O5' 7DA A 3 8.02 -9.01 -9.39
N9 7DA A 3 7.92 -8.75 -4.95
C4 7DA A 3 8.19 -8.81 -3.61
N3 7DA A 3 8.06 -9.85 -2.73
C2 7DA A 3 8.44 -9.49 -1.44
N1 7DA A 3 8.93 -8.28 -0.97
C6 7DA A 3 9.04 -7.32 -1.90
N6 7DA A 3 9.50 -6.08 -1.52
C5 7DA A 3 8.68 -7.56 -3.23
C7 7DA A 3 8.72 -6.68 -4.39
C8 7DA A 3 8.22 -7.52 -5.46
C2' 7DA A 3 6.14 -9.52 -6.50
C5' 7DA A 3 8.19 -10.43 -9.21
C4' 7DA A 3 7.58 -10.92 -7.87
O4' 7DA A 3 8.32 -10.33 -6.77
C1' 7DA A 3 7.44 -9.88 -5.74
C3' 7DA A 3 6.09 -10.53 -7.66
O3' 7DA A 3 5.35 -11.73 -7.29
H2 7DA A 3 8.35 -10.28 -0.69
HN61 7DA A 3 9.84 -5.92 -0.58
HN62 7DA A 3 9.64 -5.36 -2.22
H7 7DA A 3 9.16 -5.69 -4.46
H8 7DA A 3 8.10 -7.25 -6.51
H2' 7DA A 3 6.18 -8.51 -6.93
H2'' 7DA A 3 5.26 -9.55 -5.84
H5' 7DA A 3 9.26 -10.69 -9.22
H5'' 7DA A 3 7.72 -10.98 -10.03
H4' 7DA A 3 7.68 -12.01 -7.82
H1' 7DA A 3 7.21 -10.72 -5.06
H1 7DA A 3 5.68 -10.07 -8.56
P 7GU A 7 -2.57 -4.95 9.18
OP1 7GU A 7 -2.62 -5.33 10.62
OP2 7GU A 7 -3.67 -5.41 8.30
O5' 7GU A 7 -2.50 -3.33 9.09
N9 7GU A 7 -1.87 0.10 6.06
C4 7GU A 7 -1.30 1.06 5.28
N3 7GU A 7 -0.65 2.21 5.65
C2 7GU A 7 -0.25 2.94 4.56
N2 7GU A 7 0.33 4.11 4.89
N1 7GU A 7 -0.38 2.66 3.23
C6 7GU A 7 -1.00 1.50 2.82
O6 7GU A 7 -1.12 1.21 1.64
C5 7GU A 7 -1.50 0.67 3.94
C7 7GU A 7 -2.23 -0.59 3.90
C8 7GU A 7 -2.44 -0.90 5.31
C2' 7GU A 7 -3.27 0.00 8.12
C5' 7GU A 7 -1.59 -2.58 9.91
C4' 7GU A 7 -1.60 -1.08 9.53
O4' 7GU A 7 -1.12 -0.91 8.19
C1' 7GU A 7 -1.86 0.13 7.52
C3' 7GU A 7 -3.00 -0.41 9.58
O3' 7GU A 7 -2.94 0.73 10.46
HN21 7GU A 7 0.22 4.38 5.86
HN22 7GU A 7 0.35 4.83 4.18
H7 7GU A 7 -2.51 -1.17 3.03
H8 7GU A 7 -2.98 -1.75 5.72
H2' 7GU A 7 -3.83 -0.81 7.63
H2'' 7GU A 7 -3.85 0.92 8.02
H5' 7GU A 7 -0.56 -2.96 9.79
H5'' 7GU A 7 -1.86 -2.69 10.96
H4' 7GU A 7 -0.94 -0.55 10.22
H1' 7GU A 7 -1.46 1.10 7.85
H3' 7GU A 7 -3.78 -1.12 9.92
P 7DA A 8 -4.20 1.68 10.81
OP1 7DA A 8 -4.06 2.14 12.21
OP2 7DA A 8 -5.45 0.99 10.40
O5' 7DA A 8 -3.98 2.95 9.83
N9 7DA A 8 -3.61 4.23 5.44
C4 7DA A 8 -3.25 4.56 4.16
N3 7DA A 8 -2.51 5.60 3.67
C2 7DA A 8 -2.36 5.55 2.29
N1 7DA A 8 -2.84 4.59 1.39
C6 7DA A 8 -3.59 3.62 1.96
N6 7DA A 8 -4.10 2.64 1.14
C5 7DA A 8 -3.81 3.59 3.33
C7 7DA A 8 -4.58 2.65 4.13
C8 7DA A 8 -4.37 3.10 5.48
C2' 7DA A 8 -4.58 5.44 7.33
C5' 7DA A 8 -2.86 3.85 10.01
C4' 7DA A 8 -2.82 4.96 8.93
O4' 7DA A 8 -2.54 4.36 7.64
C1' 7DA A 8 -3.28 5.03 6.61
C3' 7DA A 8 -4.13 5.76 8.77
O3' 7DA A 8 -3.84 7.17 8.94
H2 7DA A 8 -1.79 6.35 1.85
HN61 7DA A 8 -4.56 1.84 1.55
HN62 7DA A 8 -3.90 2.63 0.14
H7 7DA A 8 -5.41 2.02 3.80
H8 7DA A 8 -4.80 2.67 6.38
H2' 7DA A 8 -5.29 4.60 7.39
H2'' 7DA A 8 -5.09 6.24 6.79
H5' 7DA A 8 -1.91 3.29 9.97
H5'' 7DA A 8 -2.92 4.33 11.00
H4' 7DA A 8 -2.00 5.64 9.19
H1' 7DA A 8 -2.76 5.94 6.31
H1 7DA A 8 -4.88 5.43 9.49
P 7GU A 9 -5.00 8.30 9.00
OP1 7GU A 9 -4.59 9.31 10.01
OP2 7GU A 9 -6.32 7.65 9.14
O5' 7GU A 9 -4.91 8.98 7.53
N9 7GU A 9 -5.39 7.91 3.21
C4 7GU A 9 -5.27 7.52 1.92
N3 7GU A 9 -4.64 8.14 0.88
C2 7GU A 9 -4.78 7.45 -0.30
N2 7GU A 9 -4.14 8.02 -1.34
N1 7GU A 9 -5.41 6.27 -0.55
C6 7GU A 9 -6.05 5.61 0.49
O6 7GU A 9 -6.67 4.56 0.31
C5 7GU A 9 -5.94 6.30 1.79
C7 7GU A 9 -6.47 5.90 3.09
C8 7GU A 9 -6.08 7.00 3.97
C2' 7GU A 9 -5.91 10.01 4.41
C5' 7GU A 9 -3.72 9.71 7.12
C4' 7GU A 9 -3.84 10.18 5.65
O4' 7GU A 9 -3.84 9.01 4.79
C1' 7GU A 9 -4.83 9.15 3.75
C3' 7GU A 9 -5.13 10.97 5.32
O3' 7GU A 9 -4.77 12.19 4.64
HN21 7GU A 9 -3.54 8.80 -1.12
HN22 7GU A 9 -3.97 7.45 -2.16
H7 7GU A 9 -7.02 5.00 3.35
H8 7GU A 9 -6.31 7.12 5.02
H2' 7GU A 9 -6.58 9.40 5.04
H2'' 7GU A 9 -6.54 10.52 3.66
H5' 7GU A 9 -2.83 9.07 7.22
H5'' 7GU A 9 -3.58 10.58 7.76
H4' 7GU A 9 -2.96 10.79 5.42
H1' 7GU A 9 -4.38 9.73 2.93
H3' 7GU A 9 -5.70 11.19 6.24
O5' 7GU B 1 -20.01 0.15 6.10
N9 7GU B 1 -17.77 2.00 1.84
C4 7GU B 1 -17.76 2.57 0.60
N3 7GU B 1 -18.17 2.07 -0.61
C2 7GU B 1 -18.01 2.99 -1.63
N2 7GU B 1 -18.41 2.50 -2.83
N1 7GU B 1 -17.56 4.27 -1.60
C6 7GU B 1 -17.15 4.81 -0.39
O6 7GU B 1 -16.77 5.98 -0.30
C5 7GU B 1 -17.24 3.87 0.76
C7 7GU B 1 -16.94 4.11 2.16
C8 7GU B 1 -17.31 2.86 2.80
C2' 7GU B 1 -17.16 -0.32 2.44
C5' 7GU B 1 -18.82 -0.37 5.49
C4' 7GU B 1 -19.02 -0.68 3.99
O4' 7GU B 1 -19.16 0.59 3.29
C1' 7GU B 1 -18.29 0.67 2.13
C3' 7GU B 1 -17.80 -1.39 3.34
O3' 7GU B 1 -18.27 -2.52 2.58
HN21 7GU B 1 -18.55 1.51 -2.88
HN22 7GU B 1 -18.09 2.99 -3.66
H7 7GU B 1 -16.55 5.01 2.62
H8 7GU B 1 -17.27 2.62 3.86
H2' 7GU B 1 -16.36 0.18 2.99
H2'' 7GU B 1 -16.73 -0.74 1.52
H5' 7GU B 1 -18.53 -1.30 5.99
H5'' 7GU B 1 -17.98 0.33 5.61
H4' 7GU B 1 -19.92 -1.28 3.84
H1' 7GU B 1 -18.85 0.29 1.26
H3' 7GU B 1 -17.10 -1.71 4.12
HO5' 7GU B 1 -20.26 0.97 5.64
P 7GU B 2 -17.27 -3.69 2.05
OP1 7GU B 2 -18.07 -4.92 1.85
OP2 7GU B 2 -16.09 -3.76 2.96
O5' 7GU B 2 -16.76 -3.16 0.60
N9 7GU B 2 -14.93 0.57 -1.50
C4 7GU B 2 -14.75 1.74 -2.19
N3 7GU B 2 -15.00 2.02 -3.51
C2 7GU B 2 -14.72 3.33 -3.80
N2 7GU B 2 -14.98 3.65 -5.09
N1 7GU B 2 -14.25 4.34 -3.01
C6 7GU B 2 -14.00 4.08 -1.67
O6 7GU B 2 -13.58 4.94 -0.92
C5 7GU B 2 -14.27 2.67 -1.27
C7 7GU B 2 -14.14 2.06 0.04
C8 7GU B 2 -14.60 0.70 -0.19
C2' 7GU B 2 -14.62 -1.86 -1.98
C5' 7GU B 2 -17.65 -3.12 -0.53
C4' 7GU B 2 -16.97 -2.48 -1.76
O4' 7GU B 2 -16.76 -1.06 -1.51
C1' 7GU B 2 -15.53 -0.63 -2.11
C3' 7GU B 2 -15.57 -3.05 -2.13
O3' 7GU B 2 -15.62 -3.54 -3.50
HN21 7GU B 2 -15.45 2.95 -5.66
HN22 7GU B 2 -15.03 4.63 -5.35
H7 7GU B 2 -13.87 2.53 0.97
H8 7GU B 2 -14.70 -0.10 0.55
H2' 7GU B 2 -14.14 -1.91 -1.00
H2'' 7GU B 2 -13.83 -1.84 -2.75
H5' 7GU B 2 -18.56 -2.57 -0.29
H5'' 7GU B 2 -17.96 -4.15 -0.80
H4' 7GU B 2 -17.64 -2.57 -2.62
H1' 7GU B 2 -15.71 -0.44 -3.17
H3' 7GU B 2 -15.30 -3.86 -1.44
P 7DA B 3 -14.39 -4.32 -4.21
OP1 7DA B 3 -14.97 -5.31 -5.15
OP2 7DA B 3 -13.46 -4.80 -3.16
O5' 7DA B 3 -13.65 -3.16 -5.07
N9 7DA B 3 -11.67 0.82 -4.48
C4 7DA B 3 -11.38 2.15 -4.31
N3 7DA B 3 -11.31 3.17 -5.22
C2 7DA B 3 -10.95 4.37 -4.63
N1 7DA B 3 -10.67 4.66 -3.30
C6 7DA B 3 -10.76 3.58 -2.47
N6 7DA B 3 -10.50 3.79 -1.13
C5 7DA B 3 -11.12 2.33 -2.97
C7 7DA B 3 -11.29 1.07 -2.25
C8 7DA B 3 -11.65 0.14 -3.31
C2' 7DA B 3 -11.13 -0.95 -6.14
C5' 7DA B 3 -14.29 -2.55 -6.21
C4' 7DA B 3 -13.43 -1.40 -6.79
O4' 7DA B 3 -13.37 -0.33 -5.82
C1' 7DA B 3 -12.05 0.24 -5.77
C3' 7DA B 3 -11.97 -1.77 -7.13
O3' 7DA B 3 -11.70 -1.39 -8.52
H2 7DA B 3 -10.88 5.22 -5.30
HN61 7DA B 3 -10.31 4.71 -0.77
HN62 7DA B 3 -10.63 3.02 -0.48
H7 7DA B 3 -11.28 0.89 -1.18
H8 7DA B 3 -11.88 -0.92 -3.20
H2' 7DA B 3 -10.92 -1.57 -5.26
H2'' 7DA B 3 -10.17 -0.60 -6.54
H5' 7DA B 3 -15.27 -2.16 -5.93
H5'' 7DA B 3 -14.44 -3.31 -7.00
H4' 7DA B 3 -13.93 -1.02 -7.70
H1' 7DA B 3 -11.96 1.00 -6.56
H1 7DA B 3 -11.78 -2.84 -6.99
P 7GU B 7 4.55 8.66 -5.00
OP1 7GU B 7 5.09 10.02 -5.25
OP2 7GU B 7 4.88 7.59 -5.98
O5' 7GU B 7 5.03 8.17 -3.54
N9 7GU B 7 4.49 4.80 -0.43
C4 7GU B 7 3.98 4.08 0.62
N3 7GU B 7 4.00 4.37 1.96
C2 7GU B 7 3.38 3.40 2.70
N2 7GU B 7 3.37 3.67 4.02
N1 7GU B 7 2.74 2.27 2.31
C6 7GU B 7 2.69 1.94 0.96
O6 7GU B 7 2.13 0.94 0.55
C5 7GU B 7 3.37 2.94 0.09
C7 7GU B 7 3.50 2.95 -1.36
C8 7GU B 7 4.23 4.18 -1.62
C2' 7GU B 7 6.50 6.15 -1.00
C5' 7GU B 7 4.94 9.04 -2.39
C4' 7GU B 7 5.37 8.30 -1.09
O4' 7GU B 7 4.43 7.23 -0.81
C1' 7GU B 7 5.14 6.10 -0.28
C3' 7GU B 7 6.78 7.66 -1.14
O3' 7GU B 7 7.56 8.18 -0.03
HN21 7GU B 7 3.71 4.59 4.27
HN22 7GU B 7 2.61 3.29 4.57
H7 7GU B 7 3.12 2.22 -2.07
H8 7GU B 7 4.53 4.57 -2.59
H2' 7GU B 7 6.43 5.70 -2.00
H2'' 7GU B 7 7.27 5.61 -0.43
H5' 7GU B 7 3.91 9.40 -2.26
H5'' 7GU B 7 5.59 9.92 -2.52
H4' 7GU B 7 5.34 9.03 -0.26
H1' 7GU B 7 5.32 6.28 0.79
H3' 7GU B 7 7.26 7.86 -2.10
P 7DA B 8 9.10 7.77 0.25
OP1 7DA B 8 9.78 8.93 0.87
OP2 7DA B 8 9.67 7.17 -0.98
O5' 7DA B 8 8.96 6.61 1.37
N9 7DA B 8 7.02 2.46 2.25
C4 7DA B 8 6.26 1.39 2.61
N3 7DA B 8 5.82 0.96 3.82
C2 7DA B 8 5.05 -0.20 3.73
N1 7DA B 8 4.67 -0.91 2.60
C6 7DA B 8 5.19 -0.43 1.45
N6 7DA B 8 4.85 -1.10 0.28
C5 7DA B 8 5.98 0.70 1.43
C7 7DA B 8 6.64 1.36 0.30
C8 7DA B 8 7.25 2.51 0.92
C2' 7DA B 8 9.14 3.42 3.05
C5' 7DA B 8 8.44 6.91 2.69
C4' 7DA B 8 8.30 5.63 3.55
O4' 7DA B 8 7.27 4.79 3.01
C1' 7DA B 8 7.61 3.41 3.20
C3' 7DA B 8 9.58 4.76 3.66
O3' 7DA B 8 9.96 4.64 5.05
H2 7DA B 8 4.68 -0.58 4.68
HN61 7DA B 8 5.14 -0.69 -0.60
HN62 7DA B 8 4.24 -1.90 0.28
H7 7DA B 8 6.91 0.91 -0.64
H8 7DA B 8 7.89 3.25 0.42
H2' 7DA B 8 9.45 3.40 2.00
H2'' 7DA B 8 9.57 2.52 3.52
H5' 7DA B 8 7.46 7.39 2.61
H5'' 7DA B 8 9.12 7.60 3.21
H4' 7DA B 8 7.99 5.94 4.57
H1' 7DA B 8 7.35 3.11 4.23
H1 7DA B 8 10.39 5.20 3.07
P 7GU B 9 11.31 3.91 5.54
OP1 7GU B 9 11.86 4.67 6.70
OP2 7GU B 9 12.19 3.67 4.37
O5' 7GU B 9 10.77 2.49 6.08
N9 7GU B 9 8.76 -1.18 4.61
C4 7GU B 9 7.94 -2.19 4.22
N3 7GU B 9 7.16 -3.04 4.98
C2 7GU B 9 6.49 -3.95 4.20
N2 7GU B 9 5.70 -4.77 4.91
N1 7GU B 9 6.47 -4.10 2.85
C6 7GU B 9 7.22 -3.26 2.05
O6 7GU B 9 7.25 -3.36 0.84
C5 7GU B 9 7.99 -2.24 2.82
C7 7GU B 9 8.88 -1.19 2.33
C8 7GU B 9 9.34 -0.55 3.55
C2' 7GU B 9 10.50 -0.90 6.36
C5' 7GU B 9 9.89 2.43 7.23
C4' 7GU B 9 9.44 0.97 7.50
O4' 7GU B 9 8.62 0.51 6.40
C1' 7GU B 9 9.00 -0.82 6.01
C3' 7GU B 9 10.62 -0.04 7.63
O3' 7GU B 9 10.42 -0.83 8.83
HN21 7GU B 9 4.98 -5.27 4.42
HN22 7GU B 9 5.58 -4.57 5.89
H7 7GU B 9 9.11 -0.95 1.31
H8 7GU B 9 10.06 0.26 3.64
H2' 7GU B 9 11.10 -0.44 5.57
H2'' 7GU B 9 10.84 -1.93 6.48
H5' 7GU B 9 9.00 3.04 7.07
H5'' 7GU B 9 10.40 2.79 8.12
H4' 7GU B 9 8.85 0.95 8.42
H1' 7GU B 9 8.47 -1.54 6.66
H3' 7GU B 9 11.59 0.48 7.66
AG AG C . -13.13 6.20 -3.41
AG AG D . -9.40 6.35 -2.67
AG AG E . -3.00 4.92 -0.79
AG AG F . 2.01 0.43 3.34
AG AG G . 3.93 -3.00 2.65
AG AG H . 6.04 -5.82 1.51
AG AG I . 14.45 -10.85 -2.45
AG AG J . -16.91 5.74 -3.13
AG AG K . -6.30 5.37 -2.36
AG AG L . 0.11 3.74 1.34
AG AG M . 8.75 -7.66 1.15
AG AG N . 11.38 -9.68 -0.51
O5' 7GU A 1 14.95 -2.19 -8.71
N9 7GU A 1 13.80 -6.14 -7.57
C4 7GU A 1 13.43 -7.37 -7.12
N3 7GU A 1 12.84 -8.41 -7.80
C2 7GU A 1 12.66 -9.51 -6.98
N2 7GU A 1 12.07 -10.56 -7.60
N1 7GU A 1 13.00 -9.70 -5.67
C6 7GU A 1 13.61 -8.68 -4.97
O6 7GU A 1 13.98 -8.81 -3.82
C5 7GU A 1 13.81 -7.44 -5.77
C7 7GU A 1 14.44 -6.19 -5.38
C8 7GU A 1 14.42 -5.40 -6.60
C2' 7GU A 1 12.55 -4.63 -9.07
C5' 7GU A 1 15.31 -2.72 -10.01
C4' 7GU A 1 14.48 -3.96 -10.41
O4' 7GU A 1 14.83 -5.05 -9.52
C1' 7GU A 1 13.66 -5.69 -8.96
C3' 7GU A 1 12.95 -3.77 -10.28
O3' 7GU A 1 12.32 -4.24 -11.50
HN21 7GU A 1 11.68 -11.27 -7.01
HN22 7GU A 1 11.63 -10.36 -8.49
H7 7GU A 1 14.84 -5.92 -4.41
H8 7GU A 1 14.82 -4.40 -6.75
H2' 7GU A 1 12.53 -3.99 -8.17
H2'' 7GU A 1 11.57 -5.10 -9.19
H5' 7GU A 1 16.38 -2.99 -10.02
H5'' 7GU A 1 15.17 -1.95 -10.77
H4' 7GU A 1 14.74 -4.24 -11.44
H1' 7GU A 1 13.38 -6.54 -9.60
H3' 7GU A 1 12.71 -2.72 -10.11
HO5' 7GU A 1 15.52 -1.42 -8.51
P 7GU A 2 10.77 -3.92 -11.87
OP1 7GU A 2 10.63 -4.03 -13.35
OP2 7GU A 2 10.39 -2.64 -11.22
O5' 7GU A 2 9.92 -5.11 -11.19
N9 7GU A 2 9.40 -7.35 -7.13
C4 7GU A 2 9.49 -8.22 -6.09
N3 7GU A 2 9.10 -9.54 -6.01
C2 7GU A 2 9.39 -10.08 -4.78
N2 7GU A 2 9.07 -11.39 -4.67
N1 7GU A 2 10.00 -9.54 -3.69
C6 7GU A 2 10.40 -8.21 -3.74
O6 7GU A 2 10.96 -7.67 -2.80
C5 7GU A 2 10.09 -7.54 -5.03
C7 7GU A 2 10.39 -6.17 -5.45
C8 7GU A 2 9.92 -6.13 -6.82
C2' 7GU A 2 7.74 -6.86 -8.93
C5' 7GU A 2 9.98 -6.47 -11.70
C4' 7GU A 2 9.19 -7.44 -10.80
O4' 7GU A 2 9.87 -7.60 -9.53
C1' 7GU A 2 8.91 -7.73 -8.46
C3' 7GU A 2 7.75 -7.01 -10.46
O3' 7GU A 2 6.82 -8.04 -10.90
HN21 7GU A 2 9.44 -11.93 -3.91
HN22 7GU A 2 8.71 -11.85 -5.51
H7 7GU A 2 10.89 -5.40 -4.88
H8 7GU A 2 9.99 -5.29 -7.51
H2' 7GU A 2 7.90 -5.81 -8.66
H2'' 7GU A 2 6.80 -7.19 -8.47
H5' 7GU A 2 11.02 -6.80 -11.76
H5'' 7GU A 2 9.57 -6.50 -12.71
H4' 7GU A 2 9.16 -8.42 -11.29
H1' 7GU A 2 8.57 -8.77 -8.43
H3' 7GU A 2 7.50 -6.05 -10.94
P 7DA A 3 5.21 -7.89 -10.84
OP1 7DA A 3 4.64 -8.65 -11.99
OP2 7DA A 3 4.86 -6.46 -10.69
O5' 7DA A 3 4.80 -8.65 -9.47
N9 7DA A 3 5.65 -8.54 -5.08
C4 7DA A 3 6.19 -8.69 -3.84
N3 7DA A 3 6.17 -9.74 -2.98
C2 7DA A 3 6.83 -9.48 -1.78
N1 7DA A 3 7.51 -8.32 -1.40
C6 7DA A 3 7.48 -7.32 -2.32
N6 7DA A 3 8.13 -6.15 -2.00
C5 7DA A 3 6.84 -7.49 -3.54
C7 7DA A 3 6.71 -6.57 -4.66
C8 7DA A 3 5.94 -7.32 -5.62
C2' 7DA A 3 3.54 -9.13 -6.25
C5' 7DA A 3 4.93 -10.09 -9.35
C4' 7DA A 3 4.57 -10.58 -7.92
O4' 7DA A 3 5.55 -10.07 -6.99
C1' 7DA A 3 4.92 -9.60 -5.78
C3' 7DA A 3 3.19 -10.11 -7.39
O3' 7DA A 3 2.45 -11.26 -6.91
H2 7DA A 3 6.83 -10.28 -1.07
HN61 7DA A 3 8.62 -6.03 -1.12
HN62 7DA A 3 8.17 -5.41 -2.69
H7 7DA A 3 7.19 -5.60 -4.80
H8 7DA A 3 5.62 -7.00 -6.61
H2' 7DA A 3 3.58 -8.12 -6.65
H2'' 7DA A 3 2.81 -9.14 -5.43
H5' 7DA A 3 5.96 -10.39 -9.58
H5'' 7DA A 3 4.28 -10.59 -10.07
H4' 7DA A 3 4.61 -11.67 -7.91
H1' 7DA A 3 4.79 -10.46 -5.11
H1 7DA A 3 2.63 -9.59 -8.18
P 7GU A 7 -2.34 -4.11 10.37
OP1 7GU A 7 -2.17 -4.32 11.83
OP2 7GU A 7 -3.56 -4.66 9.71
O5' 7GU A 7 -2.31 -2.51 10.08
N9 7GU A 7 -1.77 0.80 6.68
C4 7GU A 7 -1.21 1.73 5.85
N3 7GU A 7 -0.57 2.90 6.16
C2 7GU A 7 -0.17 3.58 5.05
N2 7GU A 7 0.43 4.76 5.32
N1 7GU A 7 -0.31 3.27 3.72
C6 7GU A 7 -0.94 2.08 3.38
O6 7GU A 7 -1.08 1.74 2.21
C5 7GU A 7 -1.42 1.30 4.54
C7 7GU A 7 -2.14 0.03 4.55
C8 7GU A 7 -2.33 -0.23 5.97
C2' 7GU A 7 -3.13 0.78 8.76
C5' 7GU A 7 -1.34 -1.65 10.74
C4' 7GU A 7 -1.44 -0.20 10.20
O4' 7GU A 7 -1.00 -0.14 8.83
C1' 7GU A 7 -1.73 0.89 8.14
C3' 7GU A 7 -2.86 0.42 10.23
O3' 7GU A 7 -2.83 1.60 11.07
HN21 7GU A 7 0.33 5.10 6.27
HN22 7GU A 7 0.49 5.45 4.58
H7 7GU A 7 -2.44 -0.57 3.71
H8 7GU A 7 -2.85 -1.06 6.42
H2' 7GU A 7 -3.70 -0.03 8.30
H2'' 7GU A 7 -3.70 1.72 8.62
H5' 7GU A 7 -0.33 -2.03 10.57
H5'' 7GU A 7 -1.52 -1.65 11.82
H4' 7GU A 7 -0.77 0.42 10.81
H1' 7GU A 7 -1.31 1.85 8.42
H3' 7GU A 7 -3.61 -0.30 10.60
P 7DA A 8 -4.13 2.51 11.38
OP1 7DA A 8 -3.99 3.07 12.76
OP2 7DA A 8 -5.36 1.73 11.07
O5' 7DA A 8 -4.02 3.72 10.32
N9 7DA A 8 -3.63 4.76 5.78
C4 7DA A 8 -3.28 5.07 4.50
N3 7DA A 8 -2.58 6.14 3.99
C2 7DA A 8 -2.42 6.06 2.61
N1 7DA A 8 -2.83 5.07 1.74
C6 7DA A 8 -3.54 4.06 2.31
N6 7DA A 8 -4.01 3.03 1.51
C5 7DA A 8 -3.77 4.05 3.68
C7 7DA A 8 -4.48 3.08 4.50
C8 7DA A 8 -4.32 3.59 5.84
C2' 7DA A 8 -4.72 5.98 7.59
C5' 7DA A 8 -2.94 4.69 10.42
C4' 7DA A 8 -2.97 5.71 9.25
O4' 7DA A 8 -2.63 5.04 8.01
C1' 7DA A 8 -3.39 5.61 6.93
C3' 7DA A 8 -4.34 6.40 9.03
O3' 7DA A 8 -4.18 7.83 9.15
H2 7DA A 8 -1.88 6.88 2.15
HN61 7DA A 8 -3.80 3.01 0.52
HN62 7DA A 8 -4.45 2.24 1.94
H7 7DA A 8 -5.25 2.38 4.18
H8 7DA A 8 -4.74 3.16 6.76
H2' 7DA A 8 -5.39 5.11 7.68
H2'' 7DA A 8 -5.26 6.73 7.00
H5' 7DA A 8 -1.97 4.18 10.42
H5'' 7DA A 8 -3.02 5.25 11.37
H4' 7DA A 8 -2.21 6.47 9.46
H1' 7DA A 8 -2.89 6.55 6.61
H1 7DA A 8 -5.10 6.03 9.74
P 7GU A 9 -5.43 8.87 9.13
OP1 7GU A 9 -5.13 9.96 10.10
OP2 7GU A 9 -6.70 8.11 9.26
O5' 7GU A 9 -5.35 9.49 7.63
N9 7GU A 9 -5.63 8.22 3.37
C4 7GU A 9 -5.48 7.81 2.08
N3 7GU A 9 -4.87 8.44 1.03
C2 7GU A 9 -4.94 7.71 -0.12
N2 7GU A 9 -4.34 8.29 -1.17
N1 7GU A 9 -5.51 6.48 -0.36
C6 7GU A 9 -6.12 5.81 0.69
O6 7GU A 9 -6.65 4.72 0.54
C5 7GU A 9 -6.07 6.54 1.99
C7 7GU A 9 -6.58 6.15 3.29
C8 7GU A 9 -6.28 7.30 4.13
C2' 7GU A 9 -6.36 10.33 4.46
C5' 7GU A 9 -4.23 10.32 7.23
C4' 7GU A 9 -4.34 10.71 5.74
O4' 7GU A 9 -4.22 9.51 4.93
C1' 7GU A 9 -5.19 9.54 3.86
C3' 7GU A 9 -5.67 11.38 5.34
O3' 7GU A 9 -5.39 12.60 4.60
HN21 7GU A 9 -3.79 9.11 -0.97
HN22 7GU A 9 -4.08 7.71 -1.96
H7 7GU A 9 -7.07 5.22 3.57
H8 7GU A 9 -6.53 7.44 5.17
H2' 7GU A 9 -6.99 9.70 5.10
H2'' 7GU A 9 -7.01 10.74 3.68
H5' 7GU A 9 -3.28 9.79 7.39
H5'' 7GU A 9 -4.20 11.24 7.83
H4' 7GU A 9 -3.51 11.39 5.49
H1' 7GU A 9 -4.78 10.11 3.02
H3' 7GU A 9 -6.28 11.60 6.23
O5' 7GU B 1 -20.18 -0.21 5.67
N9 7GU B 1 -17.86 1.62 1.44
C4 7GU B 1 -17.79 2.15 0.18
N3 7GU B 1 -18.13 1.58 -1.02
C2 7GU B 1 -17.95 2.46 -2.07
N2 7GU B 1 -18.25 1.93 -3.27
N1 7GU B 1 -17.55 3.76 -2.06
C6 7GU B 1 -17.22 4.37 -0.86
O6 7GU B 1 -16.88 5.54 -0.79
C5 7GU B 1 -17.34 3.46 0.31
C7 7GU B 1 -17.11 3.76 1.72
C8 7GU B 1 -17.47 2.52 2.39
C2' 7GU B 1 -17.19 -0.67 2.11
C5' 7GU B 1 -18.94 -0.73 5.12
C4' 7GU B 1 -19.09 -1.05 3.61
O4' 7GU B 1 -19.24 0.19 2.88
C1' 7GU B 1 -18.35 0.27 1.75
C3' 7GU B 1 -17.82 -1.73 3.03
O3' 7GU B 1 -18.22 -2.91 2.27
HN21 7GU B 1 -17.92 2.42 -4.09
HN22 7GU B 1 -18.35 0.93 -3.31
H7 7GU B 1 -16.78 4.70 2.16
H8 7GU B 1 -17.47 2.33 3.46
H2' 7GU B 1 -16.41 -0.12 2.67
H2'' 7GU B 1 -16.72 -1.09 1.21
H5' 7GU B 1 -18.65 -1.64 5.65
H5'' 7GU B 1 -18.13 0.01 5.25
H4' 7GU B 1 -19.96 -1.69 3.45
H1' 7GU B 1 -18.86 -0.14 0.87
H3' 7GU B 1 -17.13 -2.00 3.83
HO5' 7GU B 1 -20.42 0.59 5.18
P 7GU B 2 -17.16 -4.05 1.83
OP1 7GU B 2 -17.94 -5.31 1.61
OP2 7GU B 2 -16.04 -4.08 2.79
O5' 7GU B 2 -16.60 -3.55 0.40
N9 7GU B 2 -14.79 0.20 -1.71
C4 7GU B 2 -14.61 1.35 -2.41
N3 7GU B 2 -14.79 1.58 -3.76
C2 7GU B 2 -14.54 2.90 -4.08
N2 7GU B 2 -14.73 3.16 -5.39
N1 7GU B 2 -14.17 3.94 -3.30
C6 7GU B 2 -13.99 3.73 -1.94
O6 7GU B 2 -13.66 4.63 -1.19
C5 7GU B 2 -14.23 2.34 -1.51
C7 7GU B 2 -14.15 1.76 -0.18
C8 7GU B 2 -14.54 0.39 -0.38
C2' 7GU B 2 -14.35 -2.24 -2.07
C5' 7GU B 2 -17.42 -3.57 -0.80
C4' 7GU B 2 -16.68 -2.94 -1.99
O4' 7GU B 2 -16.55 -1.51 -1.78
C1' 7GU B 2 -15.29 -1.04 -2.30
C3' 7GU B 2 -15.25 -3.48 -2.25
O3' 7GU B 2 -15.19 -4.00 -3.61
HN21 7GU B 2 -14.80 4.12 -5.68
HN22 7GU B 2 -15.11 2.43 -5.97
H7 7GU B 2 -13.93 2.27 0.75
H8 7GU B 2 -14.66 -0.39 0.38
H2' 7GU B 2 -13.95 -2.22 -1.06
H2'' 7GU B 2 -13.51 -2.21 -2.77
H5' 7GU B 2 -18.35 -3.03 -0.62
H5'' 7GU B 2 -17.67 -4.61 -1.05
H4' 7GU B 2 -17.29 -3.10 -2.89
H1' 7GU B 2 -15.39 -0.90 -3.38
H3' 7GU B 2 -14.99 -4.25 -1.52
P 7DA B 3 -13.88 -4.73 -4.21
OP1 7DA B 3 -14.35 -5.77 -5.18
OP2 7DA B 3 -13.00 -5.17 -3.09
O5' 7DA B 3 -13.11 -3.58 -5.04
N9 7DA B 3 -11.35 0.53 -4.44
C4 7DA B 3 -11.12 1.86 -4.30
N3 7DA B 3 -11.03 2.86 -5.23
C2 7DA B 3 -10.75 4.10 -4.66
N1 7DA B 3 -10.59 4.44 -3.34
C6 7DA B 3 -10.69 3.39 -2.48
N6 7DA B 3 -10.52 3.64 -1.14
C5 7DA B 3 -10.96 2.11 -2.94
C7 7DA B 3 -11.13 0.87 -2.20
C8 7DA B 3 -11.38 -0.11 -3.24
C2' 7DA B 3 -10.61 -1.27 -5.98
C5' 7DA B 3 -13.68 -3.02 -6.25
C4' 7DA B 3 -12.83 -1.85 -6.79
O4' 7DA B 3 -12.89 -0.74 -5.85
C1' 7DA B 3 -11.60 -0.12 -5.74
C3' 7DA B 3 -11.33 -2.16 -7.01
O3' 7DA B 3 -10.97 -1.83 -8.38
H2 7DA B 3 -10.65 4.92 -5.37
HN61 7DA B 3 -10.67 2.90 -0.47
HN62 7DA B 3 -10.40 4.59 -0.79
H7 7DA B 3 -11.19 0.72 -1.13
H8 7DA B 3 -11.57 -1.17 -3.12
H2' 7DA B 3 -10.43 -1.84 -5.07
H2'' 7DA B 3 -9.64 -0.89 -6.32
H5' 7DA B 3 -14.70 -2.66 -6.07
H5'' 7DA B 3 -13.74 -3.80 -7.04
H4' 7DA B 3 -13.26 -1.52 -7.74
H1' 7DA B 3 -11.49 0.61 -6.54
H1 7DA B 3 -11.12 -3.22 -6.80
P 7GU B 7 4.62 9.07 -4.57
OP1 7GU B 7 5.14 10.46 -4.69
OP2 7GU B 7 4.98 8.09 -5.64
O5' 7GU B 7 5.13 8.46 -3.16
N9 7GU B 7 4.42 4.95 0.00
C4 7GU B 7 3.96 4.26 1.08
N3 7GU B 7 4.07 4.56 2.41
C2 7GU B 7 3.46 3.63 3.21
N2 7GU B 7 3.53 3.90 4.52
N1 7GU B 7 2.76 2.51 2.86
C6 7GU B 7 2.61 2.17 1.52
O6 7GU B 7 2.00 1.18 1.15
C5 7GU B 7 3.27 3.14 0.60
C7 7GU B 7 3.31 3.14 -0.85
C8 7GU B 7 4.08 4.33 -1.17
C2' 7GU B 7 6.49 6.17 -0.68
C5' 7GU B 7 5.07 9.25 -1.94
C4' 7GU B 7 5.49 8.40 -0.71
O4' 7GU B 7 4.51 7.37 -0.45
C1' 7GU B 7 5.16 6.21 0.09
C3' 7GU B 7 6.85 7.66 -0.86
O3' 7GU B 7 7.73 8.13 0.19
HN21 7GU B 7 2.81 3.51 5.12
HN22 7GU B 7 3.90 4.81 4.77
H7 7GU B 7 2.87 2.41 -1.53
H8 7GU B 7 4.36 4.69 -2.16
H2' 7GU B 7 6.35 5.72 -1.67
H2'' 7GU B 7 7.24 5.60 -0.14
H5' 7GU B 7 4.05 9.63 -1.77
H5'' 7GU B 7 5.74 10.11 -2.01
H4' 7GU B 7 5.53 9.06 0.16
H1' 7GU B 7 5.38 6.41 1.15
H3' 7GU B 7 7.29 7.84 -1.84
P 7DA B 8 9.27 7.65 0.34
OP1 7DA B 8 10.05 8.77 0.92
OP2 7DA B 8 9.72 7.05 -0.94
O5' 7DA B 8 9.18 6.47 1.44
N9 7DA B 8 7.02 2.39 2.46
C4 7DA B 8 6.24 1.38 2.90
N3 7DA B 8 5.92 0.97 4.17
C2 7DA B 8 5.06 -0.12 4.18
N1 7DA B 8 4.52 -0.81 3.10
C6 7DA B 8 4.92 -0.37 1.89
N6 7DA B 8 4.42 -1.01 0.77
C5 7DA B 8 5.78 0.71 1.77
C7 7DA B 8 6.34 1.33 0.57
C8 7DA B 8 7.10 2.44 1.09
C2' 7DA B 8 9.29 3.19 3.00
C5' 7DA B 8 8.81 6.75 2.82
C4' 7DA B 8 8.67 5.45 3.65
O4' 7DA B 8 7.52 4.70 3.20
C1' 7DA B 8 7.79 3.29 3.33
C3' 7DA B 8 9.89 4.48 3.57
O3' 7DA B 8 10.44 4.30 4.90
H2 7DA B 8 4.77 -0.48 5.15
HN61 7DA B 8 4.60 -0.62 -0.14
HN62 7DA B 8 3.72 -1.75 0.85
H7 7DA B 8 6.46 0.89 -0.41
H8 7DA B 8 7.70 3.15 0.53
H2' 7DA B 8 9.46 3.19 1.92
H2'' 7DA B 8 9.70 2.25 3.39
H5' 7DA B 8 7.87 7.30 2.86
H5'' 7DA B 8 9.58 7.38 3.28
H4' 7DA B 8 8.51 5.74 4.70
H1' 7DA B 8 7.63 3.00 4.38
H1 7DA B 8 10.65 4.88 2.88
P 7GU B 9 11.79 3.47 5.19
OP1 7GU B 9 12.52 4.17 6.29
OP2 7GU B 9 12.50 3.23 3.91
O5' 7GU B 9 11.25 2.05 5.75
N9 7GU B 9 8.81 -1.45 4.47
C4 7GU B 9 7.87 -2.41 4.19
N3 7GU B 9 7.19 -3.23 5.04
C2 7GU B 9 6.35 -4.08 4.36
N2 7GU B 9 5.64 -4.88 5.18
N1 7GU B 9 6.10 -4.19 3.02
C6 7GU B 9 6.76 -3.35 2.14
O6 7GU B 9 6.59 -3.42 0.94
C5 7GU B 9 7.70 -2.40 2.80
C7 7GU B 9 8.54 -1.37 2.22
C8 7GU B 9 9.24 -0.82 3.36
C2' 7GU B 9 10.82 -1.34 5.91
C5' 7GU B 9 10.57 1.95 7.02
C4' 7GU B 9 10.09 0.52 7.29
O4' 7GU B 9 9.07 0.15 6.33
C1' 7GU B 9 9.30 -1.18 5.83
C3' 7GU B 9 11.21 -0.56 7.18
O3' 7GU B 9 11.18 -1.40 8.37
HN21 7GU B 9 4.79 -5.30 4.79
HN22 7GU B 9 5.68 -4.70 6.17
H7 7GU B 9 8.61 -1.08 1.17
H8 7GU B 9 10.01 -0.04 3.36
H2' 7GU B 9 11.32 -0.88 5.06
H2'' 7GU B 9 11.12 -2.39 5.93
H5' 7GU B 9 9.69 2.62 7.03
H5'' 7GU B 9 11.23 2.28 7.82
H4' 7GU B 9 9.65 0.48 8.30
H1' 7GU B 9 8.84 -1.89 6.53
H3' 7GU B 9 12.19 -0.08 7.06
AG AG C . -13.06 5.83 -3.68
AG AG D . -9.41 6.20 -2.67
AG AG E . -2.98 5.33 -0.46
AG AG F . 1.98 0.74 3.96
AG AG G . 3.67 -2.87 3.24
AG AG H . 5.36 -5.84 1.74
AG AG I . 12.43 -11.11 -4.09
AG AG J . -16.82 5.20 -3.61
AG AG K . -6.28 5.46 -2.16
AG AG L . 0.17 4.25 1.81
AG AG M . 7.79 -7.76 0.72
AG AG N . 9.86 -9.89 -1.53
O5' 7GU A 1 17.23 -2.09 -7.28
N9 7GU A 1 15.99 -6.07 -6.18
C4 7GU A 1 15.59 -7.29 -5.76
N3 7GU A 1 15.14 -8.37 -6.48
C2 7GU A 1 14.85 -9.45 -5.68
N2 7GU A 1 14.39 -10.51 -6.36
N1 7GU A 1 14.99 -9.59 -4.34
C6 7GU A 1 15.45 -8.54 -3.57
O6 7GU A 1 15.64 -8.64 -2.37
C5 7GU A 1 15.74 -7.32 -4.36
C7 7GU A 1 16.27 -6.04 -3.92
C8 7GU A 1 16.41 -5.28 -5.14
C2' 7GU A 1 14.96 -4.62 -7.90
C5' 7GU A 1 17.79 -2.67 -8.48
C4' 7GU A 1 17.05 -3.95 -8.94
O4' 7GU A 1 17.29 -5.00 -7.96
C1' 7GU A 1 16.07 -5.64 -7.58
C3' 7GU A 1 15.52 -3.79 -9.07
O3' 7GU A 1 15.08 -4.33 -10.35
HN21 7GU A 1 14.11 -10.35 -7.32
HN22 7GU A 1 13.91 -11.24 -5.84
H7 7GU A 1 16.51 -5.75 -2.90
H8 7GU A 1 16.80 -4.27 -5.26
H2' 7GU A 1 14.78 -3.96 -7.04
H2'' 7GU A 1 14.01 -5.12 -8.15
H5' 7GU A 1 18.85 -2.90 -8.33
H5'' 7GU A 1 17.74 -1.94 -9.29
H4' 7GU A 1 17.48 -4.27 -9.90
H1' 7GU A 1 15.91 -6.52 -8.22
H3' 7GU A 1 15.23 -2.74 -8.97
HO5' 7GU A 1 17.72 -1.30 -7.05
P 7GU A 2 13.61 -4.05 -10.96
OP1 7GU A 2 13.69 -4.20 -12.43
OP2 7GU A 2 13.10 -2.76 -10.42
O5' 7GU A 2 12.69 -5.25 -10.37
N9 7GU A 2 11.58 -7.37 -6.39
C4 7GU A 2 11.52 -8.21 -5.30
N3 7GU A 2 11.17 -9.53 -5.25
C2 7GU A 2 11.27 -10.03 -3.97
N2 7GU A 2 10.94 -11.34 -3.88
N1 7GU A 2 11.68 -9.44 -2.82
C6 7GU A 2 12.06 -8.10 -2.85
O6 7GU A 2 12.45 -7.52 -1.86
C5 7GU A 2 11.95 -7.48 -4.20
C7 7GU A 2 12.29 -6.12 -4.60
C8 7GU A 2 12.04 -6.14 -6.04
C2' 7GU A 2 10.22 -6.98 -8.43
C5' 7GU A 2 12.84 -6.60 -10.84
C4' 7GU A 2 11.95 -7.59 -10.03
O4' 7GU A 2 12.44 -7.67 -8.68
C1' 7GU A 2 11.33 -7.80 -7.76
C3' 7GU A 2 10.45 -7.18 -9.94
O3' 7GU A 2 9.65 -8.26 -10.46
HN21 7GU A 2 11.24 -11.85 -3.07
HN22 7GU A 2 10.77 -11.84 -4.75
H7 7GU A 2 12.69 -5.33 -3.99
H8 7GU A 2 12.20 -5.32 -6.74
H2' 7GU A 2 10.31 -5.92 -8.19
H2'' 7GU A 2 9.22 -7.32 -8.10
H5' 7GU A 2 13.89 -6.93 -10.73
H5'' 7GU A 2 12.57 -6.67 -11.89
H4' 7GU A 2 12.03 -8.57 -10.50
H1' 7GU A 2 11.01 -8.86 -7.74
H3' 7GU A 2 10.26 -6.25 -10.48
P 7DA A 3 8.04 -8.16 -10.66
OP1 7DA A 3 7.67 -8.96 -11.85
OP2 7DA A 3 7.63 -6.73 -10.60
O5' 7DA A 3 7.45 -8.89 -9.33
N9 7DA A 3 7.61 -8.68 -4.85
C4 7DA A 3 7.92 -8.78 -3.53
N3 7DA A 3 7.78 -9.81 -2.66
C2 7DA A 3 8.22 -9.50 -1.38
N1 7DA A 3 8.78 -8.31 -0.90
C6 7DA A 3 8.90 -7.34 -1.85
N6 7DA A 3 9.43 -6.13 -1.46
C5 7DA A 3 8.48 -7.56 -3.16
C7 7DA A 3 8.54 -6.66 -4.31
C8 7DA A 3 7.94 -7.47 -5.37
C2' 7DA A 3 5.72 -9.37 -6.31
C5' 7DA A 3 7.60 -10.33 -9.15
C4' 7DA A 3 7.03 -10.79 -7.78
O4' 7DA A 3 7.85 -10.23 -6.73
C1' 7DA A 3 7.04 -9.77 -5.63
C3' 7DA A 3 5.57 -10.35 -7.49
O3' 7DA A 3 4.80 -11.52 -7.11
H2 7DA A 3 8.12 -10.28 -0.65
HN61 7DA A 3 9.79 -5.98 -0.53
HN62 7DA A 3 9.58 -5.40 -2.15
H7 7DA A 3 9.00 -5.70 -4.40
H8 7DA A 3 7.80 -7.17 -6.42
H2' 7DA A 3 5.77 -8.34 -6.72
H2'' 7DA A 3 4.87 -9.39 -5.62
H5' 7DA A 3 8.65 -10.60 -9.22
H5'' 7DA A 3 7.06 -10.85 -9.95
H4' 7DA A 3 7.10 -11.88 -7.74
H1' 7DA A 3 6.82 -10.62 -4.97
H1 7DA A 3 5.13 -9.85 -8.37
P 7GU A 7 -2.31 -4.58 9.61
OP1 7GU A 7 -2.25 -4.88 11.06
OP2 7GU A 7 -3.47 -5.07 8.83
O5' 7GU A 7 -2.22 -2.97 9.42
N9 7GU A 7 -1.58 0.44 6.23
C4 7GU A 7 -1.03 1.40 5.43
N3 7GU A 7 -0.39 2.56 5.79
C2 7GU A 7 -0.03 3.30 4.68
N2 7GU A 7 0.55 4.47 4.99
N1 7GU A 7 -0.17 3.01 3.36
C6 7GU A 7 -0.77 1.83 2.97
O6 7GU A 7 -0.89 1.50 1.80
C5 7GU A 7 -1.23 1.00 4.11
C7 7GU A 7 -1.95 -0.27 4.09
C8 7GU A 7 -2.15 -0.56 5.49
C2' 7GU A 7 -2.97 0.39 8.29
C5' 7GU A 7 -1.28 -2.17 10.17
C4' 7GU A 7 -1.32 -0.69 9.73
O4' 7GU A 7 -0.84 -0.56 8.36
C1' 7GU A 7 -1.56 0.49 7.69
C3' 7GU A 7 -2.73 -0.03 9.76
O3' 7GU A 7 -2.67 1.12 10.65
HN21 7GU A 7 0.55 5.18 4.27
HN22 7GU A 7 0.46 4.77 5.95
H7 7GU A 7 -2.26 -0.84 3.23
H8 7GU A 7 -2.69 -1.41 5.92
H2' 7GU A 7 -3.56 -0.39 7.80
H2'' 7GU A 7 -3.52 1.33 8.18
H5' 7GU A 7 -0.26 -2.56 10.04
H5'' 7GU A 7 -1.51 -2.23 11.25
H4' 7GU A 7 -0.65 -0.11 10.38
H1' 7GU A 7 -1.12 1.45 8.02
H3' 7GU A 7 -3.50 -0.75 10.08
P 7DA A 8 -3.96 2.04 10.98
OP1 7DA A 8 -3.81 2.55 12.37
OP2 7DA A 8 -5.20 1.29 10.62
O5' 7DA A 8 -3.80 3.28 9.96
N9 7DA A 8 -3.41 4.55 5.48
C4 7DA A 8 -3.05 4.93 4.21
N3 7DA A 8 -2.38 6.03 3.77
C2 7DA A 8 -2.19 6.02 2.39
N1 7DA A 8 -2.58 5.07 1.45
C6 7DA A 8 -3.27 4.02 1.98
N6 7DA A 8 -3.69 3.03 1.11
C5 7DA A 8 -3.51 3.94 3.34
C7 7DA A 8 -4.22 2.91 4.11
C8 7DA A 8 -4.08 3.36 5.47
C2' 7DA A 8 -4.52 5.64 7.36
C5' 7DA A 8 -2.71 4.22 10.09
C4' 7DA A 8 -2.74 5.31 8.99
O4' 7DA A 8 -2.40 4.73 7.71
C1' 7DA A 8 -3.18 5.34 6.67
C3' 7DA A 8 -4.12 6.00 8.81
O3' 7DA A 8 -3.97 7.44 8.99
H2 7DA A 8 -1.67 6.88 1.98
HN61 7DA A 8 -4.07 2.18 1.51
HN62 7DA A 8 -3.43 3.05 0.13
H7 7DA A 8 -4.96 2.21 3.74
H8 7DA A 8 -4.48 2.87 6.36
H2' 7DA A 8 -5.15 4.75 7.41
H2'' 7DA A 8 -5.08 6.40 6.81
H5' 7DA A 8 -1.74 3.70 10.04
H5'' 7DA A 8 -2.76 4.72 11.08
H4' 7DA A 8 -1.99 6.07 9.24
H1' 7DA A 8 -2.72 6.30 6.40
H1 7DA A 8 -4.86 5.60 9.52
P 7GU A 9 -5.22 8.46 9.05
OP1 7GU A 9 -4.91 9.51 10.05
OP2 7GU A 9 -6.48 7.69 9.20
O5' 7GU A 9 -5.21 9.13 7.58
N9 7GU A 9 -5.58 8.05 3.26
C4 7GU A 9 -5.42 7.70 1.95
N3 7GU A 9 -4.87 8.41 0.92
C2 7GU A 9 -4.91 7.72 -0.26
N2 7GU A 9 -4.36 8.38 -1.29
N1 7GU A 9 -5.39 6.47 -0.53
C6 7GU A 9 -5.96 5.72 0.49
O6 7GU A 9 -6.43 4.62 0.30
C5 7GU A 9 -5.93 6.40 1.81
C7 7GU A 9 -6.42 5.93 3.10
C8 7GU A 9 -6.16 7.05 3.98
C2' 7GU A 9 -6.37 10.06 4.49
C5' 7GU A 9 -4.12 10.00 7.16
C4' 7GU A 9 -4.31 10.47 5.70
O4' 7GU A 9 -4.17 9.32 4.83
C1' 7GU A 9 -5.19 9.35 3.81
C3' 7GU A 9 -5.69 11.10 5.40
O3' 7GU A 9 -5.50 12.37 4.72
HN21 7GU A 9 -3.84 9.22 -1.05
HN22 7GU A 9 -4.06 7.85 -2.10
H7 7GU A 9 -6.84 4.97 3.34
H8 7GU A 9 -6.40 7.13 5.05
H2' 7GU A 9 -6.94 9.37 5.12
H2'' 7GU A 9 -7.06 10.48 3.76
H5' 7GU A 9 -3.16 9.49 7.27
H5'' 7GU A 9 -4.10 10.88 7.81
H4' 7GU A 9 -3.52 11.19 5.47
H1' 7GU A 9 -4.85 9.99 2.98
H3' 7GU A 9 -6.27 11.25 6.32
O5' 7GU B 1 -16.64 -0.98 5.35
N9 7GU B 1 -17.19 0.72 1.49
C4 7GU B 1 -17.25 1.32 0.26
N3 7GU B 1 -17.59 0.80 -0.96
C2 7GU B 1 -17.53 1.74 -1.96
N2 7GU B 1 -17.85 1.25 -3.18
N1 7GU B 1 -17.26 3.07 -1.90
C6 7GU B 1 -16.93 3.65 -0.68
O6 7GU B 1 -16.70 4.84 -0.55
C5 7GU B 1 -16.92 2.67 0.45
C7 7GU B 1 -16.65 2.91 1.86
C8 7GU B 1 -16.85 1.60 2.46
C2' 7GU B 1 -16.25 -1.51 1.97
C5' 7GU B 1 -17.77 -1.84 5.09
C4' 7GU B 1 -17.97 -2.13 3.58
O4' 7GU B 1 -18.34 -0.91 2.91
C1' 7GU B 1 -17.54 -0.68 1.73
C3' 7GU B 1 -16.70 -2.68 2.87
O3' 7GU B 1 -17.06 -3.84 2.09
HN21 7GU B 1 -17.85 0.24 -3.26
HN22 7GU B 1 -17.60 1.80 -3.98
H7 7GU B 1 -16.37 3.85 2.32
H8 7GU B 1 -16.78 1.34 3.52
H2' 7GU B 1 -15.49 -0.92 2.50
H2'' 7GU B 1 -15.82 -1.85 1.02
H5' 7GU B 1 -18.69 -1.36 5.47
H5'' 7GU B 1 -17.66 -2.79 5.62
H4' 7GU B 1 -18.78 -2.87 3.49
H1' 7GU B 1 -18.05 -1.09 0.86
H3' 7GU B 1 -15.93 -2.91 3.61
HO5' 7GU B 1 -16.57 -0.83 6.31
P 7GU B 2 -15.96 -4.86 1.49
OP1 7GU B 2 -16.63 -6.16 1.24
OP2 7GU B 2 -14.76 -4.85 2.38
O5' 7GU B 2 -15.53 -4.23 0.07
N9 7GU B 2 -14.20 -0.21 -1.91
C4 7GU B 2 -14.16 0.99 -2.56
N3 7GU B 2 -14.42 1.28 -3.87
C2 7GU B 2 -14.29 2.62 -4.13
N2 7GU B 2 -14.58 2.94 -5.41
N1 7GU B 2 -13.97 3.66 -3.30
C6 7GU B 2 -13.70 3.40 -1.97
O6 7GU B 2 -13.42 4.28 -1.18
C5 7GU B 2 -13.79 1.95 -1.61
C7 7GU B 2 -13.61 1.32 -0.32
C8 7GU B 2 -13.89 -0.08 -0.59
C2' 7GU B 2 -13.59 -2.57 -2.46
C5' 7GU B 2 -16.44 -4.24 -1.07
C4' 7GU B 2 -15.85 -3.47 -2.27
O4' 7GU B 2 -15.81 -2.06 -1.98
C1' 7GU B 2 -14.64 -1.45 -2.54
C3' 7GU B 2 -14.39 -3.86 -2.66
O3' 7GU B 2 -14.37 -4.30 -4.04
HN21 7GU B 2 -14.97 2.21 -5.99
HN22 7GU B 2 -14.77 3.91 -5.64
H7 7GU B 2 -13.38 1.79 0.63
H8 7GU B 2 -13.90 -0.89 0.14
H2' 7GU B 2 -13.11 -2.58 -1.47
H2'' 7GU B 2 -12.80 -2.43 -3.21
H5' 7GU B 2 -17.40 -3.78 -0.79
H5'' 7GU B 2 -16.63 -5.28 -1.36
H4' 7GU B 2 -16.50 -3.63 -3.14
H1' 7GU B 2 -14.83 -1.26 -3.61
H3' 7GU B 2 -14.01 -4.66 -2.00
P 7DA B 3 -13.04 -4.90 -4.75
OP1 7DA B 3 -13.48 -5.92 -5.74
OP2 7DA B 3 -12.06 -5.29 -3.71
O5' 7DA B 3 -12.44 -3.64 -5.57
N9 7DA B 3 -10.97 0.51 -4.87
C4 7DA B 3 -10.84 1.85 -4.65
N3 7DA B 3 -10.88 2.91 -5.51
C2 7DA B 3 -10.68 4.12 -4.87
N1 7DA B 3 -10.46 4.38 -3.53
C6 7DA B 3 -10.43 3.28 -2.74
N6 7DA B 3 -10.21 3.45 -1.39
C5 7DA B 3 -10.62 2.01 -3.28
C7 7DA B 3 -10.64 0.71 -2.63
C8 7DA B 3 -10.87 -0.21 -3.72
C2' 7DA B 3 -10.20 -1.15 -6.56
C5' 7DA B 3 -13.12 -3.09 -6.72
C4' 7DA B 3 -12.41 -1.83 -7.28
O4' 7DA B 3 -12.50 -0.77 -6.31
C1' 7DA B 3 -11.24 -0.07 -6.19
C3' 7DA B 3 -10.91 -2.02 -7.60
O3' 7DA B 3 -10.66 -1.55 -8.96
H2 7DA B 3 -10.70 4.99 -5.52
HN61 7DA B 3 -10.13 4.37 -0.98
HN62 7DA B 3 -10.24 2.64 -0.78
H7 7DA B 3 -10.60 0.49 -1.57
H8 7DA B 3 -10.96 -1.30 -3.66
H2' 7DA B 3 -9.94 -1.77 -5.70
H2'' 7DA B 3 -9.26 -0.69 -6.93
H5' 7DA B 3 -14.15 -2.82 -6.45
H5'' 7DA B 3 -13.18 -3.85 -7.51
H4' 7DA B 3 -12.94 -1.51 -8.19
H1' 7DA B 3 -11.20 0.71 -6.95
H1 7DA B 3 -10.62 -3.07 -7.49
P 7GU B 7 5.43 8.09 -4.97
OP1 7GU B 7 6.10 9.36 -5.34
OP2 7GU B 7 5.70 6.87 -5.77
O5' 7GU B 7 5.79 7.77 -3.43
N9 7GU B 7 4.93 4.77 -0.18
C4 7GU B 7 4.34 4.11 0.85
N3 7GU B 7 4.33 4.44 2.18
C2 7GU B 7 3.63 3.53 2.93
N2 7GU B 7 3.58 3.83 4.25
N1 7GU B 7 2.95 2.41 2.54
C6 7GU B 7 2.94 2.05 1.20
O6 7GU B 7 2.34 1.08 0.79
C5 7GU B 7 3.71 2.98 0.33
C7 7GU B 7 3.89 2.94 -1.10
C8 7GU B 7 4.70 4.13 -1.37
C2' 7GU B 7 7.03 6.00 -0.72
C5' 7GU B 7 5.69 8.77 -2.40
C4' 7GU B 7 6.01 8.19 -1.00
O4' 7GU B 7 5.02 7.19 -0.67
C1' 7GU B 7 5.65 6.04 -0.05
C3' 7GU B 7 7.39 7.49 -0.91
O3' 7GU B 7 8.10 8.03 0.24
HN21 7GU B 7 2.76 3.50 4.75
HN22 7GU B 7 3.95 4.73 4.51
H7 7GU B 7 3.51 2.22 -1.81
H8 7GU B 7 5.07 4.49 -2.34
H2' 7GU B 7 7.00 5.51 -1.70
H2'' 7GU B 7 7.76 5.45 -0.10
H5' 7GU B 7 4.68 9.21 -2.37
H5'' 7GU B 7 6.39 9.59 -2.61
H4' 7GU B 7 5.96 9.00 -0.27
H1' 7GU B 7 5.79 6.26 1.01
H3' 7GU B 7 7.97 7.63 -1.83
P 7DA B 8 9.61 7.58 0.63
OP1 7DA B 8 10.26 8.75 1.29
OP2 7DA B 8 10.26 6.97 -0.55
O5' 7DA B 8 9.38 6.43 1.75
N9 7DA B 8 7.29 2.35 2.58
C4 7DA B 8 6.46 1.31 2.92
N3 7DA B 8 5.97 0.92 4.13
C2 7DA B 8 5.15 -0.20 4.04
N1 7DA B 8 4.76 -0.91 2.92
C6 7DA B 8 5.31 -0.47 1.76
N6 7DA B 8 4.98 -1.12 0.59
C5 7DA B 8 6.17 0.63 1.75
C7 7DA B 8 6.88 1.24 0.64
C8 7DA B 8 7.54 2.38 1.25
C2' 7DA B 8 9.40 3.24 3.44
C5' 7DA B 8 8.82 6.76 3.05
C4' 7DA B 8 8.61 5.50 3.92
O4' 7DA B 8 7.56 4.67 3.34
C1' 7DA B 8 7.87 3.28 3.53
C3' 7DA B 8 9.85 4.57 4.06
O3' 7DA B 8 10.18 4.44 5.46
H2 7DA B 8 4.73 -0.56 4.97
HN61 7DA B 8 4.32 -1.89 0.59
HN62 7DA B 8 5.30 -0.74 -0.29
H7 7DA B 8 7.17 0.76 -0.29
H8 7DA B 8 8.20 3.09 0.76
H2' 7DA B 8 9.74 3.23 2.39
H2'' 7DA B 8 9.79 2.33 3.91
H5' 7DA B 8 7.86 7.27 2.92
H5'' 7DA B 8 9.50 7.44 3.59
H4' 7DA B 8 8.29 5.82 4.91
H1' 7DA B 8 7.58 3.00 4.56
H1 7DA B 8 10.71 4.99 3.50
P 7GU B 9 11.52 3.68 5.98
OP1 7GU B 9 12.04 4.43 7.16
OP2 7GU B 9 12.43 3.45 4.83
O5' 7GU B 9 10.95 2.26 6.49
N9 7GU B 9 8.89 -1.36 4.95
C4 7GU B 9 8.03 -2.33 4.55
N3 7GU B 9 7.24 -3.17 5.30
C2 7GU B 9 6.54 -4.05 4.51
N2 7GU B 9 5.73 -4.87 5.21
N1 7GU B 9 6.50 -4.19 3.15
C6 7GU B 9 7.26 -3.34 2.37
O6 7GU B 9 7.27 -3.41 1.15
C5 7GU B 9 8.06 -2.36 3.15
C7 7GU B 9 8.98 -1.33 2.68
C8 7GU B 9 9.48 -0.73 3.90
C2' 7GU B 9 10.65 -1.14 6.70
C5' 7GU B 9 10.08 2.17 7.65
C4' 7GU B 9 9.64 0.71 7.89
O4' 7GU B 9 8.80 0.28 6.78
C1' 7GU B 9 9.15 -1.05 6.36
C3' 7GU B 9 10.79 -0.32 7.98
O3' 7GU B 9 10.60 -1.14 9.17
HN21 7GU B 9 4.99 -5.35 4.70
HN22 7GU B 9 5.60 -4.67 6.19
H7 7GU B 9 9.22 -1.07 1.65
H8 7GU B 9 10.23 0.06 4.00
H2' 7GU B 9 11.26 -0.68 5.91
H2'' 7GU B 9 10.99 -2.18 6.79
H5' 7GU B 9 9.20 2.79 7.50
H5'' 7GU B 9 10.60 2.53 8.54
H4' 7GU B 9 9.05 0.68 8.81
H1' 7GU B 9 8.63 -1.76 7.00
H3' 7GU B 9 11.77 0.20 8.01
AG AG C . -13.05 5.65 -3.62
AG AG D . -9.38 6.17 -2.81
AG AG E . -2.75 5.46 -0.73
AG AG F . 2.19 0.60 3.59
AG AG G . 4.01 -2.99 2.97
AG AG H . 6.03 -5.87 1.80
AG AG I . 14.23 -10.99 -2.82
AG AG J . -16.75 4.64 -3.38
AG AG K . -6.12 5.48 -2.39
AG AG L . 0.40 4.01 1.44
AG AG M . 8.69 -7.70 1.22
AG AG N . 11.20 -9.73 -0.69
#